data_2P2T
# 
_entry.id   2P2T 
# 
_audit_conform.dict_name       mmcif_pdbx.dic 
_audit_conform.dict_version    5.387 
_audit_conform.dict_location   http://mmcif.pdb.org/dictionaries/ascii/mmcif_pdbx.dic 
# 
loop_
_database_2.database_id 
_database_2.database_code 
_database_2.pdbx_database_accession 
_database_2.pdbx_DOI 
PDB   2P2T         pdb_00002p2t 10.2210/pdb2p2t/pdb 
RCSB  RCSB041894   ?            ?                   
WWPDB D_1000041894 ?            ?                   
# 
loop_
_pdbx_audit_revision_history.ordinal 
_pdbx_audit_revision_history.data_content_type 
_pdbx_audit_revision_history.major_revision 
_pdbx_audit_revision_history.minor_revision 
_pdbx_audit_revision_history.revision_date 
1 'Structure model' 1 0 2008-01-15 
2 'Structure model' 1 1 2011-07-13 
3 'Structure model' 1 2 2017-10-18 
4 'Structure model' 1 3 2024-02-21 
# 
_pdbx_audit_revision_details.ordinal             1 
_pdbx_audit_revision_details.revision_ordinal    1 
_pdbx_audit_revision_details.data_content_type   'Structure model' 
_pdbx_audit_revision_details.provider            repository 
_pdbx_audit_revision_details.type                'Initial release' 
_pdbx_audit_revision_details.description         ? 
_pdbx_audit_revision_details.details             ? 
# 
loop_
_pdbx_audit_revision_group.ordinal 
_pdbx_audit_revision_group.revision_ordinal 
_pdbx_audit_revision_group.data_content_type 
_pdbx_audit_revision_group.group 
1 2 'Structure model' 'Derived calculations'      
2 2 'Structure model' 'Version format compliance' 
3 3 'Structure model' 'Refinement description'    
4 4 'Structure model' 'Data collection'           
5 4 'Structure model' 'Database references'       
6 4 'Structure model' 'Derived calculations'      
# 
loop_
_pdbx_audit_revision_category.ordinal 
_pdbx_audit_revision_category.revision_ordinal 
_pdbx_audit_revision_category.data_content_type 
_pdbx_audit_revision_category.category 
1 3 'Structure model' software       
2 4 'Structure model' chem_comp_atom 
3 4 'Structure model' chem_comp_bond 
4 4 'Structure model' database_2     
5 4 'Structure model' struct_site    
# 
loop_
_pdbx_audit_revision_item.ordinal 
_pdbx_audit_revision_item.revision_ordinal 
_pdbx_audit_revision_item.data_content_type 
_pdbx_audit_revision_item.item 
1 4 'Structure model' '_database_2.pdbx_DOI'                
2 4 'Structure model' '_database_2.pdbx_database_accession' 
3 4 'Structure model' '_struct_site.pdbx_auth_asym_id'      
4 4 'Structure model' '_struct_site.pdbx_auth_comp_id'      
5 4 'Structure model' '_struct_site.pdbx_auth_seq_id'       
# 
_pdbx_database_status.status_code                     REL 
_pdbx_database_status.entry_id                        2P2T 
_pdbx_database_status.recvd_initial_deposition_date   2007-03-07 
_pdbx_database_status.deposit_site                    RCSB 
_pdbx_database_status.process_site                    RCSB 
_pdbx_database_status.status_code_sf                  REL 
_pdbx_database_status.status_code_mr                  ? 
_pdbx_database_status.SG_entry                        ? 
_pdbx_database_status.pdb_format_compatible           Y 
_pdbx_database_status.status_code_cs                  ? 
_pdbx_database_status.methods_development_category    ? 
_pdbx_database_status.status_code_nmr_data            ? 
# 
_pdbx_database_related.db_name        PDB 
_pdbx_database_related.db_id          2P1K 
_pdbx_database_related.details        'structure of LC8/Swa' 
_pdbx_database_related.content_type   unspecified 
# 
loop_
_audit_author.name 
_audit_author.pdbx_ordinal 
'Benison, G.'   1 
'Karplus, P.A.' 2 
'Barbar, E.'    3 
# 
_citation.id                        primary 
_citation.title                     
'Structure and dynamics of LC8 complexes with KXTQT-motif peptides: swallow and dynein intermediate chain compete for a common site.' 
_citation.journal_abbrev            J.Mol.Biol. 
_citation.journal_volume            371 
_citation.page_first                457 
_citation.page_last                 468 
_citation.year                      2007 
_citation.journal_id_ASTM           JMOBAK 
_citation.country                   UK 
_citation.journal_id_ISSN           0022-2836 
_citation.journal_id_CSD            0070 
_citation.book_publisher            ? 
_citation.pdbx_database_id_PubMed   17570393 
_citation.pdbx_database_id_DOI      10.1016/j.jmb.2007.05.046 
# 
loop_
_citation_author.citation_id 
_citation_author.name 
_citation_author.ordinal 
_citation_author.identifier_ORCID 
primary 'Benison, G.'   1 ? 
primary 'Karplus, P.A.' 2 ? 
primary 'Barbar, E.'    3 ? 
# 
loop_
_entity.id 
_entity.type 
_entity.src_method 
_entity.pdbx_description 
_entity.formula_weight 
_entity.pdbx_number_of_molecules 
_entity.pdbx_ec 
_entity.pdbx_mutation 
_entity.pdbx_fragment 
_entity.details 
1 polymer     man 'Dynein light chain 1, cytoplasmic' 10388.849 1  ? ? ? ? 
2 polymer     syn 'Dynein intermediate chain peptide' 1787.961  1  ? ? ? ? 
3 non-polymer syn 'ACETATE ION'                       59.044    1  ? ? ? ? 
4 non-polymer syn 'SODIUM ION'                        22.990    1  ? ? ? ? 
5 water       nat water                               18.015    50 ? ? ? ? 
# 
loop_
_entity_name_com.entity_id 
_entity_name_com.name 
1 '8 kDa dynein light chain, Cut up protein'                         
2 'DH IC, Cytoplasmic dynein intermediate chain, Protein short wing' 
# 
loop_
_entity_poly.entity_id 
_entity_poly.type 
_entity_poly.nstd_linkage 
_entity_poly.nstd_monomer 
_entity_poly.pdbx_seq_one_letter_code 
_entity_poly.pdbx_seq_one_letter_code_can 
_entity_poly.pdbx_strand_id 
_entity_poly.pdbx_target_identifier 
1 'polypeptide(L)' no no 
;MSDRKAVIKNADMSEEMQQDAVDCATQALEKYNIEKDIAAYIKKEFDKKYNPTWHCIVGRNFGSYVTHETRHFIYFYLGQ
VAILLFKSG
;
;MSDRKAVIKNADMSEEMQQDAVDCATQALEKYNIEKDIAAYIKKEFDKKYNPTWHCIVGRNFGSYVTHETRHFIYFYLGQ
VAILLFKSG
;
A ? 
2 'polypeptide(L)' no no KETLVYTKQTQTTSTG                                                                             
KETLVYTKQTQTTSTG                                                                             C ? 
# 
loop_
_pdbx_entity_nonpoly.entity_id 
_pdbx_entity_nonpoly.name 
_pdbx_entity_nonpoly.comp_id 
3 'ACETATE ION' ACT 
4 'SODIUM ION'  NA  
5 water         HOH 
# 
loop_
_entity_poly_seq.entity_id 
_entity_poly_seq.num 
_entity_poly_seq.mon_id 
_entity_poly_seq.hetero 
1 1  MET n 
1 2  SER n 
1 3  ASP n 
1 4  ARG n 
1 5  LYS n 
1 6  ALA n 
1 7  VAL n 
1 8  ILE n 
1 9  LYS n 
1 10 ASN n 
1 11 ALA n 
1 12 ASP n 
1 13 MET n 
1 14 SER n 
1 15 GLU n 
1 16 GLU n 
1 17 MET n 
1 18 GLN n 
1 19 GLN n 
1 20 ASP n 
1 21 ALA n 
1 22 VAL n 
1 23 ASP n 
1 24 CYS n 
1 25 ALA n 
1 26 THR n 
1 27 GLN n 
1 28 ALA n 
1 29 LEU n 
1 30 GLU n 
1 31 LYS n 
1 32 TYR n 
1 33 ASN n 
1 34 ILE n 
1 35 GLU n 
1 36 LYS n 
1 37 ASP n 
1 38 ILE n 
1 39 ALA n 
1 40 ALA n 
1 41 TYR n 
1 42 ILE n 
1 43 LYS n 
1 44 LYS n 
1 45 GLU n 
1 46 PHE n 
1 47 ASP n 
1 48 LYS n 
1 49 LYS n 
1 50 TYR n 
1 51 ASN n 
1 52 PRO n 
1 53 THR n 
1 54 TRP n 
1 55 HIS n 
1 56 CYS n 
1 57 ILE n 
1 58 VAL n 
1 59 GLY n 
1 60 ARG n 
1 61 ASN n 
1 62 PHE n 
1 63 GLY n 
1 64 SER n 
1 65 TYR n 
1 66 VAL n 
1 67 THR n 
1 68 HIS n 
1 69 GLU n 
1 70 THR n 
1 71 ARG n 
1 72 HIS n 
1 73 PHE n 
1 74 ILE n 
1 75 TYR n 
1 76 PHE n 
1 77 TYR n 
1 78 LEU n 
1 79 GLY n 
1 80 GLN n 
1 81 VAL n 
1 82 ALA n 
1 83 ILE n 
1 84 LEU n 
1 85 LEU n 
1 86 PHE n 
1 87 LYS n 
1 88 SER n 
1 89 GLY n 
2 1  LYS n 
2 2  GLU n 
2 3  THR n 
2 4  LEU n 
2 5  VAL n 
2 6  TYR n 
2 7  THR n 
2 8  LYS n 
2 9  GLN n 
2 10 THR n 
2 11 GLN n 
2 12 THR n 
2 13 THR n 
2 14 SER n 
2 15 THR n 
2 16 GLY n 
# 
_entity_src_gen.entity_id                          1 
_entity_src_gen.pdbx_src_id                        1 
_entity_src_gen.pdbx_alt_source_flag               sample 
_entity_src_gen.pdbx_seq_type                      ? 
_entity_src_gen.pdbx_beg_seq_num                   ? 
_entity_src_gen.pdbx_end_seq_num                   ? 
_entity_src_gen.gene_src_common_name               'fruit fly' 
_entity_src_gen.gene_src_genus                     Drosophila 
_entity_src_gen.pdbx_gene_src_gene                 'ctp, Cdlc1, ddlc1' 
_entity_src_gen.gene_src_species                   ? 
_entity_src_gen.gene_src_strain                    ? 
_entity_src_gen.gene_src_tissue                    ? 
_entity_src_gen.gene_src_tissue_fraction           ? 
_entity_src_gen.gene_src_details                   ? 
_entity_src_gen.pdbx_gene_src_fragment             ? 
_entity_src_gen.pdbx_gene_src_scientific_name      'Drosophila melanogaster' 
_entity_src_gen.pdbx_gene_src_ncbi_taxonomy_id     7227 
_entity_src_gen.pdbx_gene_src_variant              ? 
_entity_src_gen.pdbx_gene_src_cell_line            ? 
_entity_src_gen.pdbx_gene_src_atcc                 ? 
_entity_src_gen.pdbx_gene_src_organ                ? 
_entity_src_gen.pdbx_gene_src_organelle            ? 
_entity_src_gen.pdbx_gene_src_cell                 ? 
_entity_src_gen.pdbx_gene_src_cellular_location    ? 
_entity_src_gen.host_org_common_name               ? 
_entity_src_gen.pdbx_host_org_scientific_name      'Escherichia coli' 
_entity_src_gen.pdbx_host_org_ncbi_taxonomy_id     562 
_entity_src_gen.host_org_genus                     Escherichia 
_entity_src_gen.pdbx_host_org_gene                 ? 
_entity_src_gen.pdbx_host_org_organ                ? 
_entity_src_gen.host_org_species                   ? 
_entity_src_gen.pdbx_host_org_tissue               ? 
_entity_src_gen.pdbx_host_org_tissue_fraction      ? 
_entity_src_gen.pdbx_host_org_strain               ? 
_entity_src_gen.pdbx_host_org_variant              ? 
_entity_src_gen.pdbx_host_org_cell_line            ? 
_entity_src_gen.pdbx_host_org_atcc                 ? 
_entity_src_gen.pdbx_host_org_culture_collection   ? 
_entity_src_gen.pdbx_host_org_cell                 ? 
_entity_src_gen.pdbx_host_org_organelle            ? 
_entity_src_gen.pdbx_host_org_cellular_location    ? 
_entity_src_gen.pdbx_host_org_vector_type          ? 
_entity_src_gen.pdbx_host_org_vector               ? 
_entity_src_gen.host_org_details                   ? 
_entity_src_gen.expression_system_id               ? 
_entity_src_gen.plasmid_name                       ? 
_entity_src_gen.plasmid_details                    ? 
_entity_src_gen.pdbx_description                   ? 
# 
_pdbx_entity_src_syn.entity_id              2 
_pdbx_entity_src_syn.pdbx_src_id            1 
_pdbx_entity_src_syn.pdbx_alt_source_flag   sample 
_pdbx_entity_src_syn.pdbx_beg_seq_num       ? 
_pdbx_entity_src_syn.pdbx_end_seq_num       ? 
_pdbx_entity_src_syn.organism_scientific    ? 
_pdbx_entity_src_syn.organism_common_name   ? 
_pdbx_entity_src_syn.ncbi_taxonomy_id       ? 
_pdbx_entity_src_syn.details                
'The peptide was chemically synthesized. The sequence of the peptide can be naturally found in Drosophila melanogaster (Fruit fly).' 
# 
loop_
_chem_comp.id 
_chem_comp.type 
_chem_comp.mon_nstd_flag 
_chem_comp.name 
_chem_comp.pdbx_synonyms 
_chem_comp.formula 
_chem_comp.formula_weight 
ACT non-polymer         . 'ACETATE ION'   ? 'C2 H3 O2 -1'    59.044  
ALA 'L-peptide linking' y ALANINE         ? 'C3 H7 N O2'     89.093  
ARG 'L-peptide linking' y ARGININE        ? 'C6 H15 N4 O2 1' 175.209 
ASN 'L-peptide linking' y ASPARAGINE      ? 'C4 H8 N2 O3'    132.118 
ASP 'L-peptide linking' y 'ASPARTIC ACID' ? 'C4 H7 N O4'     133.103 
CYS 'L-peptide linking' y CYSTEINE        ? 'C3 H7 N O2 S'   121.158 
GLN 'L-peptide linking' y GLUTAMINE       ? 'C5 H10 N2 O3'   146.144 
GLU 'L-peptide linking' y 'GLUTAMIC ACID' ? 'C5 H9 N O4'     147.129 
GLY 'peptide linking'   y GLYCINE         ? 'C2 H5 N O2'     75.067  
HIS 'L-peptide linking' y HISTIDINE       ? 'C6 H10 N3 O2 1' 156.162 
HOH non-polymer         . WATER           ? 'H2 O'           18.015  
ILE 'L-peptide linking' y ISOLEUCINE      ? 'C6 H13 N O2'    131.173 
LEU 'L-peptide linking' y LEUCINE         ? 'C6 H13 N O2'    131.173 
LYS 'L-peptide linking' y LYSINE          ? 'C6 H15 N2 O2 1' 147.195 
MET 'L-peptide linking' y METHIONINE      ? 'C5 H11 N O2 S'  149.211 
NA  non-polymer         . 'SODIUM ION'    ? 'Na 1'           22.990  
PHE 'L-peptide linking' y PHENYLALANINE   ? 'C9 H11 N O2'    165.189 
PRO 'L-peptide linking' y PROLINE         ? 'C5 H9 N O2'     115.130 
SER 'L-peptide linking' y SERINE          ? 'C3 H7 N O3'     105.093 
THR 'L-peptide linking' y THREONINE       ? 'C4 H9 N O3'     119.119 
TRP 'L-peptide linking' y TRYPTOPHAN      ? 'C11 H12 N2 O2'  204.225 
TYR 'L-peptide linking' y TYROSINE        ? 'C9 H11 N O3'    181.189 
VAL 'L-peptide linking' y VALINE          ? 'C5 H11 N O2'    117.146 
# 
loop_
_pdbx_poly_seq_scheme.asym_id 
_pdbx_poly_seq_scheme.entity_id 
_pdbx_poly_seq_scheme.seq_id 
_pdbx_poly_seq_scheme.mon_id 
_pdbx_poly_seq_scheme.ndb_seq_num 
_pdbx_poly_seq_scheme.pdb_seq_num 
_pdbx_poly_seq_scheme.auth_seq_num 
_pdbx_poly_seq_scheme.pdb_mon_id 
_pdbx_poly_seq_scheme.auth_mon_id 
_pdbx_poly_seq_scheme.pdb_strand_id 
_pdbx_poly_seq_scheme.pdb_ins_code 
_pdbx_poly_seq_scheme.hetero 
A 1 1  MET 1  1   ?   ?   ?   A . n 
A 1 2  SER 2  2   ?   ?   ?   A . n 
A 1 3  ASP 3  3   3   ASP ASP A . n 
A 1 4  ARG 4  4   4   ARG ALA A . n 
A 1 5  LYS 5  5   5   LYS LYS A . n 
A 1 6  ALA 6  6   6   ALA ALA A . n 
A 1 7  VAL 7  7   7   VAL VAL A . n 
A 1 8  ILE 8  8   8   ILE ILE A . n 
A 1 9  LYS 9  9   9   LYS LYS A . n 
A 1 10 ASN 10 10  10  ASN ASN A . n 
A 1 11 ALA 11 11  11  ALA ALA A . n 
A 1 12 ASP 12 12  12  ASP ASP A . n 
A 1 13 MET 13 13  13  MET MET A . n 
A 1 14 SER 14 14  14  SER SER A . n 
A 1 15 GLU 15 15  15  GLU GLU A . n 
A 1 16 GLU 16 16  16  GLU GLU A . n 
A 1 17 MET 17 17  17  MET MET A . n 
A 1 18 GLN 18 18  18  GLN GLN A . n 
A 1 19 GLN 19 19  19  GLN GLN A . n 
A 1 20 ASP 20 20  20  ASP ASP A . n 
A 1 21 ALA 21 21  21  ALA ALA A . n 
A 1 22 VAL 22 22  22  VAL VAL A . n 
A 1 23 ASP 23 23  23  ASP ASP A . n 
A 1 24 CYS 24 24  24  CYS CYS A . n 
A 1 25 ALA 25 25  25  ALA ALA A . n 
A 1 26 THR 26 26  26  THR THR A . n 
A 1 27 GLN 27 27  27  GLN GLN A . n 
A 1 28 ALA 28 28  28  ALA ALA A . n 
A 1 29 LEU 29 29  29  LEU LEU A . n 
A 1 30 GLU 30 30  30  GLU ALA A . n 
A 1 31 LYS 31 31  31  LYS LYS A . n 
A 1 32 TYR 32 32  32  TYR TYR A . n 
A 1 33 ASN 33 33  33  ASN ASN A . n 
A 1 34 ILE 34 34  34  ILE ILE A . n 
A 1 35 GLU 35 35  35  GLU GLU A . n 
A 1 36 LYS 36 36  36  LYS LYS A . n 
A 1 37 ASP 37 37  37  ASP ASP A . n 
A 1 38 ILE 38 38  38  ILE ILE A . n 
A 1 39 ALA 39 39  39  ALA ALA A . n 
A 1 40 ALA 40 40  40  ALA ALA A . n 
A 1 41 TYR 41 41  41  TYR TYR A . n 
A 1 42 ILE 42 42  42  ILE ILE A . n 
A 1 43 LYS 43 43  43  LYS LYS A . n 
A 1 44 LYS 44 44  44  LYS LYS A . n 
A 1 45 GLU 45 45  45  GLU GLU A . n 
A 1 46 PHE 46 46  46  PHE PHE A . n 
A 1 47 ASP 47 47  47  ASP ASP A . n 
A 1 48 LYS 48 48  48  LYS LYS A . n 
A 1 49 LYS 49 49  49  LYS LYS A . n 
A 1 50 TYR 50 50  50  TYR TYR A . n 
A 1 51 ASN 51 51  51  ASN ASN A . n 
A 1 52 PRO 52 52  52  PRO PRO A . n 
A 1 53 THR 53 53  53  THR THR A . n 
A 1 54 TRP 54 54  54  TRP TRP A . n 
A 1 55 HIS 55 55  55  HIS HIS A . n 
A 1 56 CYS 56 56  56  CYS CYS A . n 
A 1 57 ILE 57 57  57  ILE ILE A . n 
A 1 58 VAL 58 58  58  VAL VAL A . n 
A 1 59 GLY 59 59  59  GLY GLY A . n 
A 1 60 ARG 60 60  60  ARG ARG A . n 
A 1 61 ASN 61 61  61  ASN ASN A . n 
A 1 62 PHE 62 62  62  PHE PHE A . n 
A 1 63 GLY 63 63  63  GLY GLY A . n 
A 1 64 SER 64 64  64  SER SER A . n 
A 1 65 TYR 65 65  65  TYR TYR A . n 
A 1 66 VAL 66 66  66  VAL VAL A . n 
A 1 67 THR 67 67  67  THR THR A . n 
A 1 68 HIS 68 68  68  HIS HIS A . n 
A 1 69 GLU 69 69  69  GLU GLU A . n 
A 1 70 THR 70 70  70  THR THR A . n 
A 1 71 ARG 71 71  71  ARG ARG A . n 
A 1 72 HIS 72 72  72  HIS HIS A . n 
A 1 73 PHE 73 73  73  PHE PHE A . n 
A 1 74 ILE 74 74  74  ILE ILE A . n 
A 1 75 TYR 75 75  75  TYR TYR A . n 
A 1 76 PHE 76 76  76  PHE PHE A . n 
A 1 77 TYR 77 77  77  TYR TYR A . n 
A 1 78 LEU 78 78  78  LEU LEU A . n 
A 1 79 GLY 79 79  79  GLY GLY A . n 
A 1 80 GLN 80 80  80  GLN GLN A . n 
A 1 81 VAL 81 81  81  VAL VAL A . n 
A 1 82 ALA 82 82  82  ALA ALA A . n 
A 1 83 ILE 83 83  83  ILE ILE A . n 
A 1 84 LEU 84 84  84  LEU LEU A . n 
A 1 85 LEU 85 85  85  LEU LEU A . n 
A 1 86 PHE 86 86  86  PHE PHE A . n 
A 1 87 LYS 87 87  87  LYS LYS A . n 
A 1 88 SER 88 88  88  SER SER A . n 
A 1 89 GLY 89 89  89  GLY GLY A . n 
B 2 1  LYS 1  123 ?   ?   ?   C . n 
B 2 2  GLU 2  124 ?   ?   ?   C . n 
B 2 3  THR 3  125 ?   ?   ?   C . n 
B 2 4  LEU 4  126 ?   ?   ?   C . n 
B 2 5  VAL 5  127 127 VAL VAL C . n 
B 2 6  TYR 6  128 128 TYR TYR C . n 
B 2 7  THR 7  129 129 THR THR C . n 
B 2 8  LYS 8  130 130 LYS LYS C . n 
B 2 9  GLN 9  131 131 GLN GLN C . n 
B 2 10 THR 10 132 132 THR THR C . n 
B 2 11 GLN 11 133 133 GLN GLN C . n 
B 2 12 THR 12 134 134 THR THR C . n 
B 2 13 THR 13 135 135 THR THR C . n 
B 2 14 SER 14 136 ?   ?   ?   C . n 
B 2 15 THR 15 137 ?   ?   ?   C . n 
B 2 16 GLY 16 138 ?   ?   ?   C . n 
# 
loop_
_pdbx_nonpoly_scheme.asym_id 
_pdbx_nonpoly_scheme.entity_id 
_pdbx_nonpoly_scheme.mon_id 
_pdbx_nonpoly_scheme.ndb_seq_num 
_pdbx_nonpoly_scheme.pdb_seq_num 
_pdbx_nonpoly_scheme.auth_seq_num 
_pdbx_nonpoly_scheme.pdb_mon_id 
_pdbx_nonpoly_scheme.auth_mon_id 
_pdbx_nonpoly_scheme.pdb_strand_id 
_pdbx_nonpoly_scheme.pdb_ins_code 
C 3 ACT 1  91  91 ACT ACT A . 
D 4 NA  1  101 1  NA  NA  A . 
E 5 HOH 1  102 1  HOH HOH A . 
E 5 HOH 2  103 3  HOH HOH A . 
E 5 HOH 3  104 4  HOH HOH A . 
E 5 HOH 4  105 5  HOH HOH A . 
E 5 HOH 5  106 6  HOH HOH A . 
E 5 HOH 6  107 7  HOH HOH A . 
E 5 HOH 7  108 8  HOH HOH A . 
E 5 HOH 8  109 11 HOH HOH A . 
E 5 HOH 9  110 12 HOH HOH A . 
E 5 HOH 10 111 14 HOH HOH A . 
E 5 HOH 11 112 15 HOH HOH A . 
E 5 HOH 12 113 16 HOH HOH A . 
E 5 HOH 13 114 18 HOH HOH A . 
E 5 HOH 14 115 19 HOH HOH A . 
E 5 HOH 15 116 20 HOH HOH A . 
E 5 HOH 16 117 21 HOH HOH A . 
E 5 HOH 17 118 22 HOH HOH A . 
E 5 HOH 18 119 23 HOH HOH A . 
E 5 HOH 19 120 24 HOH HOH A . 
E 5 HOH 20 121 25 HOH HOH A . 
E 5 HOH 21 122 26 HOH HOH A . 
E 5 HOH 22 123 27 HOH HOH A . 
E 5 HOH 23 124 29 HOH HOH A . 
E 5 HOH 24 125 30 HOH HOH A . 
E 5 HOH 25 126 31 HOH HOH A . 
E 5 HOH 26 127 33 HOH HOH A . 
E 5 HOH 27 128 34 HOH HOH A . 
E 5 HOH 28 129 35 HOH HOH A . 
E 5 HOH 29 130 37 HOH HOH A . 
E 5 HOH 30 131 38 HOH HOH A . 
E 5 HOH 31 132 39 HOH HOH A . 
E 5 HOH 32 133 40 HOH HOH A . 
E 5 HOH 33 134 41 HOH HOH A . 
E 5 HOH 34 135 42 HOH HOH A . 
E 5 HOH 35 136 43 HOH HOH A . 
E 5 HOH 36 137 44 HOH HOH A . 
E 5 HOH 37 138 46 HOH HOH A . 
E 5 HOH 38 139 47 HOH HOH A . 
E 5 HOH 39 140 48 HOH HOH A . 
E 5 HOH 40 141 49 HOH HOH A . 
E 5 HOH 41 142 50 HOH HOH A . 
F 5 HOH 1  139 2  HOH HOH C . 
F 5 HOH 2  140 9  HOH HOH C . 
F 5 HOH 3  141 10 HOH HOH C . 
F 5 HOH 4  142 13 HOH HOH C . 
F 5 HOH 5  143 17 HOH HOH C . 
F 5 HOH 6  144 28 HOH HOH C . 
F 5 HOH 7  145 32 HOH HOH C . 
F 5 HOH 8  146 36 HOH HOH C . 
F 5 HOH 9  147 45 HOH HOH C . 
# 
loop_
_pdbx_unobs_or_zero_occ_atoms.id 
_pdbx_unobs_or_zero_occ_atoms.PDB_model_num 
_pdbx_unobs_or_zero_occ_atoms.polymer_flag 
_pdbx_unobs_or_zero_occ_atoms.occupancy_flag 
_pdbx_unobs_or_zero_occ_atoms.auth_asym_id 
_pdbx_unobs_or_zero_occ_atoms.auth_comp_id 
_pdbx_unobs_or_zero_occ_atoms.auth_seq_id 
_pdbx_unobs_or_zero_occ_atoms.PDB_ins_code 
_pdbx_unobs_or_zero_occ_atoms.auth_atom_id 
_pdbx_unobs_or_zero_occ_atoms.label_alt_id 
_pdbx_unobs_or_zero_occ_atoms.label_asym_id 
_pdbx_unobs_or_zero_occ_atoms.label_comp_id 
_pdbx_unobs_or_zero_occ_atoms.label_seq_id 
_pdbx_unobs_or_zero_occ_atoms.label_atom_id 
1  1 Y 1 A ARG 4  ? CG  ? A ARG 4  CG  
2  1 Y 1 A ARG 4  ? CD  ? A ARG 4  CD  
3  1 Y 1 A ARG 4  ? NE  ? A ARG 4  NE  
4  1 Y 1 A ARG 4  ? CZ  ? A ARG 4  CZ  
5  1 Y 1 A ARG 4  ? NH1 ? A ARG 4  NH1 
6  1 Y 1 A ARG 4  ? NH2 ? A ARG 4  NH2 
7  1 Y 1 A GLU 30 ? CG  ? A GLU 30 CG  
8  1 Y 1 A GLU 30 ? CD  ? A GLU 30 CD  
9  1 Y 1 A GLU 30 ? OE1 ? A GLU 30 OE1 
10 1 Y 1 A GLU 30 ? OE2 ? A GLU 30 OE2 
# 
loop_
_software.name 
_software.classification 
_software.version 
_software.citation_id 
_software.pdbx_ordinal 
REFMAC    refinement       5.2.0019 ? 1 
DENZO     'data reduction' .        ? 2 
SCALEPACK 'data scaling'   .        ? 3 
MOLREP    phasing          .        ? 4 
# 
_cell.entry_id           2P2T 
_cell.length_a           44.356 
_cell.length_b           44.356 
_cell.length_c           204.466 
_cell.angle_alpha        90.00 
_cell.angle_beta         90.00 
_cell.angle_gamma        120.00 
_cell.Z_PDB              12 
_cell.pdbx_unique_axis   ? 
_cell.length_a_esd       ? 
_cell.length_b_esd       ? 
_cell.length_c_esd       ? 
_cell.angle_alpha_esd    ? 
_cell.angle_beta_esd     ? 
_cell.angle_gamma_esd    ? 
# 
_symmetry.entry_id                         2P2T 
_symmetry.space_group_name_H-M             'P 61 2 2' 
_symmetry.pdbx_full_space_group_name_H-M   ? 
_symmetry.cell_setting                     ? 
_symmetry.Int_Tables_number                178 
_symmetry.space_group_name_Hall            ? 
# 
_exptl.entry_id          2P2T 
_exptl.method            'X-RAY DIFFRACTION' 
_exptl.crystals_number   1 
# 
_exptl_crystal.id                    1 
_exptl_crystal.density_meas          ? 
_exptl_crystal.density_Matthews      2.38 
_exptl_crystal.density_percent_sol   48.41 
_exptl_crystal.description           ? 
_exptl_crystal.F_000                 ? 
_exptl_crystal.preparation           ? 
# 
_diffrn.id                     1 
_diffrn.ambient_temp           130 
_diffrn.ambient_temp_details   ? 
_diffrn.crystal_id             1 
# 
_diffrn_detector.diffrn_id              1 
_diffrn_detector.detector               'IMAGE PLATE' 
_diffrn_detector.type                   'RIGAKU RAXIS IV' 
_diffrn_detector.pdbx_collection_date   2006-06-13 
_diffrn_detector.details                ? 
# 
_diffrn_radiation.diffrn_id                        1 
_diffrn_radiation.wavelength_id                    1 
_diffrn_radiation.pdbx_monochromatic_or_laue_m_l   M 
_diffrn_radiation.monochromator                    'Ni filter' 
_diffrn_radiation.pdbx_diffrn_protocol             'SINGLE WAVELENGTH' 
_diffrn_radiation.pdbx_scattering_type             x-ray 
# 
_diffrn_radiation_wavelength.id           1 
_diffrn_radiation_wavelength.wavelength   1.5418 
_diffrn_radiation_wavelength.wt           1.0 
# 
_diffrn_source.diffrn_id                   1 
_diffrn_source.source                      'ROTATING ANODE' 
_diffrn_source.type                        'RIGAKU RU300' 
_diffrn_source.pdbx_synchrotron_site       ? 
_diffrn_source.pdbx_synchrotron_beamline   ? 
_diffrn_source.pdbx_wavelength             1.5418 
_diffrn_source.pdbx_wavelength_list        ? 
# 
_reflns.entry_id                     2P2T 
_reflns.observed_criterion_sigma_F   0 
_reflns.observed_criterion_sigma_I   0 
_reflns.d_resolution_high            3.0 
_reflns.d_resolution_low             40.0 
_reflns.number_all                   2856 
_reflns.number_obs                   2817 
_reflns.percent_possible_obs         98.6 
_reflns.pdbx_Rmerge_I_obs            ? 
_reflns.pdbx_Rsym_value              0.069 
_reflns.pdbx_netI_over_sigmaI        30 
_reflns.B_iso_Wilson_estimate        ? 
_reflns.pdbx_redundancy              ? 
_reflns.R_free_details               ? 
_reflns.limit_h_max                  ? 
_reflns.limit_h_min                  ? 
_reflns.limit_k_max                  ? 
_reflns.limit_k_min                  ? 
_reflns.limit_l_max                  ? 
_reflns.limit_l_min                  ? 
_reflns.observed_criterion_F_max     ? 
_reflns.observed_criterion_F_min     ? 
_reflns.pdbx_chi_squared             ? 
_reflns.pdbx_scaling_rejects         ? 
_reflns.pdbx_ordinal                 1 
_reflns.pdbx_diffrn_id               1 
# 
_reflns_shell.d_res_high             3.0 
_reflns_shell.d_res_low              3.05 
_reflns_shell.percent_possible_all   94.2 
_reflns_shell.Rmerge_I_obs           ? 
_reflns_shell.pdbx_Rsym_value        0.245 
_reflns_shell.meanI_over_sigI_obs    12.5 
_reflns_shell.pdbx_redundancy        ? 
_reflns_shell.percent_possible_obs   ? 
_reflns_shell.number_unique_all      166 
_reflns_shell.number_measured_all    ? 
_reflns_shell.number_measured_obs    ? 
_reflns_shell.number_unique_obs      ? 
_reflns_shell.pdbx_chi_squared       ? 
_reflns_shell.pdbx_ordinal           1 
_reflns_shell.pdbx_diffrn_id         1 
# 
_refine.entry_id                                 2P2T 
_refine.ls_number_reflns_obs                     2501 
_refine.ls_number_reflns_all                     2501 
_refine.pdbx_ls_sigma_I                          ? 
_refine.pdbx_ls_sigma_F                          0 
_refine.pdbx_data_cutoff_high_absF               ? 
_refine.pdbx_data_cutoff_low_absF                ? 
_refine.pdbx_data_cutoff_high_rms_absF           ? 
_refine.ls_d_res_low                             22.18 
_refine.ls_d_res_high                            3.00 
_refine.ls_percent_reflns_obs                    99.03 
_refine.ls_R_factor_obs                          0.21797 
_refine.ls_R_factor_all                          ? 
_refine.ls_R_factor_R_work                       0.20974 
_refine.ls_R_factor_R_free                       0.29634 
_refine.ls_R_factor_R_free_error                 ? 
_refine.ls_R_factor_R_free_error_details         ? 
_refine.ls_percent_reflns_R_free                 9.4 
_refine.ls_number_reflns_R_free                  259 
_refine.ls_number_parameters                     ? 
_refine.ls_number_restraints                     ? 
_refine.occupancy_min                            ? 
_refine.occupancy_max                            ? 
_refine.correlation_coeff_Fo_to_Fc               0.930 
_refine.correlation_coeff_Fo_to_Fc_free          0.842 
_refine.B_iso_mean                               33.159 
_refine.aniso_B[1][1]                            0.01 
_refine.aniso_B[2][2]                            0.01 
_refine.aniso_B[3][3]                            -0.02 
_refine.aniso_B[1][2]                            0.01 
_refine.aniso_B[1][3]                            0.00 
_refine.aniso_B[2][3]                            0.00 
_refine.solvent_model_details                    'BABINET MODEL WITH MASK' 
_refine.solvent_model_param_ksol                 ? 
_refine.solvent_model_param_bsol                 ? 
_refine.pdbx_solvent_vdw_probe_radii             1.40 
_refine.pdbx_solvent_ion_probe_radii             0.80 
_refine.pdbx_solvent_shrinkage_radii             0.80 
_refine.pdbx_ls_cross_valid_method               THROUGHOUT 
_refine.details                                  'HYDROGENS HAVE BEEN ADDED IN THE RIDING POSITIONS' 
_refine.pdbx_starting_model                      ? 
_refine.pdbx_method_to_determine_struct          'MOLECULAR REPLACEMENT' 
_refine.pdbx_isotropic_thermal_model             ? 
_refine.pdbx_stereochemistry_target_values       'MAXIMUM LIKELIHOOD' 
_refine.pdbx_stereochem_target_val_spec_case     ? 
_refine.pdbx_R_Free_selection_details            RANDOM 
_refine.pdbx_overall_ESU_R                       ? 
_refine.pdbx_overall_ESU_R_Free                  0.534 
_refine.overall_SU_ML                            0.404 
_refine.overall_SU_B                             42.419 
_refine.ls_redundancy_reflns_obs                 ? 
_refine.B_iso_min                                ? 
_refine.B_iso_max                                ? 
_refine.overall_SU_R_Cruickshank_DPI             ? 
_refine.overall_SU_R_free                        ? 
_refine.ls_wR_factor_R_free                      ? 
_refine.ls_wR_factor_R_work                      ? 
_refine.overall_FOM_free_R_set                   ? 
_refine.overall_FOM_work_R_set                   ? 
_refine.pdbx_refine_id                           'X-RAY DIFFRACTION' 
_refine.pdbx_diffrn_id                           1 
_refine.pdbx_TLS_residual_ADP_flag               ? 
_refine.pdbx_overall_phase_error                 ? 
_refine.pdbx_overall_SU_R_free_Cruickshank_DPI   ? 
_refine.pdbx_overall_SU_R_Blow_DPI               ? 
_refine.pdbx_overall_SU_R_free_Blow_DPI          ? 
# 
_refine_hist.pdbx_refine_id                   'X-RAY DIFFRACTION' 
_refine_hist.cycle_id                         LAST 
_refine_hist.pdbx_number_atoms_protein        780 
_refine_hist.pdbx_number_atoms_nucleic_acid   0 
_refine_hist.pdbx_number_atoms_ligand         5 
_refine_hist.number_atoms_solvent             50 
_refine_hist.number_atoms_total               835 
_refine_hist.d_res_high                       3.00 
_refine_hist.d_res_low                        22.18 
# 
loop_
_refine_ls_restr.type 
_refine_ls_restr.dev_ideal 
_refine_ls_restr.dev_ideal_target 
_refine_ls_restr.weight 
_refine_ls_restr.number 
_refine_ls_restr.pdbx_refine_id 
_refine_ls_restr.pdbx_restraint_function 
r_bond_refined_d         0.009  0.022  ? 803  'X-RAY DIFFRACTION' ? 
r_angle_refined_deg      1.077  1.930  ? 1083 'X-RAY DIFFRACTION' ? 
r_dihedral_angle_1_deg   6.009  5.000  ? 96   'X-RAY DIFFRACTION' ? 
r_dihedral_angle_2_deg   35.417 24.872 ? 39   'X-RAY DIFFRACTION' ? 
r_dihedral_angle_3_deg   18.007 15.000 ? 142  'X-RAY DIFFRACTION' ? 
r_dihedral_angle_4_deg   10.396 15.000 ? 2    'X-RAY DIFFRACTION' ? 
r_chiral_restr           0.069  0.200  ? 118  'X-RAY DIFFRACTION' ? 
r_gen_planes_refined     0.003  0.020  ? 605  'X-RAY DIFFRACTION' ? 
r_nbd_refined            0.275  0.300  ? 423  'X-RAY DIFFRACTION' ? 
r_nbtor_refined          0.333  0.500  ? 543  'X-RAY DIFFRACTION' ? 
r_xyhbond_nbd_refined    0.248  0.500  ? 52   'X-RAY DIFFRACTION' ? 
r_symmetry_vdw_refined   0.199  0.300  ? 47   'X-RAY DIFFRACTION' ? 
r_symmetry_hbond_refined 0.267  0.500  ? 9    'X-RAY DIFFRACTION' ? 
r_mcbond_it              0.687  2.000  ? 482  'X-RAY DIFFRACTION' ? 
r_mcangle_it             1.231  3.000  ? 774  'X-RAY DIFFRACTION' ? 
r_scbond_it              0.470  2.000  ? 333  'X-RAY DIFFRACTION' ? 
r_scangle_it             0.746  3.000  ? 308  'X-RAY DIFFRACTION' ? 
# 
_refine_ls_shell.pdbx_total_number_of_bins_used   20 
_refine_ls_shell.d_res_high                       3.000 
_refine_ls_shell.d_res_low                        3.077 
_refine_ls_shell.number_reflns_R_work             166 
_refine_ls_shell.R_factor_R_work                  0.201 
_refine_ls_shell.percent_reflns_obs               94.87 
_refine_ls_shell.R_factor_R_free                  0.32 
_refine_ls_shell.R_factor_R_free_error            ? 
_refine_ls_shell.percent_reflns_R_free            ? 
_refine_ls_shell.number_reflns_R_free             19 
_refine_ls_shell.number_reflns_all                ? 
_refine_ls_shell.R_factor_all                     ? 
_refine_ls_shell.number_reflns_obs                ? 
_refine_ls_shell.redundancy_reflns_obs            ? 
_refine_ls_shell.pdbx_refine_id                   'X-RAY DIFFRACTION' 
# 
_struct.entry_id                  2P2T 
_struct.title                     
'Crystal structure of dynein light chain LC8 bound to residues 123-138 of intermediate chain IC74' 
_struct.pdbx_model_details        ? 
_struct.pdbx_CASP_flag            ? 
_struct.pdbx_model_type_details   ? 
# 
_struct_keywords.entry_id        2P2T 
_struct_keywords.pdbx_keywords   'TRANSPORT PROTEIN' 
_struct_keywords.text            'protein - peptide complex, TRANSPORT PROTEIN' 
# 
loop_
_struct_asym.id 
_struct_asym.pdbx_blank_PDB_chainid_flag 
_struct_asym.pdbx_modified 
_struct_asym.entity_id 
_struct_asym.details 
A N N 1 ? 
B N N 2 ? 
C N N 3 ? 
D N N 4 ? 
E N N 5 ? 
F N N 5 ? 
# 
loop_
_struct_ref.id 
_struct_ref.db_name 
_struct_ref.db_code 
_struct_ref.pdbx_db_accession 
_struct_ref.entity_id 
_struct_ref.pdbx_seq_one_letter_code 
_struct_ref.pdbx_align_begin 
_struct_ref.pdbx_db_isoform 
1 UNP DYL1_DROME Q24117 1 
;MSDRKAVIKNADMSEEMQQDAVDCATQALEKYNIEKDIAAYIKKEFDKKYNPTWHCIVGRNFGSYVTHETRHFIYFYLGQ
VAILLFKSG
;
1   ? 
2 UNP DYIN_DROME Q24246 2 KETLVYTKQTQTTSTG                                                                             123 ? 
# 
loop_
_struct_ref_seq.align_id 
_struct_ref_seq.ref_id 
_struct_ref_seq.pdbx_PDB_id_code 
_struct_ref_seq.pdbx_strand_id 
_struct_ref_seq.seq_align_beg 
_struct_ref_seq.pdbx_seq_align_beg_ins_code 
_struct_ref_seq.seq_align_end 
_struct_ref_seq.pdbx_seq_align_end_ins_code 
_struct_ref_seq.pdbx_db_accession 
_struct_ref_seq.db_align_beg 
_struct_ref_seq.pdbx_db_align_beg_ins_code 
_struct_ref_seq.db_align_end 
_struct_ref_seq.pdbx_db_align_end_ins_code 
_struct_ref_seq.pdbx_auth_seq_align_beg 
_struct_ref_seq.pdbx_auth_seq_align_end 
1 1 2P2T A 1 ? 89 ? Q24117 1   ? 89  ? 1   89  
2 2 2P2T C 1 ? 16 ? Q24246 123 ? 138 ? 123 138 
# 
_pdbx_struct_assembly.id                   1 
_pdbx_struct_assembly.details              author_and_software_defined_assembly 
_pdbx_struct_assembly.method_details       PISA,PQS 
_pdbx_struct_assembly.oligomeric_details   tetrameric 
_pdbx_struct_assembly.oligomeric_count     4 
# 
loop_
_pdbx_struct_assembly_prop.biol_id 
_pdbx_struct_assembly_prop.type 
_pdbx_struct_assembly_prop.value 
_pdbx_struct_assembly_prop.details 
1 'ABSA (A^2)' 5490 ? 
1 MORE         -39  ? 
1 'SSA (A^2)'  8790 ? 
# 
_pdbx_struct_assembly_gen.assembly_id       1 
_pdbx_struct_assembly_gen.oper_expression   1,2 
_pdbx_struct_assembly_gen.asym_id_list      A,B,C,D,E,F 
# 
loop_
_pdbx_struct_oper_list.id 
_pdbx_struct_oper_list.type 
_pdbx_struct_oper_list.name 
_pdbx_struct_oper_list.symmetry_operation 
_pdbx_struct_oper_list.matrix[1][1] 
_pdbx_struct_oper_list.matrix[1][2] 
_pdbx_struct_oper_list.matrix[1][3] 
_pdbx_struct_oper_list.vector[1] 
_pdbx_struct_oper_list.matrix[2][1] 
_pdbx_struct_oper_list.matrix[2][2] 
_pdbx_struct_oper_list.matrix[2][3] 
_pdbx_struct_oper_list.vector[2] 
_pdbx_struct_oper_list.matrix[3][1] 
_pdbx_struct_oper_list.matrix[3][2] 
_pdbx_struct_oper_list.matrix[3][3] 
_pdbx_struct_oper_list.vector[3] 
1 'identity operation'         1_555  x,y,z        1.0000000000  0.0000000000 0.0000000000  0.0000000000  0.0000000000 1.0000000000  0.0000000000  0.0000000000   0.0000000000  0.0000000000  1.0000000000 0.0000000000  
2 'crystal symmetry operation' 10_554 -y,-x,-z-1/6 -0.8006854073 0.0111407384 -0.5989814376 -2.8470621853 0.0111407384 -0.9993772857 -0.0334802156 -19.0740020409 -0.5989814376 -0.0334802156 0.8000626929 -1.3021430365 
# 
_struct_biol.id                    1 
_struct_biol.details               
'The biological assembly is a dimer generated from the monomer in the asymmetric unit by the operation: -y, -x, -z + 1/6' 
_struct_biol.pdbx_parent_biol_id   ? 
# 
loop_
_struct_conf.conf_type_id 
_struct_conf.id 
_struct_conf.pdbx_PDB_helix_id 
_struct_conf.beg_label_comp_id 
_struct_conf.beg_label_asym_id 
_struct_conf.beg_label_seq_id 
_struct_conf.pdbx_beg_PDB_ins_code 
_struct_conf.end_label_comp_id 
_struct_conf.end_label_asym_id 
_struct_conf.end_label_seq_id 
_struct_conf.pdbx_end_PDB_ins_code 
_struct_conf.beg_auth_comp_id 
_struct_conf.beg_auth_asym_id 
_struct_conf.beg_auth_seq_id 
_struct_conf.end_auth_comp_id 
_struct_conf.end_auth_asym_id 
_struct_conf.end_auth_seq_id 
_struct_conf.pdbx_PDB_helix_class 
_struct_conf.details 
_struct_conf.pdbx_PDB_helix_length 
HELX_P HELX_P1 1 SER A 14 ? TYR A 32 ? SER A 14 TYR A 32 1 ? 19 
HELX_P HELX_P2 2 ILE A 34 ? TYR A 50 ? ILE A 34 TYR A 50 1 ? 17 
# 
_struct_conf_type.id          HELX_P 
_struct_conf_type.criteria    ? 
_struct_conf_type.reference   ? 
# 
_struct_conn.id                            metalc1 
_struct_conn.conn_type_id                  metalc 
_struct_conn.pdbx_leaving_atom_flag        ? 
_struct_conn.pdbx_PDB_id                   ? 
_struct_conn.ptnr1_label_asym_id           A 
_struct_conn.ptnr1_label_comp_id           GLU 
_struct_conn.ptnr1_label_seq_id            45 
_struct_conn.ptnr1_label_atom_id           OE1 
_struct_conn.pdbx_ptnr1_label_alt_id       ? 
_struct_conn.pdbx_ptnr1_PDB_ins_code       ? 
_struct_conn.pdbx_ptnr1_standard_comp_id   ? 
_struct_conn.ptnr1_symmetry                1_555 
_struct_conn.ptnr2_label_asym_id           D 
_struct_conn.ptnr2_label_comp_id           NA 
_struct_conn.ptnr2_label_seq_id            . 
_struct_conn.ptnr2_label_atom_id           NA 
_struct_conn.pdbx_ptnr2_label_alt_id       ? 
_struct_conn.pdbx_ptnr2_PDB_ins_code       ? 
_struct_conn.ptnr1_auth_asym_id            A 
_struct_conn.ptnr1_auth_comp_id            GLU 
_struct_conn.ptnr1_auth_seq_id             45 
_struct_conn.ptnr2_auth_asym_id            A 
_struct_conn.ptnr2_auth_comp_id            NA 
_struct_conn.ptnr2_auth_seq_id             101 
_struct_conn.ptnr2_symmetry                1_555 
_struct_conn.pdbx_ptnr3_label_atom_id      ? 
_struct_conn.pdbx_ptnr3_label_seq_id       ? 
_struct_conn.pdbx_ptnr3_label_comp_id      ? 
_struct_conn.pdbx_ptnr3_label_asym_id      ? 
_struct_conn.pdbx_ptnr3_label_alt_id       ? 
_struct_conn.pdbx_ptnr3_PDB_ins_code       ? 
_struct_conn.details                       ? 
_struct_conn.pdbx_dist_value               2.846 
_struct_conn.pdbx_value_order              ? 
_struct_conn.pdbx_role                     ? 
# 
_struct_conn_type.id          metalc 
_struct_conn_type.criteria    ? 
_struct_conn_type.reference   ? 
# 
_struct_mon_prot_cis.pdbx_id                1 
_struct_mon_prot_cis.label_comp_id          PRO 
_struct_mon_prot_cis.label_seq_id           52 
_struct_mon_prot_cis.label_asym_id          A 
_struct_mon_prot_cis.label_alt_id           . 
_struct_mon_prot_cis.pdbx_PDB_ins_code      ? 
_struct_mon_prot_cis.auth_comp_id           PRO 
_struct_mon_prot_cis.auth_seq_id            52 
_struct_mon_prot_cis.auth_asym_id           A 
_struct_mon_prot_cis.pdbx_label_comp_id_2   THR 
_struct_mon_prot_cis.pdbx_label_seq_id_2    53 
_struct_mon_prot_cis.pdbx_label_asym_id_2   A 
_struct_mon_prot_cis.pdbx_PDB_ins_code_2    ? 
_struct_mon_prot_cis.pdbx_auth_comp_id_2    THR 
_struct_mon_prot_cis.pdbx_auth_seq_id_2     53 
_struct_mon_prot_cis.pdbx_auth_asym_id_2    A 
_struct_mon_prot_cis.pdbx_PDB_model_num     1 
_struct_mon_prot_cis.pdbx_omega_angle       5.57 
# 
loop_
_struct_sheet.id 
_struct_sheet.type 
_struct_sheet.number_strands 
_struct_sheet.details 
A ? 4 ? 
B ? 2 ? 
# 
loop_
_struct_sheet_order.sheet_id 
_struct_sheet_order.range_id_1 
_struct_sheet_order.range_id_2 
_struct_sheet_order.offset 
_struct_sheet_order.sense 
A 1 2 ? anti-parallel 
A 2 3 ? anti-parallel 
A 3 4 ? anti-parallel 
B 1 2 ? anti-parallel 
# 
loop_
_struct_sheet_range.sheet_id 
_struct_sheet_range.id 
_struct_sheet_range.beg_label_comp_id 
_struct_sheet_range.beg_label_asym_id 
_struct_sheet_range.beg_label_seq_id 
_struct_sheet_range.pdbx_beg_PDB_ins_code 
_struct_sheet_range.end_label_comp_id 
_struct_sheet_range.end_label_asym_id 
_struct_sheet_range.end_label_seq_id 
_struct_sheet_range.pdbx_end_PDB_ins_code 
_struct_sheet_range.beg_auth_comp_id 
_struct_sheet_range.beg_auth_asym_id 
_struct_sheet_range.beg_auth_seq_id 
_struct_sheet_range.end_auth_comp_id 
_struct_sheet_range.end_auth_asym_id 
_struct_sheet_range.end_auth_seq_id 
A 1 ALA A 6  ? MET A 13 ? ALA A 6   MET A 13  
A 2 HIS A 72 ? LEU A 78 ? HIS A 72  LEU A 78  
A 3 VAL A 81 ? LYS A 87 ? VAL A 81  LYS A 87  
A 4 TRP A 54 ? GLY A 59 ? TRP A 54  GLY A 59  
B 1 GLY A 63 ? HIS A 68 ? GLY A 63  HIS A 68  
B 2 TYR B 6  ? GLN B 11 ? TYR C 128 GLN C 133 
# 
loop_
_pdbx_struct_sheet_hbond.sheet_id 
_pdbx_struct_sheet_hbond.range_id_1 
_pdbx_struct_sheet_hbond.range_id_2 
_pdbx_struct_sheet_hbond.range_1_label_atom_id 
_pdbx_struct_sheet_hbond.range_1_label_comp_id 
_pdbx_struct_sheet_hbond.range_1_label_asym_id 
_pdbx_struct_sheet_hbond.range_1_label_seq_id 
_pdbx_struct_sheet_hbond.range_1_PDB_ins_code 
_pdbx_struct_sheet_hbond.range_1_auth_atom_id 
_pdbx_struct_sheet_hbond.range_1_auth_comp_id 
_pdbx_struct_sheet_hbond.range_1_auth_asym_id 
_pdbx_struct_sheet_hbond.range_1_auth_seq_id 
_pdbx_struct_sheet_hbond.range_2_label_atom_id 
_pdbx_struct_sheet_hbond.range_2_label_comp_id 
_pdbx_struct_sheet_hbond.range_2_label_asym_id 
_pdbx_struct_sheet_hbond.range_2_label_seq_id 
_pdbx_struct_sheet_hbond.range_2_PDB_ins_code 
_pdbx_struct_sheet_hbond.range_2_auth_atom_id 
_pdbx_struct_sheet_hbond.range_2_auth_comp_id 
_pdbx_struct_sheet_hbond.range_2_auth_asym_id 
_pdbx_struct_sheet_hbond.range_2_auth_seq_id 
A 1 2 N ASP A 12 ? N ASP A 12 O PHE A 73 ? O PHE A 73  
A 2 3 N PHE A 76 ? N PHE A 76 O ILE A 83 ? O ILE A 83  
A 3 4 O ALA A 82 ? O ALA A 82 N GLY A 59 ? N GLY A 59  
B 1 2 N SER A 64 ? N SER A 64 O THR B 10 ? O THR C 132 
# 
loop_
_struct_site.id 
_struct_site.pdbx_evidence_code 
_struct_site.pdbx_auth_asym_id 
_struct_site.pdbx_auth_comp_id 
_struct_site.pdbx_auth_seq_id 
_struct_site.pdbx_auth_ins_code 
_struct_site.pdbx_num_residues 
_struct_site.details 
AC1 Software A ACT 91  ? 3 'BINDING SITE FOR RESIDUE ACT A 91' 
AC2 Software A NA  101 ? 2 'BINDING SITE FOR RESIDUE NA A 101' 
# 
loop_
_struct_site_gen.id 
_struct_site_gen.site_id 
_struct_site_gen.pdbx_num_res 
_struct_site_gen.label_comp_id 
_struct_site_gen.label_asym_id 
_struct_site_gen.label_seq_id 
_struct_site_gen.pdbx_auth_ins_code 
_struct_site_gen.auth_comp_id 
_struct_site_gen.auth_asym_id 
_struct_site_gen.auth_seq_id 
_struct_site_gen.label_atom_id 
_struct_site_gen.label_alt_id 
_struct_site_gen.symmetry 
_struct_site_gen.details 
1 AC1 3 GLU A 15 ? GLU A 15  . ? 1_555 ? 
2 AC1 3 ARG A 71 ? ARG A 71  . ? 1_555 ? 
3 AC1 3 HOH E .  ? HOH A 137 . ? 1_555 ? 
4 AC2 2 GLU A 45 ? GLU A 45  . ? 1_555 ? 
5 AC2 2 LYS A 48 ? LYS A 48  . ? 1_555 ? 
# 
_pdbx_validate_close_contact.id               1 
_pdbx_validate_close_contact.PDB_model_num    1 
_pdbx_validate_close_contact.auth_atom_id_1   O 
_pdbx_validate_close_contact.auth_asym_id_1   A 
_pdbx_validate_close_contact.auth_comp_id_1   PHE 
_pdbx_validate_close_contact.auth_seq_id_1    46 
_pdbx_validate_close_contact.PDB_ins_code_1   ? 
_pdbx_validate_close_contact.label_alt_id_1   ? 
_pdbx_validate_close_contact.auth_atom_id_2   O 
_pdbx_validate_close_contact.auth_asym_id_2   A 
_pdbx_validate_close_contact.auth_comp_id_2   TYR 
_pdbx_validate_close_contact.auth_seq_id_2    50 
_pdbx_validate_close_contact.PDB_ins_code_2   ? 
_pdbx_validate_close_contact.label_alt_id_2   ? 
_pdbx_validate_close_contact.dist             2.16 
# 
loop_
_pdbx_validate_torsion.id 
_pdbx_validate_torsion.PDB_model_num 
_pdbx_validate_torsion.auth_comp_id 
_pdbx_validate_torsion.auth_asym_id 
_pdbx_validate_torsion.auth_seq_id 
_pdbx_validate_torsion.PDB_ins_code 
_pdbx_validate_torsion.label_alt_id 
_pdbx_validate_torsion.phi 
_pdbx_validate_torsion.psi 
1 1 MET A 13 ? ? -174.77 141.40 
2 1 LYS A 49 ? ? -62.35  -72.65 
3 1 PRO A 52 ? ? -45.36  154.07 
# 
loop_
_pdbx_unobs_or_zero_occ_residues.id 
_pdbx_unobs_or_zero_occ_residues.PDB_model_num 
_pdbx_unobs_or_zero_occ_residues.polymer_flag 
_pdbx_unobs_or_zero_occ_residues.occupancy_flag 
_pdbx_unobs_or_zero_occ_residues.auth_asym_id 
_pdbx_unobs_or_zero_occ_residues.auth_comp_id 
_pdbx_unobs_or_zero_occ_residues.auth_seq_id 
_pdbx_unobs_or_zero_occ_residues.PDB_ins_code 
_pdbx_unobs_or_zero_occ_residues.label_asym_id 
_pdbx_unobs_or_zero_occ_residues.label_comp_id 
_pdbx_unobs_or_zero_occ_residues.label_seq_id 
1 1 Y 1 A MET 1   ? A MET 1  
2 1 Y 1 A SER 2   ? A SER 2  
3 1 Y 1 C LYS 123 ? B LYS 1  
4 1 Y 1 C GLU 124 ? B GLU 2  
5 1 Y 1 C THR 125 ? B THR 3  
6 1 Y 1 C LEU 126 ? B LEU 4  
7 1 Y 1 C SER 136 ? B SER 14 
8 1 Y 1 C THR 137 ? B THR 15 
9 1 Y 1 C GLY 138 ? B GLY 16 
# 
loop_
_chem_comp_atom.comp_id 
_chem_comp_atom.atom_id 
_chem_comp_atom.type_symbol 
_chem_comp_atom.pdbx_aromatic_flag 
_chem_comp_atom.pdbx_stereo_config 
_chem_comp_atom.pdbx_ordinal 
ACT C    C  N N 1   
ACT O    O  N N 2   
ACT OXT  O  N N 3   
ACT CH3  C  N N 4   
ACT H1   H  N N 5   
ACT H2   H  N N 6   
ACT H3   H  N N 7   
ALA N    N  N N 8   
ALA CA   C  N S 9   
ALA C    C  N N 10  
ALA O    O  N N 11  
ALA CB   C  N N 12  
ALA OXT  O  N N 13  
ALA H    H  N N 14  
ALA H2   H  N N 15  
ALA HA   H  N N 16  
ALA HB1  H  N N 17  
ALA HB2  H  N N 18  
ALA HB3  H  N N 19  
ALA HXT  H  N N 20  
ARG N    N  N N 21  
ARG CA   C  N S 22  
ARG C    C  N N 23  
ARG O    O  N N 24  
ARG CB   C  N N 25  
ARG CG   C  N N 26  
ARG CD   C  N N 27  
ARG NE   N  N N 28  
ARG CZ   C  N N 29  
ARG NH1  N  N N 30  
ARG NH2  N  N N 31  
ARG OXT  O  N N 32  
ARG H    H  N N 33  
ARG H2   H  N N 34  
ARG HA   H  N N 35  
ARG HB2  H  N N 36  
ARG HB3  H  N N 37  
ARG HG2  H  N N 38  
ARG HG3  H  N N 39  
ARG HD2  H  N N 40  
ARG HD3  H  N N 41  
ARG HE   H  N N 42  
ARG HH11 H  N N 43  
ARG HH12 H  N N 44  
ARG HH21 H  N N 45  
ARG HH22 H  N N 46  
ARG HXT  H  N N 47  
ASN N    N  N N 48  
ASN CA   C  N S 49  
ASN C    C  N N 50  
ASN O    O  N N 51  
ASN CB   C  N N 52  
ASN CG   C  N N 53  
ASN OD1  O  N N 54  
ASN ND2  N  N N 55  
ASN OXT  O  N N 56  
ASN H    H  N N 57  
ASN H2   H  N N 58  
ASN HA   H  N N 59  
ASN HB2  H  N N 60  
ASN HB3  H  N N 61  
ASN HD21 H  N N 62  
ASN HD22 H  N N 63  
ASN HXT  H  N N 64  
ASP N    N  N N 65  
ASP CA   C  N S 66  
ASP C    C  N N 67  
ASP O    O  N N 68  
ASP CB   C  N N 69  
ASP CG   C  N N 70  
ASP OD1  O  N N 71  
ASP OD2  O  N N 72  
ASP OXT  O  N N 73  
ASP H    H  N N 74  
ASP H2   H  N N 75  
ASP HA   H  N N 76  
ASP HB2  H  N N 77  
ASP HB3  H  N N 78  
ASP HD2  H  N N 79  
ASP HXT  H  N N 80  
CYS N    N  N N 81  
CYS CA   C  N R 82  
CYS C    C  N N 83  
CYS O    O  N N 84  
CYS CB   C  N N 85  
CYS SG   S  N N 86  
CYS OXT  O  N N 87  
CYS H    H  N N 88  
CYS H2   H  N N 89  
CYS HA   H  N N 90  
CYS HB2  H  N N 91  
CYS HB3  H  N N 92  
CYS HG   H  N N 93  
CYS HXT  H  N N 94  
GLN N    N  N N 95  
GLN CA   C  N S 96  
GLN C    C  N N 97  
GLN O    O  N N 98  
GLN CB   C  N N 99  
GLN CG   C  N N 100 
GLN CD   C  N N 101 
GLN OE1  O  N N 102 
GLN NE2  N  N N 103 
GLN OXT  O  N N 104 
GLN H    H  N N 105 
GLN H2   H  N N 106 
GLN HA   H  N N 107 
GLN HB2  H  N N 108 
GLN HB3  H  N N 109 
GLN HG2  H  N N 110 
GLN HG3  H  N N 111 
GLN HE21 H  N N 112 
GLN HE22 H  N N 113 
GLN HXT  H  N N 114 
GLU N    N  N N 115 
GLU CA   C  N S 116 
GLU C    C  N N 117 
GLU O    O  N N 118 
GLU CB   C  N N 119 
GLU CG   C  N N 120 
GLU CD   C  N N 121 
GLU OE1  O  N N 122 
GLU OE2  O  N N 123 
GLU OXT  O  N N 124 
GLU H    H  N N 125 
GLU H2   H  N N 126 
GLU HA   H  N N 127 
GLU HB2  H  N N 128 
GLU HB3  H  N N 129 
GLU HG2  H  N N 130 
GLU HG3  H  N N 131 
GLU HE2  H  N N 132 
GLU HXT  H  N N 133 
GLY N    N  N N 134 
GLY CA   C  N N 135 
GLY C    C  N N 136 
GLY O    O  N N 137 
GLY OXT  O  N N 138 
GLY H    H  N N 139 
GLY H2   H  N N 140 
GLY HA2  H  N N 141 
GLY HA3  H  N N 142 
GLY HXT  H  N N 143 
HIS N    N  N N 144 
HIS CA   C  N S 145 
HIS C    C  N N 146 
HIS O    O  N N 147 
HIS CB   C  N N 148 
HIS CG   C  Y N 149 
HIS ND1  N  Y N 150 
HIS CD2  C  Y N 151 
HIS CE1  C  Y N 152 
HIS NE2  N  Y N 153 
HIS OXT  O  N N 154 
HIS H    H  N N 155 
HIS H2   H  N N 156 
HIS HA   H  N N 157 
HIS HB2  H  N N 158 
HIS HB3  H  N N 159 
HIS HD1  H  N N 160 
HIS HD2  H  N N 161 
HIS HE1  H  N N 162 
HIS HE2  H  N N 163 
HIS HXT  H  N N 164 
HOH O    O  N N 165 
HOH H1   H  N N 166 
HOH H2   H  N N 167 
ILE N    N  N N 168 
ILE CA   C  N S 169 
ILE C    C  N N 170 
ILE O    O  N N 171 
ILE CB   C  N S 172 
ILE CG1  C  N N 173 
ILE CG2  C  N N 174 
ILE CD1  C  N N 175 
ILE OXT  O  N N 176 
ILE H    H  N N 177 
ILE H2   H  N N 178 
ILE HA   H  N N 179 
ILE HB   H  N N 180 
ILE HG12 H  N N 181 
ILE HG13 H  N N 182 
ILE HG21 H  N N 183 
ILE HG22 H  N N 184 
ILE HG23 H  N N 185 
ILE HD11 H  N N 186 
ILE HD12 H  N N 187 
ILE HD13 H  N N 188 
ILE HXT  H  N N 189 
LEU N    N  N N 190 
LEU CA   C  N S 191 
LEU C    C  N N 192 
LEU O    O  N N 193 
LEU CB   C  N N 194 
LEU CG   C  N N 195 
LEU CD1  C  N N 196 
LEU CD2  C  N N 197 
LEU OXT  O  N N 198 
LEU H    H  N N 199 
LEU H2   H  N N 200 
LEU HA   H  N N 201 
LEU HB2  H  N N 202 
LEU HB3  H  N N 203 
LEU HG   H  N N 204 
LEU HD11 H  N N 205 
LEU HD12 H  N N 206 
LEU HD13 H  N N 207 
LEU HD21 H  N N 208 
LEU HD22 H  N N 209 
LEU HD23 H  N N 210 
LEU HXT  H  N N 211 
LYS N    N  N N 212 
LYS CA   C  N S 213 
LYS C    C  N N 214 
LYS O    O  N N 215 
LYS CB   C  N N 216 
LYS CG   C  N N 217 
LYS CD   C  N N 218 
LYS CE   C  N N 219 
LYS NZ   N  N N 220 
LYS OXT  O  N N 221 
LYS H    H  N N 222 
LYS H2   H  N N 223 
LYS HA   H  N N 224 
LYS HB2  H  N N 225 
LYS HB3  H  N N 226 
LYS HG2  H  N N 227 
LYS HG3  H  N N 228 
LYS HD2  H  N N 229 
LYS HD3  H  N N 230 
LYS HE2  H  N N 231 
LYS HE3  H  N N 232 
LYS HZ1  H  N N 233 
LYS HZ2  H  N N 234 
LYS HZ3  H  N N 235 
LYS HXT  H  N N 236 
MET N    N  N N 237 
MET CA   C  N S 238 
MET C    C  N N 239 
MET O    O  N N 240 
MET CB   C  N N 241 
MET CG   C  N N 242 
MET SD   S  N N 243 
MET CE   C  N N 244 
MET OXT  O  N N 245 
MET H    H  N N 246 
MET H2   H  N N 247 
MET HA   H  N N 248 
MET HB2  H  N N 249 
MET HB3  H  N N 250 
MET HG2  H  N N 251 
MET HG3  H  N N 252 
MET HE1  H  N N 253 
MET HE2  H  N N 254 
MET HE3  H  N N 255 
MET HXT  H  N N 256 
NA  NA   NA N N 257 
PHE N    N  N N 258 
PHE CA   C  N S 259 
PHE C    C  N N 260 
PHE O    O  N N 261 
PHE CB   C  N N 262 
PHE CG   C  Y N 263 
PHE CD1  C  Y N 264 
PHE CD2  C  Y N 265 
PHE CE1  C  Y N 266 
PHE CE2  C  Y N 267 
PHE CZ   C  Y N 268 
PHE OXT  O  N N 269 
PHE H    H  N N 270 
PHE H2   H  N N 271 
PHE HA   H  N N 272 
PHE HB2  H  N N 273 
PHE HB3  H  N N 274 
PHE HD1  H  N N 275 
PHE HD2  H  N N 276 
PHE HE1  H  N N 277 
PHE HE2  H  N N 278 
PHE HZ   H  N N 279 
PHE HXT  H  N N 280 
PRO N    N  N N 281 
PRO CA   C  N S 282 
PRO C    C  N N 283 
PRO O    O  N N 284 
PRO CB   C  N N 285 
PRO CG   C  N N 286 
PRO CD   C  N N 287 
PRO OXT  O  N N 288 
PRO H    H  N N 289 
PRO HA   H  N N 290 
PRO HB2  H  N N 291 
PRO HB3  H  N N 292 
PRO HG2  H  N N 293 
PRO HG3  H  N N 294 
PRO HD2  H  N N 295 
PRO HD3  H  N N 296 
PRO HXT  H  N N 297 
SER N    N  N N 298 
SER CA   C  N S 299 
SER C    C  N N 300 
SER O    O  N N 301 
SER CB   C  N N 302 
SER OG   O  N N 303 
SER OXT  O  N N 304 
SER H    H  N N 305 
SER H2   H  N N 306 
SER HA   H  N N 307 
SER HB2  H  N N 308 
SER HB3  H  N N 309 
SER HG   H  N N 310 
SER HXT  H  N N 311 
THR N    N  N N 312 
THR CA   C  N S 313 
THR C    C  N N 314 
THR O    O  N N 315 
THR CB   C  N R 316 
THR OG1  O  N N 317 
THR CG2  C  N N 318 
THR OXT  O  N N 319 
THR H    H  N N 320 
THR H2   H  N N 321 
THR HA   H  N N 322 
THR HB   H  N N 323 
THR HG1  H  N N 324 
THR HG21 H  N N 325 
THR HG22 H  N N 326 
THR HG23 H  N N 327 
THR HXT  H  N N 328 
TRP N    N  N N 329 
TRP CA   C  N S 330 
TRP C    C  N N 331 
TRP O    O  N N 332 
TRP CB   C  N N 333 
TRP CG   C  Y N 334 
TRP CD1  C  Y N 335 
TRP CD2  C  Y N 336 
TRP NE1  N  Y N 337 
TRP CE2  C  Y N 338 
TRP CE3  C  Y N 339 
TRP CZ2  C  Y N 340 
TRP CZ3  C  Y N 341 
TRP CH2  C  Y N 342 
TRP OXT  O  N N 343 
TRP H    H  N N 344 
TRP H2   H  N N 345 
TRP HA   H  N N 346 
TRP HB2  H  N N 347 
TRP HB3  H  N N 348 
TRP HD1  H  N N 349 
TRP HE1  H  N N 350 
TRP HE3  H  N N 351 
TRP HZ2  H  N N 352 
TRP HZ3  H  N N 353 
TRP HH2  H  N N 354 
TRP HXT  H  N N 355 
TYR N    N  N N 356 
TYR CA   C  N S 357 
TYR C    C  N N 358 
TYR O    O  N N 359 
TYR CB   C  N N 360 
TYR CG   C  Y N 361 
TYR CD1  C  Y N 362 
TYR CD2  C  Y N 363 
TYR CE1  C  Y N 364 
TYR CE2  C  Y N 365 
TYR CZ   C  Y N 366 
TYR OH   O  N N 367 
TYR OXT  O  N N 368 
TYR H    H  N N 369 
TYR H2   H  N N 370 
TYR HA   H  N N 371 
TYR HB2  H  N N 372 
TYR HB3  H  N N 373 
TYR HD1  H  N N 374 
TYR HD2  H  N N 375 
TYR HE1  H  N N 376 
TYR HE2  H  N N 377 
TYR HH   H  N N 378 
TYR HXT  H  N N 379 
VAL N    N  N N 380 
VAL CA   C  N S 381 
VAL C    C  N N 382 
VAL O    O  N N 383 
VAL CB   C  N N 384 
VAL CG1  C  N N 385 
VAL CG2  C  N N 386 
VAL OXT  O  N N 387 
VAL H    H  N N 388 
VAL H2   H  N N 389 
VAL HA   H  N N 390 
VAL HB   H  N N 391 
VAL HG11 H  N N 392 
VAL HG12 H  N N 393 
VAL HG13 H  N N 394 
VAL HG21 H  N N 395 
VAL HG22 H  N N 396 
VAL HG23 H  N N 397 
VAL HXT  H  N N 398 
# 
loop_
_chem_comp_bond.comp_id 
_chem_comp_bond.atom_id_1 
_chem_comp_bond.atom_id_2 
_chem_comp_bond.value_order 
_chem_comp_bond.pdbx_aromatic_flag 
_chem_comp_bond.pdbx_stereo_config 
_chem_comp_bond.pdbx_ordinal 
ACT C   O    doub N N 1   
ACT C   OXT  sing N N 2   
ACT C   CH3  sing N N 3   
ACT CH3 H1   sing N N 4   
ACT CH3 H2   sing N N 5   
ACT CH3 H3   sing N N 6   
ALA N   CA   sing N N 7   
ALA N   H    sing N N 8   
ALA N   H2   sing N N 9   
ALA CA  C    sing N N 10  
ALA CA  CB   sing N N 11  
ALA CA  HA   sing N N 12  
ALA C   O    doub N N 13  
ALA C   OXT  sing N N 14  
ALA CB  HB1  sing N N 15  
ALA CB  HB2  sing N N 16  
ALA CB  HB3  sing N N 17  
ALA OXT HXT  sing N N 18  
ARG N   CA   sing N N 19  
ARG N   H    sing N N 20  
ARG N   H2   sing N N 21  
ARG CA  C    sing N N 22  
ARG CA  CB   sing N N 23  
ARG CA  HA   sing N N 24  
ARG C   O    doub N N 25  
ARG C   OXT  sing N N 26  
ARG CB  CG   sing N N 27  
ARG CB  HB2  sing N N 28  
ARG CB  HB3  sing N N 29  
ARG CG  CD   sing N N 30  
ARG CG  HG2  sing N N 31  
ARG CG  HG3  sing N N 32  
ARG CD  NE   sing N N 33  
ARG CD  HD2  sing N N 34  
ARG CD  HD3  sing N N 35  
ARG NE  CZ   sing N N 36  
ARG NE  HE   sing N N 37  
ARG CZ  NH1  sing N N 38  
ARG CZ  NH2  doub N N 39  
ARG NH1 HH11 sing N N 40  
ARG NH1 HH12 sing N N 41  
ARG NH2 HH21 sing N N 42  
ARG NH2 HH22 sing N N 43  
ARG OXT HXT  sing N N 44  
ASN N   CA   sing N N 45  
ASN N   H    sing N N 46  
ASN N   H2   sing N N 47  
ASN CA  C    sing N N 48  
ASN CA  CB   sing N N 49  
ASN CA  HA   sing N N 50  
ASN C   O    doub N N 51  
ASN C   OXT  sing N N 52  
ASN CB  CG   sing N N 53  
ASN CB  HB2  sing N N 54  
ASN CB  HB3  sing N N 55  
ASN CG  OD1  doub N N 56  
ASN CG  ND2  sing N N 57  
ASN ND2 HD21 sing N N 58  
ASN ND2 HD22 sing N N 59  
ASN OXT HXT  sing N N 60  
ASP N   CA   sing N N 61  
ASP N   H    sing N N 62  
ASP N   H2   sing N N 63  
ASP CA  C    sing N N 64  
ASP CA  CB   sing N N 65  
ASP CA  HA   sing N N 66  
ASP C   O    doub N N 67  
ASP C   OXT  sing N N 68  
ASP CB  CG   sing N N 69  
ASP CB  HB2  sing N N 70  
ASP CB  HB3  sing N N 71  
ASP CG  OD1  doub N N 72  
ASP CG  OD2  sing N N 73  
ASP OD2 HD2  sing N N 74  
ASP OXT HXT  sing N N 75  
CYS N   CA   sing N N 76  
CYS N   H    sing N N 77  
CYS N   H2   sing N N 78  
CYS CA  C    sing N N 79  
CYS CA  CB   sing N N 80  
CYS CA  HA   sing N N 81  
CYS C   O    doub N N 82  
CYS C   OXT  sing N N 83  
CYS CB  SG   sing N N 84  
CYS CB  HB2  sing N N 85  
CYS CB  HB3  sing N N 86  
CYS SG  HG   sing N N 87  
CYS OXT HXT  sing N N 88  
GLN N   CA   sing N N 89  
GLN N   H    sing N N 90  
GLN N   H2   sing N N 91  
GLN CA  C    sing N N 92  
GLN CA  CB   sing N N 93  
GLN CA  HA   sing N N 94  
GLN C   O    doub N N 95  
GLN C   OXT  sing N N 96  
GLN CB  CG   sing N N 97  
GLN CB  HB2  sing N N 98  
GLN CB  HB3  sing N N 99  
GLN CG  CD   sing N N 100 
GLN CG  HG2  sing N N 101 
GLN CG  HG3  sing N N 102 
GLN CD  OE1  doub N N 103 
GLN CD  NE2  sing N N 104 
GLN NE2 HE21 sing N N 105 
GLN NE2 HE22 sing N N 106 
GLN OXT HXT  sing N N 107 
GLU N   CA   sing N N 108 
GLU N   H    sing N N 109 
GLU N   H2   sing N N 110 
GLU CA  C    sing N N 111 
GLU CA  CB   sing N N 112 
GLU CA  HA   sing N N 113 
GLU C   O    doub N N 114 
GLU C   OXT  sing N N 115 
GLU CB  CG   sing N N 116 
GLU CB  HB2  sing N N 117 
GLU CB  HB3  sing N N 118 
GLU CG  CD   sing N N 119 
GLU CG  HG2  sing N N 120 
GLU CG  HG3  sing N N 121 
GLU CD  OE1  doub N N 122 
GLU CD  OE2  sing N N 123 
GLU OE2 HE2  sing N N 124 
GLU OXT HXT  sing N N 125 
GLY N   CA   sing N N 126 
GLY N   H    sing N N 127 
GLY N   H2   sing N N 128 
GLY CA  C    sing N N 129 
GLY CA  HA2  sing N N 130 
GLY CA  HA3  sing N N 131 
GLY C   O    doub N N 132 
GLY C   OXT  sing N N 133 
GLY OXT HXT  sing N N 134 
HIS N   CA   sing N N 135 
HIS N   H    sing N N 136 
HIS N   H2   sing N N 137 
HIS CA  C    sing N N 138 
HIS CA  CB   sing N N 139 
HIS CA  HA   sing N N 140 
HIS C   O    doub N N 141 
HIS C   OXT  sing N N 142 
HIS CB  CG   sing N N 143 
HIS CB  HB2  sing N N 144 
HIS CB  HB3  sing N N 145 
HIS CG  ND1  sing Y N 146 
HIS CG  CD2  doub Y N 147 
HIS ND1 CE1  doub Y N 148 
HIS ND1 HD1  sing N N 149 
HIS CD2 NE2  sing Y N 150 
HIS CD2 HD2  sing N N 151 
HIS CE1 NE2  sing Y N 152 
HIS CE1 HE1  sing N N 153 
HIS NE2 HE2  sing N N 154 
HIS OXT HXT  sing N N 155 
HOH O   H1   sing N N 156 
HOH O   H2   sing N N 157 
ILE N   CA   sing N N 158 
ILE N   H    sing N N 159 
ILE N   H2   sing N N 160 
ILE CA  C    sing N N 161 
ILE CA  CB   sing N N 162 
ILE CA  HA   sing N N 163 
ILE C   O    doub N N 164 
ILE C   OXT  sing N N 165 
ILE CB  CG1  sing N N 166 
ILE CB  CG2  sing N N 167 
ILE CB  HB   sing N N 168 
ILE CG1 CD1  sing N N 169 
ILE CG1 HG12 sing N N 170 
ILE CG1 HG13 sing N N 171 
ILE CG2 HG21 sing N N 172 
ILE CG2 HG22 sing N N 173 
ILE CG2 HG23 sing N N 174 
ILE CD1 HD11 sing N N 175 
ILE CD1 HD12 sing N N 176 
ILE CD1 HD13 sing N N 177 
ILE OXT HXT  sing N N 178 
LEU N   CA   sing N N 179 
LEU N   H    sing N N 180 
LEU N   H2   sing N N 181 
LEU CA  C    sing N N 182 
LEU CA  CB   sing N N 183 
LEU CA  HA   sing N N 184 
LEU C   O    doub N N 185 
LEU C   OXT  sing N N 186 
LEU CB  CG   sing N N 187 
LEU CB  HB2  sing N N 188 
LEU CB  HB3  sing N N 189 
LEU CG  CD1  sing N N 190 
LEU CG  CD2  sing N N 191 
LEU CG  HG   sing N N 192 
LEU CD1 HD11 sing N N 193 
LEU CD1 HD12 sing N N 194 
LEU CD1 HD13 sing N N 195 
LEU CD2 HD21 sing N N 196 
LEU CD2 HD22 sing N N 197 
LEU CD2 HD23 sing N N 198 
LEU OXT HXT  sing N N 199 
LYS N   CA   sing N N 200 
LYS N   H    sing N N 201 
LYS N   H2   sing N N 202 
LYS CA  C    sing N N 203 
LYS CA  CB   sing N N 204 
LYS CA  HA   sing N N 205 
LYS C   O    doub N N 206 
LYS C   OXT  sing N N 207 
LYS CB  CG   sing N N 208 
LYS CB  HB2  sing N N 209 
LYS CB  HB3  sing N N 210 
LYS CG  CD   sing N N 211 
LYS CG  HG2  sing N N 212 
LYS CG  HG3  sing N N 213 
LYS CD  CE   sing N N 214 
LYS CD  HD2  sing N N 215 
LYS CD  HD3  sing N N 216 
LYS CE  NZ   sing N N 217 
LYS CE  HE2  sing N N 218 
LYS CE  HE3  sing N N 219 
LYS NZ  HZ1  sing N N 220 
LYS NZ  HZ2  sing N N 221 
LYS NZ  HZ3  sing N N 222 
LYS OXT HXT  sing N N 223 
MET N   CA   sing N N 224 
MET N   H    sing N N 225 
MET N   H2   sing N N 226 
MET CA  C    sing N N 227 
MET CA  CB   sing N N 228 
MET CA  HA   sing N N 229 
MET C   O    doub N N 230 
MET C   OXT  sing N N 231 
MET CB  CG   sing N N 232 
MET CB  HB2  sing N N 233 
MET CB  HB3  sing N N 234 
MET CG  SD   sing N N 235 
MET CG  HG2  sing N N 236 
MET CG  HG3  sing N N 237 
MET SD  CE   sing N N 238 
MET CE  HE1  sing N N 239 
MET CE  HE2  sing N N 240 
MET CE  HE3  sing N N 241 
MET OXT HXT  sing N N 242 
PHE N   CA   sing N N 243 
PHE N   H    sing N N 244 
PHE N   H2   sing N N 245 
PHE CA  C    sing N N 246 
PHE CA  CB   sing N N 247 
PHE CA  HA   sing N N 248 
PHE C   O    doub N N 249 
PHE C   OXT  sing N N 250 
PHE CB  CG   sing N N 251 
PHE CB  HB2  sing N N 252 
PHE CB  HB3  sing N N 253 
PHE CG  CD1  doub Y N 254 
PHE CG  CD2  sing Y N 255 
PHE CD1 CE1  sing Y N 256 
PHE CD1 HD1  sing N N 257 
PHE CD2 CE2  doub Y N 258 
PHE CD2 HD2  sing N N 259 
PHE CE1 CZ   doub Y N 260 
PHE CE1 HE1  sing N N 261 
PHE CE2 CZ   sing Y N 262 
PHE CE2 HE2  sing N N 263 
PHE CZ  HZ   sing N N 264 
PHE OXT HXT  sing N N 265 
PRO N   CA   sing N N 266 
PRO N   CD   sing N N 267 
PRO N   H    sing N N 268 
PRO CA  C    sing N N 269 
PRO CA  CB   sing N N 270 
PRO CA  HA   sing N N 271 
PRO C   O    doub N N 272 
PRO C   OXT  sing N N 273 
PRO CB  CG   sing N N 274 
PRO CB  HB2  sing N N 275 
PRO CB  HB3  sing N N 276 
PRO CG  CD   sing N N 277 
PRO CG  HG2  sing N N 278 
PRO CG  HG3  sing N N 279 
PRO CD  HD2  sing N N 280 
PRO CD  HD3  sing N N 281 
PRO OXT HXT  sing N N 282 
SER N   CA   sing N N 283 
SER N   H    sing N N 284 
SER N   H2   sing N N 285 
SER CA  C    sing N N 286 
SER CA  CB   sing N N 287 
SER CA  HA   sing N N 288 
SER C   O    doub N N 289 
SER C   OXT  sing N N 290 
SER CB  OG   sing N N 291 
SER CB  HB2  sing N N 292 
SER CB  HB3  sing N N 293 
SER OG  HG   sing N N 294 
SER OXT HXT  sing N N 295 
THR N   CA   sing N N 296 
THR N   H    sing N N 297 
THR N   H2   sing N N 298 
THR CA  C    sing N N 299 
THR CA  CB   sing N N 300 
THR CA  HA   sing N N 301 
THR C   O    doub N N 302 
THR C   OXT  sing N N 303 
THR CB  OG1  sing N N 304 
THR CB  CG2  sing N N 305 
THR CB  HB   sing N N 306 
THR OG1 HG1  sing N N 307 
THR CG2 HG21 sing N N 308 
THR CG2 HG22 sing N N 309 
THR CG2 HG23 sing N N 310 
THR OXT HXT  sing N N 311 
TRP N   CA   sing N N 312 
TRP N   H    sing N N 313 
TRP N   H2   sing N N 314 
TRP CA  C    sing N N 315 
TRP CA  CB   sing N N 316 
TRP CA  HA   sing N N 317 
TRP C   O    doub N N 318 
TRP C   OXT  sing N N 319 
TRP CB  CG   sing N N 320 
TRP CB  HB2  sing N N 321 
TRP CB  HB3  sing N N 322 
TRP CG  CD1  doub Y N 323 
TRP CG  CD2  sing Y N 324 
TRP CD1 NE1  sing Y N 325 
TRP CD1 HD1  sing N N 326 
TRP CD2 CE2  doub Y N 327 
TRP CD2 CE3  sing Y N 328 
TRP NE1 CE2  sing Y N 329 
TRP NE1 HE1  sing N N 330 
TRP CE2 CZ2  sing Y N 331 
TRP CE3 CZ3  doub Y N 332 
TRP CE3 HE3  sing N N 333 
TRP CZ2 CH2  doub Y N 334 
TRP CZ2 HZ2  sing N N 335 
TRP CZ3 CH2  sing Y N 336 
TRP CZ3 HZ3  sing N N 337 
TRP CH2 HH2  sing N N 338 
TRP OXT HXT  sing N N 339 
TYR N   CA   sing N N 340 
TYR N   H    sing N N 341 
TYR N   H2   sing N N 342 
TYR CA  C    sing N N 343 
TYR CA  CB   sing N N 344 
TYR CA  HA   sing N N 345 
TYR C   O    doub N N 346 
TYR C   OXT  sing N N 347 
TYR CB  CG   sing N N 348 
TYR CB  HB2  sing N N 349 
TYR CB  HB3  sing N N 350 
TYR CG  CD1  doub Y N 351 
TYR CG  CD2  sing Y N 352 
TYR CD1 CE1  sing Y N 353 
TYR CD1 HD1  sing N N 354 
TYR CD2 CE2  doub Y N 355 
TYR CD2 HD2  sing N N 356 
TYR CE1 CZ   doub Y N 357 
TYR CE1 HE1  sing N N 358 
TYR CE2 CZ   sing Y N 359 
TYR CE2 HE2  sing N N 360 
TYR CZ  OH   sing N N 361 
TYR OH  HH   sing N N 362 
TYR OXT HXT  sing N N 363 
VAL N   CA   sing N N 364 
VAL N   H    sing N N 365 
VAL N   H2   sing N N 366 
VAL CA  C    sing N N 367 
VAL CA  CB   sing N N 368 
VAL CA  HA   sing N N 369 
VAL C   O    doub N N 370 
VAL C   OXT  sing N N 371 
VAL CB  CG1  sing N N 372 
VAL CB  CG2  sing N N 373 
VAL CB  HB   sing N N 374 
VAL CG1 HG11 sing N N 375 
VAL CG1 HG12 sing N N 376 
VAL CG1 HG13 sing N N 377 
VAL CG2 HG21 sing N N 378 
VAL CG2 HG22 sing N N 379 
VAL CG2 HG23 sing N N 380 
VAL OXT HXT  sing N N 381 
# 
_atom_sites.entry_id                    2P2T 
_atom_sites.fract_transf_matrix[1][1]   -0.01598812 
_atom_sites.fract_transf_matrix[1][2]   -0.00736839 
_atom_sites.fract_transf_matrix[1][3]   -0.01917759 
_atom_sites.fract_transf_matrix[2][1]   -0.02420687 
_atom_sites.fract_transf_matrix[2][2]   -0.00782794 
_atom_sites.fract_transf_matrix[2][3]   0.00551978 
_atom_sites.fract_transf_matrix[3][1]   -0.00158996 
_atom_sites.fract_transf_matrix[3][2]   0.00460405 
_atom_sites.fract_transf_matrix[3][3]   -0.00044343 
_atom_sites.fract_transf_vector[1]      0.189462 
_atom_sites.fract_transf_vector[2]      -0.400499 
_atom_sites.fract_transf_vector[3]      -0.041980 
# 
loop_
_atom_type.symbol 
C  
N  
NA 
O  
S  
# 
loop_
_atom_site.group_PDB 
_atom_site.id 
_atom_site.type_symbol 
_atom_site.label_atom_id 
_atom_site.label_alt_id 
_atom_site.label_comp_id 
_atom_site.label_asym_id 
_atom_site.label_entity_id 
_atom_site.label_seq_id 
_atom_site.pdbx_PDB_ins_code 
_atom_site.Cartn_x 
_atom_site.Cartn_y 
_atom_site.Cartn_z 
_atom_site.occupancy 
_atom_site.B_iso_or_equiv 
_atom_site.pdbx_formal_charge 
_atom_site.auth_seq_id 
_atom_site.auth_comp_id 
_atom_site.auth_asym_id 
_atom_site.auth_atom_id 
_atom_site.pdbx_PDB_model_num 
ATOM   1   N  N   . ASP A 1 3  ? -5.681  13.029  12.542  1.00 58.61 ? 3   ASP A N   1 
ATOM   2   C  CA  . ASP A 1 3  ? -6.192  11.676  12.896  1.00 57.15 ? 3   ASP A CA  1 
ATOM   3   C  C   . ASP A 1 3  ? -5.055  10.641  12.995  1.00 55.41 ? 3   ASP A C   1 
ATOM   4   O  O   . ASP A 1 3  ? -4.323  10.622  13.989  1.00 57.15 ? 3   ASP A O   1 
ATOM   5   C  CB  . ASP A 1 3  ? -7.261  11.238  11.886  1.00 55.82 ? 3   ASP A CB  1 
ATOM   6   C  CG  . ASP A 1 3  ? -8.354  10.390  12.520  1.00 55.91 ? 3   ASP A CG  1 
ATOM   7   O  OD1 . ASP A 1 3  ? -9.542  10.786  12.448  1.00 56.98 ? 3   ASP A OD1 1 
ATOM   8   O  OD2 . ASP A 1 3  ? -8.021  9.335   13.100  1.00 55.11 ? 3   ASP A OD2 1 
ATOM   9   N  N   . ARG A 1 4  ? -4.895  9.814   11.958  1.00 52.27 ? 4   ARG A N   1 
ATOM   10  C  CA  . ARG A 1 4  ? -4.024  8.620   11.993  1.00 49.40 ? 4   ARG A CA  1 
ATOM   11  C  C   . ARG A 1 4  ? -2.541  8.870   11.666  1.00 48.57 ? 4   ARG A C   1 
ATOM   12  O  O   . ARG A 1 4  ? -2.211  9.796   10.931  1.00 49.40 ? 4   ARG A O   1 
ATOM   13  C  CB  . ARG A 1 4  ? -4.595  7.539   11.082  1.00 47.12 ? 4   ARG A CB  1 
ATOM   14  N  N   . LYS A 1 5  ? -1.659  8.016   12.191  1.00 47.02 ? 5   LYS A N   1 
ATOM   15  C  CA  . LYS A 1 5  ? -0.203  8.228   12.113  1.00 46.55 ? 5   LYS A CA  1 
ATOM   16  C  C   . LYS A 1 5  ? 0.537   7.333   11.116  1.00 43.74 ? 5   LYS A C   1 
ATOM   17  O  O   . LYS A 1 5  ? 0.678   6.130   11.353  1.00 42.75 ? 5   LYS A O   1 
ATOM   18  C  CB  . LYS A 1 5  ? 0.409   8.039   13.500  1.00 48.50 ? 5   LYS A CB  1 
ATOM   19  C  CG  . LYS A 1 5  ? 1.862   7.597   13.497  1.00 48.67 ? 5   LYS A CG  1 
ATOM   20  C  CD  . LYS A 1 5  ? 2.516   7.870   14.842  1.00 51.22 ? 5   LYS A CD  1 
ATOM   21  C  CE  . LYS A 1 5  ? 3.435   6.740   15.261  1.00 50.71 ? 5   LYS A CE  1 
ATOM   22  N  NZ  . LYS A 1 5  ? 3.936   6.986   16.632  1.00 53.47 ? 5   LYS A NZ  1 
ATOM   23  N  N   . ALA A 1 6  ? 1.041   7.925   10.029  1.00 42.24 ? 6   ALA A N   1 
ATOM   24  C  CA  . ALA A 1 6  ? 1.661   7.158   8.937   1.00 39.61 ? 6   ALA A CA  1 
ATOM   25  C  C   . ALA A 1 6  ? 3.096   6.726   9.223   1.00 39.97 ? 6   ALA A C   1 
ATOM   26  O  O   . ALA A 1 6  ? 3.975   7.559   9.373   1.00 41.86 ? 6   ALA A O   1 
ATOM   27  C  CB  . ALA A 1 6  ? 1.598   7.934   7.629   1.00 38.79 ? 6   ALA A CB  1 
ATOM   28  N  N   . VAL A 1 7  ? 3.330   5.418   9.283   1.00 38.84 ? 7   VAL A N   1 
ATOM   29  C  CA  . VAL A 1 7  ? 4.672   4.882   9.520   1.00 39.32 ? 7   VAL A CA  1 
ATOM   30  C  C   . VAL A 1 7  ? 5.103   3.943   8.398   1.00 37.64 ? 7   VAL A C   1 
ATOM   31  O  O   . VAL A 1 7  ? 4.449   2.930   8.139   1.00 35.75 ? 7   VAL A O   1 
ATOM   32  C  CB  . VAL A 1 7  ? 4.743   4.098   10.837  1.00 40.28 ? 7   VAL A CB  1 
ATOM   33  C  CG1 . VAL A 1 7  ? 6.121   3.440   10.994  1.00 40.92 ? 7   VAL A CG1 1 
ATOM   34  C  CG2 . VAL A 1 7  ? 4.415   5.005   12.021  1.00 42.46 ? 7   VAL A CG2 1 
ATOM   35  N  N   . ILE A 1 8  ? 6.209   4.275   7.738   1.00 37.90 ? 8   ILE A N   1 
ATOM   36  C  CA  . ILE A 1 8  ? 6.697   3.452   6.639   1.00 36.15 ? 8   ILE A CA  1 
ATOM   37  C  C   . ILE A 1 8  ? 7.685   2.424   7.175   1.00 36.45 ? 8   ILE A C   1 
ATOM   38  O  O   . ILE A 1 8  ? 8.606   2.772   7.913   1.00 38.20 ? 8   ILE A O   1 
ATOM   39  C  CB  . ILE A 1 8  ? 7.294   4.297   5.503   1.00 36.30 ? 8   ILE A CB  1 
ATOM   40  C  CG1 . ILE A 1 8  ? 6.292   5.381   5.092   1.00 36.83 ? 8   ILE A CG1 1 
ATOM   41  C  CG2 . ILE A 1 8  ? 7.647   3.427   4.319   1.00 34.66 ? 8   ILE A CG2 1 
ATOM   42  C  CD1 . ILE A 1 8  ? 6.558   6.029   3.729   1.00 37.30 ? 8   ILE A CD1 1 
ATOM   43  N  N   . LYS A 1 9  ? 7.466   1.157   6.818   1.00 34.95 ? 9   LYS A N   1 
ATOM   44  C  CA  . LYS A 1 9  ? 8.197   0.042   7.406   1.00 35.02 ? 9   LYS A CA  1 
ATOM   45  C  C   . LYS A 1 9  ? 9.215   -0.503  6.426   1.00 35.40 ? 9   LYS A C   1 
ATOM   46  O  O   . LYS A 1 9  ? 10.319  -0.901  6.807   1.00 37.03 ? 9   LYS A O   1 
ATOM   47  C  CB  . LYS A 1 9  ? 7.229   -1.064  7.830   1.00 33.76 ? 9   LYS A CB  1 
ATOM   48  C  CG  . LYS A 1 9  ? 6.318   -0.677  8.978   1.00 34.23 ? 9   LYS A CG  1 
ATOM   49  C  CD  . LYS A 1 9  ? 7.029   -0.767  10.327  1.00 36.41 ? 9   LYS A CD  1 
ATOM   50  C  CE  . LYS A 1 9  ? 6.200   -0.101  11.429  1.00 37.89 ? 9   LYS A CE  1 
ATOM   51  N  NZ  . LYS A 1 9  ? 6.439   -0.649  12.802  1.00 39.84 ? 9   LYS A NZ  1 
ATOM   52  N  N   . ASN A 1 10 ? 8.840   -0.519  5.156   1.00 34.21 ? 10  ASN A N   1 
ATOM   53  C  CA  . ASN A 1 10 ? 9.735   -0.973  4.115   1.00 34.69 ? 10  ASN A CA  1 
ATOM   54  C  C   . ASN A 1 10 ? 9.279   -0.309  2.841   1.00 34.33 ? 10  ASN A C   1 
ATOM   55  O  O   . ASN A 1 10 ? 8.102   -0.347  2.503   1.00 32.77 ? 10  ASN A O   1 
ATOM   56  C  CB  . ASN A 1 10 ? 9.697   -2.504  3.989   1.00 34.35 ? 10  ASN A CB  1 
ATOM   57  C  CG  . ASN A 1 10 ? 10.821  -3.060  3.105   1.00 35.26 ? 10  ASN A CG  1 
ATOM   58  O  OD1 . ASN A 1 10 ? 11.745  -2.345  2.726   1.00 36.46 ? 10  ASN A OD1 1 
ATOM   59  N  ND2 . ASN A 1 10 ? 10.739  -4.347  2.781   1.00 34.89 ? 10  ASN A ND2 1 
ATOM   60  N  N   . ALA A 1 11 ? 10.201  0.331   2.144   1.00 35.94 ? 11  ALA A N   1 
ATOM   61  C  CA  . ALA A 1 11 ? 9.825   1.015   0.930   1.00 36.70 ? 11  ALA A CA  1 
ATOM   62  C  C   . ALA A 1 11 ? 10.884  0.879   -0.161  1.00 38.42 ? 11  ALA A C   1 
ATOM   63  O  O   . ALA A 1 11 ? 12.073  0.972   0.109   1.00 40.28 ? 11  ALA A O   1 
ATOM   64  C  CB  . ALA A 1 11 ? 9.538   2.471   1.234   1.00 37.21 ? 11  ALA A CB  1 
ATOM   65  N  N   . ASP A 1 12 ? 10.434  0.620   -1.384  1.00 38.78 ? 12  ASP A N   1 
ATOM   66  C  CA  . ASP A 1 12 ? 11.267  0.713   -2.578  1.00 40.88 ? 12  ASP A CA  1 
ATOM   67  C  C   . ASP A 1 12 ? 10.454  1.456   -3.632  1.00 41.55 ? 12  ASP A C   1 
ATOM   68  O  O   . ASP A 1 12 ? 9.745   0.845   -4.445  1.00 40.69 ? 12  ASP A O   1 
ATOM   69  C  CB  . ASP A 1 12 ? 11.658  -0.669  -3.096  1.00 41.29 ? 12  ASP A CB  1 
ATOM   70  C  CG  . ASP A 1 12 ? 12.321  -0.608  -4.467  1.00 43.47 ? 12  ASP A CG  1 
ATOM   71  O  OD1 . ASP A 1 12 ? 13.007  0.403   -4.758  1.00 45.71 ? 12  ASP A OD1 1 
ATOM   72  O  OD2 . ASP A 1 12 ? 12.152  -1.567  -5.256  1.00 43.50 ? 12  ASP A OD2 1 
ATOM   73  N  N   . MET A 1 13 ? 10.559  2.778   -3.616  1.00 42.80 ? 13  MET A N   1 
ATOM   74  C  CA  . MET A 1 13 ? 9.599   3.594   -4.320  1.00 43.08 ? 13  MET A CA  1 
ATOM   75  C  C   . MET A 1 13 ? 10.048  5.046   -4.231  1.00 45.67 ? 13  MET A C   1 
ATOM   76  O  O   . MET A 1 13 ? 10.563  5.480   -3.199  1.00 45.72 ? 13  MET A O   1 
ATOM   77  C  CB  . MET A 1 13 ? 8.240   3.393   -3.650  1.00 40.78 ? 13  MET A CB  1 
ATOM   78  C  CG  . MET A 1 13 ? 7.068   4.155   -4.229  1.00 40.55 ? 13  MET A CG  1 
ATOM   79  S  SD  . MET A 1 13 ? 5.574   3.772   -3.290  1.00 38.43 ? 13  MET A SD  1 
ATOM   80  C  CE  . MET A 1 13 ? 4.997   2.293   -4.128  1.00 36.75 ? 13  MET A CE  1 
ATOM   81  N  N   . SER A 1 14 ? 9.869   5.787   -5.320  1.00 48.01 ? 14  SER A N   1 
ATOM   82  C  CA  . SER A 1 14 ? 10.154  7.214   -5.324  1.00 51.14 ? 14  SER A CA  1 
ATOM   83  C  C   . SER A 1 14 ? 9.600   7.875   -4.055  1.00 51.62 ? 14  SER A C   1 
ATOM   84  O  O   . SER A 1 14 ? 8.479   7.582   -3.638  1.00 49.64 ? 14  SER A O   1 
ATOM   85  C  CB  . SER A 1 14 ? 9.566   7.846   -6.580  1.00 52.50 ? 14  SER A CB  1 
ATOM   86  O  OG  . SER A 1 14 ? 8.956   9.083   -6.285  1.00 54.08 ? 14  SER A OG  1 
ATOM   87  N  N   . GLU A 1 15 ? 10.394  8.756   -3.438  1.00 54.90 ? 15  GLU A N   1 
ATOM   88  C  CA  . GLU A 1 15 ? 10.016  9.396   -2.165  1.00 56.07 ? 15  GLU A CA  1 
ATOM   89  C  C   . GLU A 1 15 ? 8.709   10.172  -2.280  1.00 56.71 ? 15  GLU A C   1 
ATOM   90  O  O   . GLU A 1 15 ? 8.027   10.431  -1.284  1.00 56.33 ? 15  GLU A O   1 
ATOM   91  C  CB  . GLU A 1 15 ? 11.127  10.315  -1.641  1.00 58.84 ? 15  GLU A CB  1 
ATOM   92  C  CG  . GLU A 1 15 ? 12.393  9.582   -1.175  1.00 60.05 ? 15  GLU A CG  1 
ATOM   93  C  CD  . GLU A 1 15 ? 13.522  9.618   -2.207  1.00 62.23 ? 15  GLU A CD  1 
ATOM   94  O  OE1 . GLU A 1 15 ? 13.894  10.736  -2.637  1.00 64.96 ? 15  GLU A OE1 1 
ATOM   95  O  OE2 . GLU A 1 15 ? 14.043  8.537   -2.578  1.00 61.22 ? 15  GLU A OE2 1 
ATOM   96  N  N   . GLU A 1 16 ? 8.363   10.529  -3.512  1.00 58.15 ? 16  GLU A N   1 
ATOM   97  C  CA  . GLU A 1 16 ? 7.151   11.278  -3.780  1.00 58.81 ? 16  GLU A CA  1 
ATOM   98  C  C   . GLU A 1 16 ? 5.935   10.358  -3.847  1.00 55.73 ? 16  GLU A C   1 
ATOM   99  O  O   . GLU A 1 16 ? 4.893   10.663  -3.272  1.00 54.85 ? 16  GLU A O   1 
ATOM   100 C  CB  . GLU A 1 16 ? 7.303   12.045  -5.086  1.00 62.15 ? 16  GLU A CB  1 
ATOM   101 C  CG  . GLU A 1 16 ? 6.386   13.226  -5.178  1.00 65.15 ? 16  GLU A CG  1 
ATOM   102 C  CD  . GLU A 1 16 ? 6.296   13.774  -6.586  1.00 68.32 ? 16  GLU A CD  1 
ATOM   103 O  OE1 . GLU A 1 16 ? 7.350   14.176  -7.150  1.00 70.34 ? 16  GLU A OE1 1 
ATOM   104 O  OE2 . GLU A 1 16 ? 5.157   13.804  -7.117  1.00 68.73 ? 16  GLU A OE2 1 
ATOM   105 N  N   . MET A 1 17 ? 6.081   9.237   -4.552  1.00 53.94 ? 17  MET A N   1 
ATOM   106 C  CA  . MET A 1 17 ? 5.033   8.223   -4.648  1.00 51.34 ? 17  MET A CA  1 
ATOM   107 C  C   . MET A 1 17 ? 4.681   7.642   -3.292  1.00 49.24 ? 17  MET A C   1 
ATOM   108 O  O   . MET A 1 17 ? 3.603   7.080   -3.109  1.00 47.66 ? 17  MET A O   1 
ATOM   109 C  CB  . MET A 1 17 ? 5.470   7.079   -5.546  1.00 50.81 ? 17  MET A CB  1 
ATOM   110 C  CG  . MET A 1 17 ? 5.426   7.371   -7.016  1.00 52.85 ? 17  MET A CG  1 
ATOM   111 S  SD  . MET A 1 17 ? 5.699   5.830   -7.906  1.00 52.61 ? 17  MET A SD  1 
ATOM   112 C  CE  . MET A 1 17 ? 4.669   4.734   -6.934  1.00 49.36 ? 17  MET A CE  1 
ATOM   113 N  N   . GLN A 1 18 ? 5.606   7.751   -2.350  1.00 49.45 ? 18  GLN A N   1 
ATOM   114 C  CA  . GLN A 1 18 ? 5.347   7.305   -0.996  1.00 48.29 ? 18  GLN A CA  1 
ATOM   115 C  C   . GLN A 1 18 ? 4.336   8.223   -0.322  1.00 48.70 ? 18  GLN A C   1 
ATOM   116 O  O   . GLN A 1 18 ? 3.269   7.773   0.075   1.00 47.84 ? 18  GLN A O   1 
ATOM   117 C  CB  . GLN A 1 18 ? 6.642   7.224   -0.192  1.00 48.78 ? 18  GLN A CB  1 
ATOM   118 C  CG  . GLN A 1 18 ? 7.687   6.371   -0.858  1.00 48.64 ? 18  GLN A CG  1 
ATOM   119 C  CD  . GLN A 1 18 ? 8.702   5.821   0.114   1.00 48.82 ? 18  GLN A CD  1 
ATOM   120 O  OE1 . GLN A 1 18 ? 8.513   5.871   1.326   1.00 48.75 ? 18  GLN A OE1 1 
ATOM   121 N  NE2 . GLN A 1 18 ? 9.789   5.283   -0.415  1.00 49.59 ? 18  GLN A NE2 1 
ATOM   122 N  N   . GLN A 1 19 ? 4.664   9.506   -0.202  1.00 50.74 ? 19  GLN A N   1 
ATOM   123 C  CA  . GLN A 1 19 ? 3.721   10.475  0.340   1.00 51.57 ? 19  GLN A CA  1 
ATOM   124 C  C   . GLN A 1 19 ? 2.411   10.426  -0.446  1.00 50.60 ? 19  GLN A C   1 
ATOM   125 O  O   . GLN A 1 19 ? 1.353   10.811  0.055   1.00 50.49 ? 19  GLN A O   1 
ATOM   126 C  CB  . GLN A 1 19 ? 4.308   11.889  0.304   1.00 54.78 ? 19  GLN A CB  1 
ATOM   127 C  CG  . GLN A 1 19 ? 3.353   12.958  0.812   1.00 56.81 ? 19  GLN A CG  1 
ATOM   128 C  CD  . GLN A 1 19 ? 3.066   12.832  2.307   1.00 57.23 ? 19  GLN A CD  1 
ATOM   129 O  OE1 . GLN A 1 19 ? 3.917   13.157  3.144   1.00 58.76 ? 19  GLN A OE1 1 
ATOM   130 N  NE2 . GLN A 1 19 ? 1.860   12.365  2.650   1.00 55.72 ? 19  GLN A NE2 1 
ATOM   131 N  N   . ASP A 1 20 ? 2.495   9.940   -1.680  1.00 49.87 ? 20  ASP A N   1 
ATOM   132 C  CA  . ASP A 1 20 ? 1.330   9.813   -2.533  1.00 49.45 ? 20  ASP A CA  1 
ATOM   133 C  C   . ASP A 1 20 ? 0.527   8.612   -2.086  1.00 46.42 ? 20  ASP A C   1 
ATOM   134 O  O   . ASP A 1 20 ? -0.687  8.677   -1.985  1.00 46.32 ? 20  ASP A O   1 
ATOM   135 C  CB  . ASP A 1 20 ? 1.755   9.638   -3.991  1.00 51.49 ? 20  ASP A CB  1 
ATOM   136 C  CG  . ASP A 1 20 ? 0.703   10.129  -4.983  1.00 53.76 ? 20  ASP A CG  1 
ATOM   137 O  OD1 . ASP A 1 20 ? -0.023  11.107  -4.669  1.00 55.45 ? 20  ASP A OD1 1 
ATOM   138 O  OD2 . ASP A 1 20 ? 0.615   9.544   -6.089  1.00 54.31 ? 20  ASP A OD2 1 
ATOM   139 N  N   . ALA A 1 21 ? 1.220   7.516   -1.813  1.00 44.44 ? 21  ALA A N   1 
ATOM   140 C  CA  . ALA A 1 21 ? 0.582   6.303   -1.325  1.00 41.99 ? 21  ALA A CA  1 
ATOM   141 C  C   . ALA A 1 21 ? -0.092  6.520   0.022   1.00 41.63 ? 21  ALA A C   1 
ATOM   142 O  O   . ALA A 1 21 ? -1.137  5.938   0.297   1.00 40.51 ? 21  ALA A O   1 
ATOM   143 C  CB  . ALA A 1 21 ? 1.590   5.178   -1.238  1.00 41.09 ? 21  ALA A CB  1 
ATOM   144 N  N   . VAL A 1 22 ? 0.501   7.355   0.866   1.00 43.18 ? 22  VAL A N   1 
ATOM   145 C  CA  . VAL A 1 22 ? -0.136  7.698   2.132   1.00 44.14 ? 22  VAL A CA  1 
ATOM   146 C  C   . VAL A 1 22 ? -1.416  8.500   1.889   1.00 46.02 ? 22  VAL A C   1 
ATOM   147 O  O   . VAL A 1 22 ? -2.445  8.231   2.517   1.00 46.36 ? 22  VAL A O   1 
ATOM   148 C  CB  . VAL A 1 22 ? 0.798   8.460   3.082   1.00 45.23 ? 22  VAL A CB  1 
ATOM   149 C  CG1 . VAL A 1 22 ? 0.111   8.691   4.403   1.00 45.59 ? 22  VAL A CG1 1 
ATOM   150 C  CG2 . VAL A 1 22 ? 2.086   7.683   3.305   1.00 44.81 ? 22  VAL A CG2 1 
ATOM   151 N  N   . ASP A 1 23 ? -1.365  9.461   0.966   1.00 47.94 ? 23  ASP A N   1 
ATOM   152 C  CA  . ASP A 1 23 ? -2.557  10.243  0.595   1.00 49.58 ? 23  ASP A CA  1 
ATOM   153 C  C   . ASP A 1 23 ? -3.737  9.398   0.132   1.00 48.08 ? 23  ASP A C   1 
ATOM   154 O  O   . ASP A 1 23 ? -4.865  9.564   0.614   1.00 48.38 ? 23  ASP A O   1 
ATOM   155 C  CB  . ASP A 1 23 ? -2.216  11.234  -0.508  1.00 52.16 ? 23  ASP A CB  1 
ATOM   156 C  CG  . ASP A 1 23 ? -1.429  12.390  0.002   1.00 55.10 ? 23  ASP A CG  1 
ATOM   157 O  OD1 . ASP A 1 23 ? -1.283  12.480  1.243   1.00 55.63 ? 23  ASP A OD1 1 
ATOM   158 O  OD2 . ASP A 1 23 ? -0.952  13.198  -0.822  1.00 57.28 ? 23  ASP A OD2 1 
ATOM   159 N  N   . CYS A 1 24 ? -3.458  8.511   -0.820  1.00 46.43 ? 24  CYS A N   1 
ATOM   160 C  CA  A CYS A 1 24 ? -4.460  7.632   -1.392  0.70 45.22 ? 24  CYS A CA  1 
ATOM   161 C  CA  B CYS A 1 24 ? -4.472  7.632   -1.391  0.30 45.30 ? 24  CYS A CA  1 
ATOM   162 C  C   . CYS A 1 24 ? -5.067  6.724   -0.326  1.00 43.89 ? 24  CYS A C   1 
ATOM   163 O  O   . CYS A 1 24 ? -6.247  6.365   -0.391  1.00 43.52 ? 24  CYS A O   1 
ATOM   164 C  CB  A CYS A 1 24 ? -3.823  6.796   -2.493  0.70 44.63 ? 24  CYS A CB  1 
ATOM   165 C  CB  B CYS A 1 24 ? -3.878  6.788   -2.517  0.30 44.70 ? 24  CYS A CB  1 
ATOM   166 S  SG  A CYS A 1 24 ? -4.989  5.868   -3.468  0.70 44.59 ? 24  CYS A SG  1 
ATOM   167 S  SG  B CYS A 1 24 ? -3.211  7.746   -3.890  0.30 46.67 ? 24  CYS A SG  1 
ATOM   168 N  N   . ALA A 1 25 ? -4.247  6.355   0.654   1.00 42.93 ? 25  ALA A N   1 
ATOM   169 C  CA  . ALA A 1 25 ? -4.713  5.533   1.760   1.00 41.56 ? 25  ALA A CA  1 
ATOM   170 C  C   . ALA A 1 25 ? -5.472  6.379   2.781   1.00 42.67 ? 25  ALA A C   1 
ATOM   171 O  O   . ALA A 1 25 ? -6.506  5.952   3.288   1.00 42.72 ? 25  ALA A O   1 
ATOM   172 C  CB  . ALA A 1 25 ? -3.557  4.808   2.417   1.00 40.56 ? 25  ALA A CB  1 
ATOM   173 N  N   . THR A 1 26 ? -4.977  7.577   3.082   1.00 43.88 ? 26  THR A N   1 
ATOM   174 C  CA  . THR A 1 26 ? -5.661  8.414   4.067   1.00 44.99 ? 26  THR A CA  1 
ATOM   175 C  C   . THR A 1 26 ? -7.056  8.784   3.583   1.00 45.50 ? 26  THR A C   1 
ATOM   176 O  O   . THR A 1 26 ? -8.009  8.809   4.363   1.00 46.06 ? 26  THR A O   1 
ATOM   177 C  CB  . THR A 1 26 ? -4.864  9.667   4.446   1.00 46.49 ? 26  THR A CB  1 
ATOM   178 O  OG1 . THR A 1 26 ? -3.742  9.280   5.245   1.00 46.26 ? 26  THR A OG1 1 
ATOM   179 C  CG2 . THR A 1 26 ? -5.721  10.605  5.275   1.00 48.50 ? 26  THR A CG2 1 
ATOM   180 N  N   . GLN A 1 27 ? -7.175  9.043   2.290   1.00 45.47 ? 27  GLN A N   1 
ATOM   181 C  CA  . GLN A 1 27 ? -8.475  9.284   1.713   1.00 46.45 ? 27  GLN A CA  1 
ATOM   182 C  C   . GLN A 1 27 ? -9.329  8.041   1.764   1.00 44.86 ? 27  GLN A C   1 
ATOM   183 O  O   . GLN A 1 27 ? -10.539 8.126   1.979   1.00 45.76 ? 27  GLN A O   1 
ATOM   184 C  CB  . GLN A 1 27 ? -8.342  9.738   0.276   1.00 48.12 ? 27  GLN A CB  1 
ATOM   185 C  CG  . GLN A 1 27 ? -8.204  11.228  0.140   1.00 51.46 ? 27  GLN A CG  1 
ATOM   186 C  CD  . GLN A 1 27 ? -7.940  11.629  -1.283  1.00 53.02 ? 27  GLN A CD  1 
ATOM   187 O  OE1 . GLN A 1 27 ? -8.722  12.377  -1.880  1.00 55.31 ? 27  GLN A OE1 1 
ATOM   188 N  NE2 . GLN A 1 27 ? -6.837  11.121  -1.851  1.00 51.81 ? 27  GLN A NE2 1 
ATOM   189 N  N   . ALA A 1 28 ? -8.694  6.892   1.561   1.00 42.61 ? 28  ALA A N   1 
ATOM   190 C  CA  . ALA A 1 28 ? -9.408  5.623   1.551   1.00 41.13 ? 28  ALA A CA  1 
ATOM   191 C  C   . ALA A 1 28 ? -9.902  5.266   2.940   1.00 40.98 ? 28  ALA A C   1 
ATOM   192 O  O   . ALA A 1 28 ? -10.962 4.677   3.097   1.00 41.23 ? 28  ALA A O   1 
ATOM   193 C  CB  . ALA A 1 28 ? -8.535  4.521   0.999   1.00 39.40 ? 28  ALA A CB  1 
ATOM   194 N  N   . LEU A 1 29 ? -9.129  5.619   3.952   1.00 41.49 ? 29  LEU A N   1 
ATOM   195 C  CA  . LEU A 1 29 ? -9.522  5.313   5.313   1.00 42.29 ? 29  LEU A CA  1 
ATOM   196 C  C   . LEU A 1 29 ? -10.634 6.247   5.726   1.00 44.21 ? 29  LEU A C   1 
ATOM   197 O  O   . LEU A 1 29 ? -11.536 5.853   6.466   1.00 45.39 ? 29  LEU A O   1 
ATOM   198 C  CB  . LEU A 1 29 ? -8.347  5.457   6.277   1.00 42.65 ? 29  LEU A CB  1 
ATOM   199 C  CG  . LEU A 1 29 ? -7.578  4.196   6.647   1.00 41.50 ? 29  LEU A CG  1 
ATOM   200 C  CD1 . LEU A 1 29 ? -6.597  4.516   7.759   1.00 42.71 ? 29  LEU A CD1 1 
ATOM   201 C  CD2 . LEU A 1 29 ? -8.545  3.140   7.108   1.00 41.46 ? 29  LEU A CD2 1 
ATOM   202 N  N   . GLU A 1 30 ? -10.564 7.490   5.258   1.00 45.05 ? 30  GLU A N   1 
ATOM   203 C  CA  . GLU A 1 30 ? -11.600 8.465   5.577   1.00 46.64 ? 30  GLU A CA  1 
ATOM   204 C  C   . GLU A 1 30 ? -12.927 8.052   4.924   1.00 46.57 ? 30  GLU A C   1 
ATOM   205 O  O   . GLU A 1 30 ? -13.992 8.175   5.534   1.00 47.59 ? 30  GLU A O   1 
ATOM   206 C  CB  . GLU A 1 30 ? -11.178 9.885   5.157   1.00 47.86 ? 30  GLU A CB  1 
ATOM   207 N  N   . LYS A 1 31 ? -12.857 7.525   3.704   1.00 45.15 ? 31  LYS A N   1 
ATOM   208 C  CA  . LYS A 1 31 ? -14.062 7.127   2.974   1.00 45.72 ? 31  LYS A CA  1 
ATOM   209 C  C   . LYS A 1 31 ? -14.656 5.750   3.376   1.00 45.33 ? 31  LYS A C   1 
ATOM   210 O  O   . LYS A 1 31 ? -15.809 5.663   3.815   1.00 46.22 ? 31  LYS A O   1 
ATOM   211 C  CB  . LYS A 1 31 ? -13.807 7.194   1.465   1.00 45.24 ? 31  LYS A CB  1 
ATOM   212 C  CG  . LYS A 1 31 ? -14.941 6.650   0.621   1.00 45.90 ? 31  LYS A CG  1 
ATOM   213 C  CD  . LYS A 1 31 ? -14.748 6.961   -0.845  1.00 46.61 ? 31  LYS A CD  1 
ATOM   214 C  CE  . LYS A 1 31 ? -15.819 6.277   -1.681  1.00 47.86 ? 31  LYS A CE  1 
ATOM   215 N  NZ  . LYS A 1 31 ? -15.752 6.682   -3.117  1.00 49.47 ? 31  LYS A NZ  1 
ATOM   216 N  N   . TYR A 1 32 ? -13.866 4.690   3.224   1.00 43.96 ? 32  TYR A N   1 
ATOM   217 C  CA  . TYR A 1 32 ? -14.324 3.322   3.454   1.00 43.20 ? 32  TYR A CA  1 
ATOM   218 C  C   . TYR A 1 32 ? -14.030 2.802   4.862   1.00 42.88 ? 32  TYR A C   1 
ATOM   219 O  O   . TYR A 1 32 ? -13.224 3.380   5.588   1.00 43.02 ? 32  TYR A O   1 
ATOM   220 C  CB  . TYR A 1 32 ? -13.683 2.403   2.418   1.00 42.59 ? 32  TYR A CB  1 
ATOM   221 C  CG  . TYR A 1 32 ? -14.211 2.642   1.031   1.00 43.55 ? 32  TYR A CG  1 
ATOM   222 C  CD1 . TYR A 1 32 ? -15.444 2.127   0.652   1.00 44.71 ? 32  TYR A CD1 1 
ATOM   223 C  CD2 . TYR A 1 32 ? -13.489 3.392   0.097   1.00 43.69 ? 32  TYR A CD2 1 
ATOM   224 C  CE1 . TYR A 1 32 ? -15.957 2.338   -0.613  1.00 45.90 ? 32  TYR A CE1 1 
ATOM   225 C  CE2 . TYR A 1 32 ? -13.993 3.610   -1.185  1.00 44.86 ? 32  TYR A CE2 1 
ATOM   226 C  CZ  . TYR A 1 32 ? -15.236 3.078   -1.527  1.00 46.10 ? 32  TYR A CZ  1 
ATOM   227 O  OH  . TYR A 1 32 ? -15.783 3.268   -2.777  1.00 47.41 ? 32  TYR A OH  1 
ATOM   228 N  N   . ASN A 1 33 ? -14.684 1.703   5.238   1.00 42.75 ? 33  ASN A N   1 
ATOM   229 C  CA  . ASN A 1 33 ? -14.438 1.047   6.526   1.00 42.34 ? 33  ASN A CA  1 
ATOM   230 C  C   . ASN A 1 33 ? -13.915 -0.374  6.436   1.00 40.94 ? 33  ASN A C   1 
ATOM   231 O  O   . ASN A 1 33 ? -12.988 -0.726  7.145   1.00 41.46 ? 33  ASN A O   1 
ATOM   232 C  CB  . ASN A 1 33 ? -15.688 1.032   7.379   1.00 44.38 ? 33  ASN A CB  1 
ATOM   233 C  CG  . ASN A 1 33 ? -15.827 2.265   8.205   1.00 46.25 ? 33  ASN A CG  1 
ATOM   234 O  OD1 . ASN A 1 33 ? -16.796 2.413   8.942   1.00 48.90 ? 33  ASN A OD1 1 
ATOM   235 N  ND2 . ASN A 1 33 ? -14.863 3.170   8.092   1.00 45.55 ? 33  ASN A ND2 1 
ATOM   236 N  N   . ILE A 1 34 ? -14.531 -1.201  5.600   1.00 39.79 ? 34  ILE A N   1 
ATOM   237 C  CA  . ILE A 1 34 ? -14.054 -2.563  5.388   1.00 37.73 ? 34  ILE A CA  1 
ATOM   238 C  C   . ILE A 1 34 ? -12.681 -2.552  4.695   1.00 35.80 ? 34  ILE A C   1 
ATOM   239 O  O   . ILE A 1 34 ? -12.435 -1.757  3.773   1.00 35.42 ? 34  ILE A O   1 
ATOM   240 C  CB  . ILE A 1 34 ? -15.058 -3.375  4.559   1.00 38.24 ? 34  ILE A CB  1 
ATOM   241 C  CG1 . ILE A 1 34 ? -16.487 -3.020  4.971   1.00 39.94 ? 34  ILE A CG1 1 
ATOM   242 C  CG2 . ILE A 1 34 ? -14.818 -4.852  4.738   1.00 38.25 ? 34  ILE A CG2 1 
ATOM   243 C  CD1 . ILE A 1 34 ? -16.765 -3.245  6.443   1.00 40.96 ? 34  ILE A CD1 1 
ATOM   244 N  N   . GLU A 1 35 ? -11.790 -3.431  5.150   1.00 34.00 ? 35  GLU A N   1 
ATOM   245 C  CA  . GLU A 1 35 ? -10.412 -3.462  4.668   1.00 31.90 ? 35  GLU A CA  1 
ATOM   246 C  C   . GLU A 1 35 ? -10.316 -3.806  3.196   1.00 30.63 ? 35  GLU A C   1 
ATOM   247 O  O   . GLU A 1 35 ? -9.465  -3.287  2.481   1.00 30.83 ? 35  GLU A O   1 
ATOM   248 C  CB  . GLU A 1 35 ? -9.596  -4.457  5.479   1.00 32.13 ? 35  GLU A CB  1 
ATOM   249 C  CG  . GLU A 1 35 ? -9.365  -3.998  6.899   1.00 33.81 ? 35  GLU A CG  1 
ATOM   250 C  CD  . GLU A 1 35 ? -8.957  -5.131  7.814   1.00 34.88 ? 35  GLU A CD  1 
ATOM   251 O  OE1 . GLU A 1 35 ? -9.069  -6.304  7.380   1.00 34.65 ? 35  GLU A OE1 1 
ATOM   252 O  OE2 . GLU A 1 35 ? -8.526  -4.840  8.959   1.00 35.97 ? 35  GLU A OE2 1 
ATOM   253 N  N   . LYS A 1 36 ? -11.185 -4.696  2.753   1.00 29.79 ? 36  LYS A N   1 
ATOM   254 C  CA  . LYS A 1 36 ? -11.283 -5.037  1.355   1.00 28.92 ? 36  LYS A CA  1 
ATOM   255 C  C   . LYS A 1 36 ? -11.576 -3.796  0.526   1.00 28.49 ? 36  LYS A C   1 
ATOM   256 O  O   . LYS A 1 36 ? -11.029 -3.625  -0.556  1.00 28.17 ? 36  LYS A O   1 
ATOM   257 C  CB  . LYS A 1 36 ? -12.401 -6.059  1.181   1.00 30.56 ? 36  LYS A CB  1 
ATOM   258 C  CG  . LYS A 1 36 ? -13.024 -6.103  -0.196  1.00 31.49 ? 36  LYS A CG  1 
ATOM   259 C  CD  . LYS A 1 36 ? -14.222 -7.032  -0.202  1.00 32.95 ? 36  LYS A CD  1 
ATOM   260 C  CE  . LYS A 1 36 ? -15.341 -6.492  0.653   1.00 33.88 ? 36  LYS A CE  1 
ATOM   261 N  NZ  . LYS A 1 36 ? -16.435 -7.490  0.779   1.00 36.31 ? 36  LYS A NZ  1 
ATOM   262 N  N   . ASP A 1 37 ? -12.442 -2.930  1.043   1.00 28.63 ? 37  ASP A N   1 
ATOM   263 C  CA  . ASP A 1 37 ? -12.906 -1.761  0.298   1.00 28.54 ? 37  ASP A CA  1 
ATOM   264 C  C   . ASP A 1 37 ? -11.817 -0.712  0.208   1.00 27.53 ? 37  ASP A C   1 
ATOM   265 O  O   . ASP A 1 37 ? -11.493 -0.235  -0.885  1.00 27.66 ? 37  ASP A O   1 
ATOM   266 C  CB  . ASP A 1 37 ? -14.165 -1.173  0.941   1.00 29.75 ? 37  ASP A CB  1 
ATOM   267 C  CG  . ASP A 1 37 ? -15.441 -1.897  0.508   1.00 31.06 ? 37  ASP A CG  1 
ATOM   268 O  OD1 . ASP A 1 37 ? -15.373 -2.833  -0.324  1.00 31.00 ? 37  ASP A OD1 1 
ATOM   269 O  OD2 . ASP A 1 37 ? -16.522 -1.521  0.999   1.00 32.07 ? 37  ASP A OD2 1 
ATOM   270 N  N   . ILE A 1 38 ? -11.262 -0.360  1.366   1.00 26.40 ? 38  ILE A N   1 
ATOM   271 C  CA  . ILE A 1 38 ? -10.081 0.491   1.455   1.00 25.17 ? 38  ILE A CA  1 
ATOM   272 C  C   . ILE A 1 38 ? -9.029  0.054   0.442   1.00 24.25 ? 38  ILE A C   1 
ATOM   273 O  O   . ILE A 1 38 ? -8.460  0.881   -0.262  1.00 24.49 ? 38  ILE A O   1 
ATOM   274 C  CB  . ILE A 1 38 ? -9.448  0.410   2.866   1.00 24.91 ? 38  ILE A CB  1 
ATOM   275 C  CG1 . ILE A 1 38 ? -10.434 0.899   3.932   1.00 26.20 ? 38  ILE A CG1 1 
ATOM   276 C  CG2 . ILE A 1 38 ? -8.155  1.196   2.934   1.00 24.33 ? 38  ILE A CG2 1 
ATOM   277 C  CD1 . ILE A 1 38 ? -10.113 0.401   5.344   1.00 26.23 ? 38  ILE A CD1 1 
ATOM   278 N  N   . ALA A 1 39 ? -8.783  -1.251  0.375   1.00 23.46 ? 39  ALA A N   1 
ATOM   279 C  CA  . ALA A 1 39 ? -7.753  -1.799  -0.499  1.00 22.97 ? 39  ALA A CA  1 
ATOM   280 C  C   . ALA A 1 39 ? -8.047  -1.581  -1.983  1.00 24.03 ? 39  ALA A C   1 
ATOM   281 O  O   . ALA A 1 39 ? -7.130  -1.293  -2.756  1.00 24.42 ? 39  ALA A O   1 
ATOM   282 C  CB  . ALA A 1 39 ? -7.525  -3.271  -0.206  1.00 22.42 ? 39  ALA A CB  1 
ATOM   283 N  N   . ALA A 1 40 ? -9.312  -1.703  -2.386  1.00 24.86 ? 40  ALA A N   1 
ATOM   284 C  CA  . ALA A 1 40 ? -9.669  -1.501  -3.793  1.00 25.53 ? 40  ALA A CA  1 
ATOM   285 C  C   . ALA A 1 40 ? -9.495  -0.050  -4.208  1.00 26.07 ? 40  ALA A C   1 
ATOM   286 O  O   . ALA A 1 40 ? -9.056  0.224   -5.320  1.00 26.74 ? 40  ALA A O   1 
ATOM   287 C  CB  . ALA A 1 40 ? -11.083 -1.974  -4.082  1.00 26.29 ? 40  ALA A CB  1 
ATOM   288 N  N   . TYR A 1 41 ? -9.829  0.874   -3.309  1.00 26.17 ? 41  TYR A N   1 
ATOM   289 C  CA  . TYR A 1 41 ? -9.694  2.306   -3.580  1.00 27.65 ? 41  TYR A CA  1 
ATOM   290 C  C   . TYR A 1 41 ? -8.247  2.663   -3.930  1.00 27.33 ? 41  TYR A C   1 
ATOM   291 O  O   . TYR A 1 41 ? -7.973  3.355   -4.914  1.00 28.09 ? 41  TYR A O   1 
ATOM   292 C  CB  . TYR A 1 41 ? -10.173 3.110   -2.365  1.00 28.99 ? 41  TYR A CB  1 
ATOM   293 C  CG  . TYR A 1 41 ? -9.969  4.611   -2.448  1.00 30.71 ? 41  TYR A CG  1 
ATOM   294 C  CD1 . TYR A 1 41 ? -10.949 5.451   -2.987  1.00 32.48 ? 41  TYR A CD1 1 
ATOM   295 C  CD2 . TYR A 1 41 ? -8.806  5.193   -1.966  1.00 31.04 ? 41  TYR A CD2 1 
ATOM   296 C  CE1 . TYR A 1 41 ? -10.765 6.824   -3.051  1.00 33.66 ? 41  TYR A CE1 1 
ATOM   297 C  CE2 . TYR A 1 41 ? -8.611  6.562   -2.028  1.00 32.69 ? 41  TYR A CE2 1 
ATOM   298 C  CZ  . TYR A 1 41 ? -9.592  7.375   -2.566  1.00 34.23 ? 41  TYR A CZ  1 
ATOM   299 O  OH  . TYR A 1 41 ? -9.357  8.742   -2.618  1.00 35.96 ? 41  TYR A OH  1 
ATOM   300 N  N   . ILE A 1 42 ? -7.324  2.168   -3.115  1.00 26.09 ? 42  ILE A N   1 
ATOM   301 C  CA  . ILE A 1 42 ? -5.924  2.471   -3.271  1.00 25.60 ? 42  ILE A CA  1 
ATOM   302 C  C   . ILE A 1 42 ? -5.426  1.820   -4.533  1.00 26.17 ? 42  ILE A C   1 
ATOM   303 O  O   . ILE A 1 42 ? -4.705  2.429   -5.319  1.00 26.74 ? 42  ILE A O   1 
ATOM   304 C  CB  . ILE A 1 42 ? -5.137  1.924   -2.094  1.00 24.28 ? 42  ILE A CB  1 
ATOM   305 C  CG1 . ILE A 1 42 ? -5.692  2.498   -0.796  1.00 24.40 ? 42  ILE A CG1 1 
ATOM   306 C  CG2 . ILE A 1 42 ? -3.684  2.268   -2.236  1.00 24.37 ? 42  ILE A CG2 1 
ATOM   307 C  CD1 . ILE A 1 42 ? -4.963  2.029   0.425   1.00 23.84 ? 42  ILE A CD1 1 
ATOM   308 N  N   . LYS A 1 43 ? -5.827  0.569   -4.722  1.00 26.14 ? 43  LYS A N   1 
ATOM   309 C  CA  . LYS A 1 43 ? -5.377  -0.205  -5.855  1.00 27.15 ? 43  LYS A CA  1 
ATOM   310 C  C   . LYS A 1 43 ? -5.767  0.533   -7.106  1.00 29.65 ? 43  LYS A C   1 
ATOM   311 O  O   . LYS A 1 43 ? -4.945  0.751   -7.981  1.00 30.56 ? 43  LYS A O   1 
ATOM   312 C  CB  . LYS A 1 43 ? -6.043  -1.575  -5.850  1.00 26.74 ? 43  LYS A CB  1 
ATOM   313 C  CG  . LYS A 1 43 ? -5.453  -2.588  -6.825  1.00 27.15 ? 43  LYS A CG  1 
ATOM   314 C  CD  . LYS A 1 43 ? -5.866  -2.360  -8.276  1.00 28.75 ? 43  LYS A CD  1 
ATOM   315 C  CE  . LYS A 1 43 ? -5.991  -3.708  -8.970  1.00 29.68 ? 43  LYS A CE  1 
ATOM   316 N  NZ  . LYS A 1 43 ? -5.330  -3.778  -10.300 1.00 31.17 ? 43  LYS A NZ  1 
ATOM   317 N  N   . LYS A 1 44 ? -7.034  0.921   -7.172  1.00 31.83 ? 44  LYS A N   1 
ATOM   318 C  CA  . LYS A 1 44 ? -7.604  1.493   -8.385  1.00 35.08 ? 44  LYS A CA  1 
ATOM   319 C  C   . LYS A 1 44 ? -6.974  2.829   -8.700  1.00 37.07 ? 44  LYS A C   1 
ATOM   320 O  O   . LYS A 1 44 ? -6.730  3.139   -9.861  1.00 38.84 ? 44  LYS A O   1 
ATOM   321 C  CB  . LYS A 1 44 ? -9.120  1.647   -8.261  1.00 35.38 ? 44  LYS A CB  1 
ATOM   322 C  CG  . LYS A 1 44 ? -9.902  0.401   -8.616  1.00 35.49 ? 44  LYS A CG  1 
ATOM   323 C  CD  . LYS A 1 44 ? -11.279 0.482   -8.008  1.00 36.06 ? 44  LYS A CD  1 
ATOM   324 C  CE  . LYS A 1 44 ? -12.157 -0.666  -8.434  1.00 37.03 ? 44  LYS A CE  1 
ATOM   325 N  NZ  . LYS A 1 44 ? -13.591 -0.346  -8.153  1.00 38.48 ? 44  LYS A NZ  1 
ATOM   326 N  N   . GLU A 1 45 ? -6.709  3.611   -7.661  1.00 37.66 ? 45  GLU A N   1 
ATOM   327 C  CA  . GLU A 1 45 ? -6.101  4.917   -7.837  1.00 40.63 ? 45  GLU A CA  1 
ATOM   328 C  C   . GLU A 1 45 ? -4.692  4.816   -8.411  1.00 41.53 ? 45  GLU A C   1 
ATOM   329 O  O   . GLU A 1 45 ? -4.314  5.594   -9.294  1.00 43.47 ? 45  GLU A O   1 
ATOM   330 C  CB  . GLU A 1 45 ? -6.096  5.682   -6.515  1.00 41.35 ? 45  GLU A CB  1 
ATOM   331 C  CG  . GLU A 1 45 ? -5.356  7.011   -6.570  1.00 44.26 ? 45  GLU A CG  1 
ATOM   332 C  CD  . GLU A 1 45 ? -6.152  8.172   -5.961  1.00 46.50 ? 45  GLU A CD  1 
ATOM   333 O  OE1 . GLU A 1 45 ? -7.418  8.131   -5.972  1.00 47.07 ? 45  GLU A OE1 1 
ATOM   334 O  OE2 . GLU A 1 45 ? -5.500  9.141   -5.495  1.00 47.61 ? 45  GLU A OE2 1 
ATOM   335 N  N   . PHE A 1 46 ? -3.918  3.853   -7.923  1.00 40.37 ? 46  PHE A N   1 
ATOM   336 C  CA  . PHE A 1 46 ? -2.570  3.663   -8.435  1.00 41.09 ? 46  PHE A CA  1 
ATOM   337 C  C   . PHE A 1 46 ? -2.558  3.081   -9.835  1.00 43.06 ? 46  PHE A C   1 
ATOM   338 O  O   . PHE A 1 46 ? -1.698  3.415   -10.626 1.00 44.49 ? 46  PHE A O   1 
ATOM   339 C  CB  . PHE A 1 46 ? -1.731  2.820   -7.485  1.00 38.84 ? 46  PHE A CB  1 
ATOM   340 C  CG  . PHE A 1 46 ? -0.949  3.637   -6.510  1.00 38.20 ? 46  PHE A CG  1 
ATOM   341 C  CD1 . PHE A 1 46 ? -1.595  4.474   -5.618  1.00 37.92 ? 46  PHE A CD1 1 
ATOM   342 C  CD2 . PHE A 1 46 ? 0.429   3.586   -6.495  1.00 38.13 ? 46  PHE A CD2 1 
ATOM   343 C  CE1 . PHE A 1 46 ? -0.879  5.229   -4.723  1.00 38.04 ? 46  PHE A CE1 1 
ATOM   344 C  CE2 . PHE A 1 46 ? 1.154   4.343   -5.605  1.00 38.21 ? 46  PHE A CE2 1 
ATOM   345 C  CZ  . PHE A 1 46 ? 0.504   5.164   -4.718  1.00 38.40 ? 46  PHE A CZ  1 
ATOM   346 N  N   . ASP A 1 47 ? -3.511  2.213   -10.137 1.00 44.10 ? 47  ASP A N   1 
ATOM   347 C  CA  . ASP A 1 47 ? -3.650  1.698   -11.481 1.00 47.39 ? 47  ASP A CA  1 
ATOM   348 C  C   . ASP A 1 47 ? -3.919  2.868   -12.414 1.00 50.83 ? 47  ASP A C   1 
ATOM   349 O  O   . ASP A 1 47 ? -3.465  2.887   -13.568 1.00 53.35 ? 47  ASP A O   1 
ATOM   350 C  CB  . ASP A 1 47 ? -4.800  0.689   -11.555 1.00 47.96 ? 47  ASP A CB  1 
ATOM   351 C  CG  . ASP A 1 47 ? -4.317  -0.759  -11.555 1.00 47.92 ? 47  ASP A CG  1 
ATOM   352 O  OD1 . ASP A 1 47 ? -3.136  -0.993  -11.197 1.00 47.87 ? 47  ASP A OD1 1 
ATOM   353 O  OD2 . ASP A 1 47 ? -5.111  -1.659  -11.922 1.00 48.18 ? 47  ASP A OD2 1 
ATOM   354 N  N   . LYS A 1 48 ? -4.652  3.850   -11.894 1.00 51.46 ? 48  LYS A N   1 
ATOM   355 C  CA  . LYS A 1 48 ? -5.030  5.037   -12.650 1.00 54.04 ? 48  LYS A CA  1 
ATOM   356 C  C   . LYS A 1 48 ? -3.818  5.941   -12.876 1.00 55.02 ? 48  LYS A C   1 
ATOM   357 O  O   . LYS A 1 48 ? -3.408  6.160   -14.015 1.00 57.48 ? 48  LYS A O   1 
ATOM   358 C  CB  . LYS A 1 48 ? -6.156  5.794   -11.931 1.00 54.11 ? 48  LYS A CB  1 
ATOM   359 C  CG  . LYS A 1 48 ? -6.877  6.834   -12.789 1.00 57.39 ? 48  LYS A CG  1 
ATOM   360 C  CD  . LYS A 1 48 ? -8.019  7.518   -12.037 1.00 57.58 ? 48  LYS A CD  1 
ATOM   361 C  CE  . LYS A 1 48 ? -9.178  6.555   -11.806 1.00 56.89 ? 48  LYS A CE  1 
ATOM   362 N  NZ  . LYS A 1 48 ? -10.344 7.211   -11.157 1.00 57.20 ? 48  LYS A NZ  1 
ATOM   363 N  N   . LYS A 1 49 ? -3.239  6.445   -11.788 1.00 53.52 ? 49  LYS A N   1 
ATOM   364 C  CA  . LYS A 1 49 ? -2.098  7.366   -11.858 1.00 54.39 ? 49  LYS A CA  1 
ATOM   365 C  C   . LYS A 1 49 ? -0.851  6.751   -12.508 1.00 54.42 ? 49  LYS A C   1 
ATOM   366 O  O   . LYS A 1 49 ? -0.477  7.099   -13.637 1.00 56.72 ? 49  LYS A O   1 
ATOM   367 C  CB  . LYS A 1 49 ? -1.769  7.888   -10.461 1.00 53.16 ? 49  LYS A CB  1 
ATOM   368 C  CG  . LYS A 1 49 ? -2.834  8.821   -9.909  1.00 54.03 ? 49  LYS A CG  1 
ATOM   369 C  CD  . LYS A 1 49 ? -2.296  9.625   -8.739  1.00 54.29 ? 49  LYS A CD  1 
ATOM   370 C  CE  . LYS A 1 49 ? -2.989  9.271   -7.443  1.00 52.43 ? 49  LYS A CE  1 
ATOM   371 N  NZ  . LYS A 1 49 ? -4.229  10.096  -7.290  1.00 53.79 ? 49  LYS A NZ  1 
ATOM   372 N  N   . TYR A 1 50 ? -0.204  5.852   -11.778 1.00 51.66 ? 50  TYR A N   1 
ATOM   373 C  CA  . TYR A 1 50 ? 0.857   5.028   -12.333 1.00 51.07 ? 50  TYR A CA  1 
ATOM   374 C  C   . TYR A 1 50 ? 0.154   3.847   -12.991 1.00 50.73 ? 50  TYR A C   1 
ATOM   375 O  O   . TYR A 1 50 ? -0.989  3.548   -12.661 1.00 50.06 ? 50  TYR A O   1 
ATOM   376 C  CB  . TYR A 1 50 ? 1.796   4.625   -11.210 1.00 48.99 ? 50  TYR A CB  1 
ATOM   377 C  CG  . TYR A 1 50 ? 2.063   5.809   -10.297 1.00 49.25 ? 50  TYR A CG  1 
ATOM   378 C  CD1 . TYR A 1 50 ? 1.272   6.052   -9.175  1.00 47.72 ? 50  TYR A CD1 1 
ATOM   379 C  CD2 . TYR A 1 50 ? 3.074   6.719   -10.587 1.00 51.18 ? 50  TYR A CD2 1 
ATOM   380 C  CE1 . TYR A 1 50 ? 1.506   7.154   -8.354  1.00 47.94 ? 50  TYR A CE1 1 
ATOM   381 C  CE2 . TYR A 1 50 ? 3.313   7.820   -9.774  1.00 51.31 ? 50  TYR A CE2 1 
ATOM   382 C  CZ  . TYR A 1 50 ? 2.529   8.034   -8.663  1.00 49.78 ? 50  TYR A CZ  1 
ATOM   383 O  OH  . TYR A 1 50 ? 2.780   9.129   -7.864  1.00 50.36 ? 50  TYR A OH  1 
ATOM   384 N  N   . ASN A 1 51 ? 0.780   3.197   -13.956 1.00 51.61 ? 51  ASN A N   1 
ATOM   385 C  CA  . ASN A 1 51 ? 0.015   2.241   -14.747 1.00 52.26 ? 51  ASN A CA  1 
ATOM   386 C  C   . ASN A 1 51 ? -0.276  0.952   -13.992 1.00 49.24 ? 51  ASN A C   1 
ATOM   387 O  O   . ASN A 1 51 ? 0.250   0.737   -12.899 1.00 47.60 ? 51  ASN A O   1 
ATOM   388 C  CB  . ASN A 1 51 ? 0.724   1.955   -16.071 1.00 55.90 ? 51  ASN A CB  1 
ATOM   389 C  CG  . ASN A 1 51 ? 0.976   3.220   -16.871 1.00 59.71 ? 51  ASN A CG  1 
ATOM   390 O  OD1 . ASN A 1 51 ? 2.041   3.387   -17.481 1.00 62.05 ? 51  ASN A OD1 1 
ATOM   391 N  ND2 . ASN A 1 51 ? -0.001  4.133   -16.861 1.00 60.65 ? 51  ASN A ND2 1 
ATOM   392 N  N   . PRO A 1 52 ? -1.128  0.091   -14.565 1.00 48.84 ? 52  PRO A N   1 
ATOM   393 C  CA  . PRO A 1 52 ? -1.262  -1.279  -14.085 1.00 46.75 ? 52  PRO A CA  1 
ATOM   394 C  C   . PRO A 1 52 ? 0.130   -1.866  -13.856 1.00 45.37 ? 52  PRO A C   1 
ATOM   395 O  O   . PRO A 1 52 ? 1.075   -1.434  -14.516 1.00 47.12 ? 52  PRO A O   1 
ATOM   396 C  CB  . PRO A 1 52 ? -1.945  -1.994  -15.264 1.00 48.94 ? 52  PRO A CB  1 
ATOM   397 C  CG  . PRO A 1 52 ? -2.018  -0.981  -16.388 1.00 51.61 ? 52  PRO A CG  1 
ATOM   398 C  CD  . PRO A 1 52 ? -2.009  0.346   -15.710 1.00 51.08 ? 52  PRO A CD  1 
ATOM   399 N  N   . THR A 1 53 ? 0.272   -2.849  -12.966 1.00 42.28 ? 53  THR A N   1 
ATOM   400 C  CA  . THR A 1 53 ? -0.838  -3.486  -12.273 1.00 39.36 ? 53  THR A CA  1 
ATOM   401 C  C   . THR A 1 53 ? -0.548  -3.563  -10.784 1.00 36.17 ? 53  THR A C   1 
ATOM   402 O  O   . THR A 1 53 ? 0.291   -4.361  -10.345 1.00 35.41 ? 53  THR A O   1 
ATOM   403 C  CB  . THR A 1 53 ? -1.045  -4.928  -12.759 1.00 39.84 ? 53  THR A CB  1 
ATOM   404 O  OG1 . THR A 1 53 ? -1.494  -4.923  -14.116 1.00 41.96 ? 53  THR A OG1 1 
ATOM   405 C  CG2 . THR A 1 53 ? -2.079  -5.618  -11.908 1.00 38.51 ? 53  THR A CG2 1 
ATOM   406 N  N   . TRP A 1 54 ? -1.252  -2.736  -10.013 1.00 33.66 ? 54  TRP A N   1 
ATOM   407 C  CA  . TRP A 1 54 ? -1.066  -2.687  -8.570  1.00 30.35 ? 54  TRP A CA  1 
ATOM   408 C  C   . TRP A 1 54 ? -1.907  -3.727  -7.836  1.00 28.41 ? 54  TRP A C   1 
ATOM   409 O  O   . TRP A 1 54 ? -2.942  -4.164  -8.318  1.00 29.44 ? 54  TRP A O   1 
ATOM   410 C  CB  . TRP A 1 54 ? -1.346  -1.279  -8.041  1.00 29.87 ? 54  TRP A CB  1 
ATOM   411 C  CG  . TRP A 1 54 ? -0.395  -0.289  -8.602  1.00 31.14 ? 54  TRP A CG  1 
ATOM   412 C  CD1 . TRP A 1 54 ? -0.525  0.395   -9.778  1.00 32.95 ? 54  TRP A CD1 1 
ATOM   413 C  CD2 . TRP A 1 54 ? 0.861   0.113   -8.042  1.00 31.01 ? 54  TRP A CD2 1 
ATOM   414 N  NE1 . TRP A 1 54 ? 0.566   1.210   -9.978  1.00 33.60 ? 54  TRP A NE1 1 
ATOM   415 C  CE2 . TRP A 1 54 ? 1.433   1.057   -8.929  1.00 32.47 ? 54  TRP A CE2 1 
ATOM   416 C  CE3 . TRP A 1 54 ? 1.558   -0.224  -6.874  1.00 29.94 ? 54  TRP A CE3 1 
ATOM   417 C  CZ2 . TRP A 1 54 ? 2.668   1.669   -8.683  1.00 32.68 ? 54  TRP A CZ2 1 
ATOM   418 C  CZ3 . TRP A 1 54 ? 2.786   0.391   -6.630  1.00 30.05 ? 54  TRP A CZ3 1 
ATOM   419 C  CH2 . TRP A 1 54 ? 3.324   1.327   -7.532  1.00 31.49 ? 54  TRP A CH2 1 
ATOM   420 N  N   . HIS A 1 55 ? -1.432  -4.130  -6.669  1.00 25.62 ? 55  HIS A N   1 
ATOM   421 C  CA  . HIS A 1 55 ? -2.146  -5.038  -5.820  1.00 23.30 ? 55  HIS A CA  1 
ATOM   422 C  C   . HIS A 1 55 ? -2.026  -4.448  -4.450  1.00 21.94 ? 55  HIS A C   1 
ATOM   423 O  O   . HIS A 1 55 ? -0.982  -3.905  -4.087  1.00 22.17 ? 55  HIS A O   1 
ATOM   424 C  CB  . HIS A 1 55 ? -1.486  -6.403  -5.850  1.00 23.40 ? 55  HIS A CB  1 
ATOM   425 C  CG  . HIS A 1 55 ? -1.122  -6.860  -7.224  1.00 24.87 ? 55  HIS A CG  1 
ATOM   426 N  ND1 . HIS A 1 55 ? -2.001  -7.537  -8.041  1.00 26.05 ? 55  HIS A ND1 1 
ATOM   427 C  CD2 . HIS A 1 55 ? 0.023   -6.727  -7.932  1.00 25.58 ? 55  HIS A CD2 1 
ATOM   428 C  CE1 . HIS A 1 55 ? -1.412  -7.807  -9.190  1.00 27.34 ? 55  HIS A CE1 1 
ATOM   429 N  NE2 . HIS A 1 55 ? -0.183  -7.326  -9.150  1.00 27.41 ? 55  HIS A NE2 1 
ATOM   430 N  N   . CYS A 1 56 ? -3.088  -4.540  -3.677  1.00 20.98 ? 56  CYS A N   1 
ATOM   431 C  CA  . CYS A 1 56 ? -3.070  -3.918  -2.384  1.00 20.84 ? 56  CYS A CA  1 
ATOM   432 C  C   . CYS A 1 56 ? -3.661  -4.821  -1.316  1.00 20.19 ? 56  CYS A C   1 
ATOM   433 O  O   . CYS A 1 56 ? -4.709  -5.434  -1.508  1.00 21.19 ? 56  CYS A O   1 
ATOM   434 C  CB  . CYS A 1 56 ? -3.813  -2.586  -2.440  1.00 21.96 ? 56  CYS A CB  1 
ATOM   435 S  SG  . CYS A 1 56 ? -3.948  -1.740  -0.841  1.00 23.20 ? 56  CYS A SG  1 
ATOM   436 N  N   . ILE A 1 57 ? -2.978  -4.902  -0.187  1.00 18.71 ? 57  ILE A N   1 
ATOM   437 C  CA  . ILE A 1 57 ? -3.473  -5.677  0.920   1.00 18.55 ? 57  ILE A CA  1 
ATOM   438 C  C   . ILE A 1 57 ? -3.646  -4.731  2.102   1.00 19.06 ? 57  ILE A C   1 
ATOM   439 O  O   . ILE A 1 57 ? -2.742  -3.950  2.407   1.00 19.66 ? 57  ILE A O   1 
ATOM   440 C  CB  . ILE A 1 57 ? -2.488  -6.796  1.299   1.00 18.27 ? 57  ILE A CB  1 
ATOM   441 C  CG1 . ILE A 1 57 ? -2.004  -7.544  0.056   1.00 18.06 ? 57  ILE A CG1 1 
ATOM   442 C  CG2 . ILE A 1 57 ? -3.117  -7.733  2.299   1.00 18.26 ? 57  ILE A CG2 1 
ATOM   443 C  CD1 . ILE A 1 57 ? -3.114  -8.071  -0.801  1.00 18.96 ? 57  ILE A CD1 1 
ATOM   444 N  N   . VAL A 1 58 ? -4.806  -4.787  2.755   1.00 19.15 ? 58  VAL A N   1 
ATOM   445 C  CA  . VAL A 1 58 ? -5.088  -3.928  3.899   1.00 19.33 ? 58  VAL A CA  1 
ATOM   446 C  C   . VAL A 1 58 ? -5.527  -4.802  5.064   1.00 20.27 ? 58  VAL A C   1 
ATOM   447 O  O   . VAL A 1 58 ? -6.477  -5.569  4.935   1.00 21.24 ? 58  VAL A O   1 
ATOM   448 C  CB  . VAL A 1 58 ? -6.196  -2.879  3.571   1.00 19.45 ? 58  VAL A CB  1 
ATOM   449 C  CG1 . VAL A 1 58 ? -6.598  -2.087  4.812   1.00 19.64 ? 58  VAL A CG1 1 
ATOM   450 C  CG2 . VAL A 1 58 ? -5.717  -1.930  2.498   1.00 19.52 ? 58  VAL A CG2 1 
ATOM   451 N  N   . GLY A 1 59 ? -4.841  -4.705  6.198   1.00 20.63 ? 59  GLY A N   1 
ATOM   452 C  CA  . GLY A 1 59 ? -5.225  -5.497  7.357   1.00 22.26 ? 59  GLY A CA  1 
ATOM   453 C  C   . GLY A 1 59 ? -4.450  -5.189  8.620   1.00 23.56 ? 59  GLY A C   1 
ATOM   454 O  O   . GLY A 1 59 ? -3.494  -4.410  8.610   1.00 22.68 ? 59  GLY A O   1 
ATOM   455 N  N   . ARG A 1 60 ? -4.869  -5.812  9.715   1.00 25.32 ? 60  ARG A N   1 
ATOM   456 C  CA  . ARG A 1 60 ? -4.161  -5.678  10.981  1.00 27.64 ? 60  ARG A CA  1 
ATOM   457 C  C   . ARG A 1 60 ? -3.289  -6.906  11.269  1.00 27.94 ? 60  ARG A C   1 
ATOM   458 O  O   . ARG A 1 60 ? -2.391  -6.857  12.125  1.00 29.05 ? 60  ARG A O   1 
ATOM   459 C  CB  . ARG A 1 60 ? -5.144  -5.436  12.138  1.00 30.20 ? 60  ARG A CB  1 
ATOM   460 C  CG  . ARG A 1 60 ? -5.905  -4.115  12.072  1.00 31.26 ? 60  ARG A CG  1 
ATOM   461 C  CD  . ARG A 1 60 ? -6.890  -4.010  13.234  1.00 34.45 ? 60  ARG A CD  1 
ATOM   462 N  NE  . ARG A 1 60 ? -7.764  -2.843  13.110  1.00 36.12 ? 60  ARG A NE  1 
ATOM   463 C  CZ  . ARG A 1 60 ? -7.535  -1.666  13.697  1.00 38.04 ? 60  ARG A CZ  1 
ATOM   464 N  NH1 . ARG A 1 60 ? -6.456  -1.496  14.458  1.00 39.20 ? 60  ARG A NH1 1 
ATOM   465 N  NH2 . ARG A 1 60 ? -8.381  -0.653  13.527  1.00 38.62 ? 60  ARG A NH2 1 
ATOM   466 N  N   . ASN A 1 61 ? -3.553  -8.001  10.556  1.00 26.72 ? 61  ASN A N   1 
ATOM   467 C  CA  . ASN A 1 61 ? -2.792  -9.234  10.755  1.00 26.59 ? 61  ASN A CA  1 
ATOM   468 C  C   . ASN A 1 61 ? -2.651  -10.086 9.493   1.00 25.95 ? 61  ASN A C   1 
ATOM   469 O  O   . ASN A 1 61 ? -3.593  -10.761 9.053   1.00 26.30 ? 61  ASN A O   1 
ATOM   470 C  CB  . ASN A 1 61 ? -3.361  -10.053 11.919  1.00 27.75 ? 61  ASN A CB  1 
ATOM   471 C  CG  . ASN A 1 61 ? -2.668  -11.390 12.090  1.00 28.38 ? 61  ASN A CG  1 
ATOM   472 O  OD1 . ASN A 1 61 ? -2.957  -12.342 11.374  1.00 28.34 ? 61  ASN A OD1 1 
ATOM   473 N  ND2 . ASN A 1 61 ? -1.760  -11.471 13.046  1.00 29.58 ? 61  ASN A ND2 1 
ATOM   474 N  N   . PHE A 1 62 ? -1.460  -10.037 8.908   1.00 25.15 ? 62  PHE A N   1 
ATOM   475 C  CA  . PHE A 1 62 ? -1.118  -10.891 7.791   1.00 24.34 ? 62  PHE A CA  1 
ATOM   476 C  C   . PHE A 1 62 ? 0.383   -10.862 7.572   1.00 24.76 ? 62  PHE A C   1 
ATOM   477 O  O   . PHE A 1 62 ? 1.061   -9.907  7.935   1.00 24.74 ? 62  PHE A O   1 
ATOM   478 C  CB  . PHE A 1 62 ? -1.830  -10.436 6.528   1.00 22.71 ? 62  PHE A CB  1 
ATOM   479 C  CG  . PHE A 1 62 ? -1.405  -9.082  6.048   1.00 21.61 ? 62  PHE A CG  1 
ATOM   480 C  CD1 . PHE A 1 62 ? -1.981  -7.932  6.563   1.00 21.79 ? 62  PHE A CD1 1 
ATOM   481 C  CD2 . PHE A 1 62 ? -0.444  -8.950  5.069   1.00 21.06 ? 62  PHE A CD2 1 
ATOM   482 C  CE1 . PHE A 1 62 ? -1.593  -6.667  6.112   1.00 21.10 ? 62  PHE A CE1 1 
ATOM   483 C  CE2 . PHE A 1 62 ? -0.056  -7.689  4.613   1.00 20.49 ? 62  PHE A CE2 1 
ATOM   484 C  CZ  . PHE A 1 62 ? -0.634  -6.546  5.136   1.00 20.14 ? 62  PHE A CZ  1 
ATOM   485 N  N   . GLY A 1 63 ? 0.905   -11.934 6.995   1.00 25.80 ? 63  GLY A N   1 
ATOM   486 C  CA  . GLY A 1 63 ? 2.280   -11.956 6.514   1.00 25.63 ? 63  GLY A CA  1 
ATOM   487 C  C   . GLY A 1 63 ? 2.233   -12.107 5.009   1.00 24.58 ? 63  GLY A C   1 
ATOM   488 O  O   . GLY A 1 63 ? 1.307   -12.711 4.468   1.00 24.41 ? 63  GLY A O   1 
ATOM   489 N  N   . SER A 1 64 ? 3.217   -11.559 4.320   1.00 24.07 ? 64  SER A N   1 
ATOM   490 C  CA  . SER A 1 64 ? 3.194   -11.635 2.882   1.00 24.68 ? 64  SER A CA  1 
ATOM   491 C  C   . SER A 1 64 ? 4.526   -12.094 2.330   1.00 25.88 ? 64  SER A C   1 
ATOM   492 O  O   . SER A 1 64 ? 5.562   -11.958 2.981   1.00 26.46 ? 64  SER A O   1 
ATOM   493 C  CB  . SER A 1 64 ? 2.831   -10.277 2.290   1.00 23.97 ? 64  SER A CB  1 
ATOM   494 O  OG  . SER A 1 64 ? 3.798   -9.301  2.646   1.00 24.31 ? 64  SER A OG  1 
ATOM   495 N  N   . TYR A 1 65 ? 4.478   -12.670 1.135   1.00 26.96 ? 65  TYR A N   1 
ATOM   496 C  CA  . TYR A 1 65 ? 5.673   -12.874 0.323   1.00 28.43 ? 65  TYR A CA  1 
ATOM   497 C  C   . TYR A 1 65 ? 5.318   -12.697 -1.143  1.00 28.11 ? 65  TYR A C   1 
ATOM   498 O  O   . TYR A 1 65 ? 4.750   -13.580 -1.780  1.00 28.21 ? 65  TYR A O   1 
ATOM   499 C  CB  . TYR A 1 65 ? 6.323   -14.238 0.554   1.00 30.73 ? 65  TYR A CB  1 
ATOM   500 C  CG  . TYR A 1 65 ? 7.741   -14.323 0.005   1.00 32.03 ? 65  TYR A CG  1 
ATOM   501 C  CD1 . TYR A 1 65 ? 8.817   -13.837 0.732   1.00 32.08 ? 65  TYR A CD1 1 
ATOM   502 C  CD2 . TYR A 1 65 ? 7.996   -14.889 -1.237  1.00 33.41 ? 65  TYR A CD2 1 
ATOM   503 C  CE1 . TYR A 1 65 ? 10.104  -13.908 0.251   1.00 33.27 ? 65  TYR A CE1 1 
ATOM   504 C  CE2 . TYR A 1 65 ? 9.290   -14.970 -1.731  1.00 34.70 ? 65  TYR A CE2 1 
ATOM   505 C  CZ  . TYR A 1 65 ? 10.342  -14.477 -0.977  1.00 34.69 ? 65  TYR A CZ  1 
ATOM   506 O  OH  . TYR A 1 65 ? 11.638  -14.547 -1.454  1.00 35.94 ? 65  TYR A OH  1 
ATOM   507 N  N   . VAL A 1 66 ? 5.663   -11.530 -1.660  1.00 27.70 ? 66  VAL A N   1 
ATOM   508 C  CA  . VAL A 1 66 ? 5.309   -11.164 -3.001  1.00 27.61 ? 66  VAL A CA  1 
ATOM   509 C  C   . VAL A 1 66 ? 6.566   -10.794 -3.780  1.00 29.09 ? 66  VAL A C   1 
ATOM   510 O  O   . VAL A 1 66 ? 7.654   -10.637 -3.213  1.00 29.09 ? 66  VAL A O   1 
ATOM   511 C  CB  . VAL A 1 66 ? 4.342   -9.986  -2.984  1.00 26.04 ? 66  VAL A CB  1 
ATOM   512 C  CG1 . VAL A 1 66 ? 3.287   -10.209 -1.913  1.00 25.43 ? 66  VAL A CG1 1 
ATOM   513 C  CG2 . VAL A 1 66 ? 5.085   -8.689  -2.717  1.00 25.31 ? 66  VAL A CG2 1 
ATOM   514 N  N   . THR A 1 67 ? 6.388   -10.669 -5.085  1.00 30.14 ? 67  THR A N   1 
ATOM   515 C  CA  . THR A 1 67 ? 7.422   -10.235 -5.988  1.00 31.89 ? 67  THR A CA  1 
ATOM   516 C  C   . THR A 1 67 ? 6.921   -8.944  -6.618  1.00 32.72 ? 67  THR A C   1 
ATOM   517 O  O   . THR A 1 67 ? 5.783   -8.883  -7.073  1.00 33.13 ? 67  THR A O   1 
ATOM   518 C  CB  . THR A 1 67 ? 7.608   -11.288 -7.080  1.00 32.97 ? 67  THR A CB  1 
ATOM   519 O  OG1 . THR A 1 67 ? 8.125   -12.491 -6.501  1.00 32.88 ? 67  THR A OG1 1 
ATOM   520 C  CG2 . THR A 1 67 ? 8.532   -10.793 -8.157  1.00 34.33 ? 67  THR A CG2 1 
ATOM   521 N  N   . HIS A 1 68 ? 7.745   -7.903  -6.632  1.00 34.05 ? 68  HIS A N   1 
ATOM   522 C  CA  . HIS A 1 68 ? 7.309   -6.613  -7.176  1.00 35.49 ? 68  HIS A CA  1 
ATOM   523 C  C   . HIS A 1 68 ? 8.316   -6.030  -8.166  1.00 39.14 ? 68  HIS A C   1 
ATOM   524 O  O   . HIS A 1 68 ? 9.535   -6.215  -8.020  1.00 40.39 ? 68  HIS A O   1 
ATOM   525 C  CB  . HIS A 1 68 ? 7.125   -5.613  -6.047  1.00 33.11 ? 68  HIS A CB  1 
ATOM   526 C  CG  . HIS A 1 68 ? 8.396   -5.302  -5.323  1.00 32.80 ? 68  HIS A CG  1 
ATOM   527 N  ND1 . HIS A 1 68 ? 9.278   -4.331  -5.749  1.00 33.46 ? 68  HIS A ND1 1 
ATOM   528 C  CD2 . HIS A 1 68 ? 8.945   -5.849  -4.215  1.00 32.24 ? 68  HIS A CD2 1 
ATOM   529 C  CE1 . HIS A 1 68 ? 10.306  -4.279  -4.922  1.00 33.48 ? 68  HIS A CE1 1 
ATOM   530 N  NE2 . HIS A 1 68 ? 10.130  -5.191  -3.983  1.00 32.84 ? 68  HIS A NE2 1 
ATOM   531 N  N   . GLU A 1 69 ? 7.817   -5.301  -9.159  1.00 41.34 ? 69  GLU A N   1 
ATOM   532 C  CA  . GLU A 1 69 ? 8.716   -4.594  -10.053 1.00 44.55 ? 69  GLU A CA  1 
ATOM   533 C  C   . GLU A 1 69 ? 9.549   -3.591  -9.262  1.00 44.60 ? 69  GLU A C   1 
ATOM   534 O  O   . GLU A 1 69 ? 9.051   -2.922  -8.353  1.00 43.32 ? 69  GLU A O   1 
ATOM   535 C  CB  . GLU A 1 69 ? 7.946   -3.887  -11.162 1.00 46.68 ? 69  GLU A CB  1 
ATOM   536 C  CG  . GLU A 1 69 ? 7.364   -4.817  -12.209 1.00 49.22 ? 69  GLU A CG  1 
ATOM   537 C  CD  . GLU A 1 69 ? 6.287   -4.123  -13.019 1.00 50.83 ? 69  GLU A CD  1 
ATOM   538 O  OE1 . GLU A 1 69 ? 6.540   -2.976  -13.450 1.00 52.67 ? 69  GLU A OE1 1 
ATOM   539 O  OE2 . GLU A 1 69 ? 5.190   -4.704  -13.206 1.00 50.56 ? 69  GLU A OE2 1 
ATOM   540 N  N   . THR A 1 70 ? 10.823  -3.492  -9.616  1.00 46.45 ? 70  THR A N   1 
ATOM   541 C  CA  . THR A 1 70 ? 11.738  -2.606  -8.917  1.00 47.11 ? 70  THR A CA  1 
ATOM   542 C  C   . THR A 1 70 ? 11.180  -1.178  -8.829  1.00 46.85 ? 70  THR A C   1 
ATOM   543 O  O   . THR A 1 70 ? 10.683  -0.639  -9.824  1.00 48.41 ? 70  THR A O   1 
ATOM   544 C  CB  . THR A 1 70 ? 13.117  -2.611  -9.603  1.00 49.69 ? 70  THR A CB  1 
ATOM   545 O  OG1 . THR A 1 70 ? 14.110  -2.144  -8.685  1.00 50.15 ? 70  THR A OG1 1 
ATOM   546 C  CG2 . THR A 1 70 ? 13.108  -1.729  -10.855 1.00 52.01 ? 70  THR A CG2 1 
ATOM   547 N  N   . ARG A 1 71 ? 11.247  -0.586  -7.634  1.00 45.16 ? 71  ARG A N   1 
ATOM   548 C  CA  . ARG A 1 71 ? 10.838  0.813   -7.391  1.00 44.56 ? 71  ARG A CA  1 
ATOM   549 C  C   . ARG A 1 71 ? 9.337   1.013   -7.299  1.00 43.14 ? 71  ARG A C   1 
ATOM   550 O  O   . ARG A 1 71 ? 8.854   2.150   -7.325  1.00 43.89 ? 71  ARG A O   1 
ATOM   551 C  CB  . ARG A 1 71 ? 11.417  1.749   -8.446  1.00 46.53 ? 71  ARG A CB  1 
ATOM   552 C  CG  . ARG A 1 71 ? 12.923  1.765   -8.443  1.00 48.65 ? 71  ARG A CG  1 
ATOM   553 C  CD  . ARG A 1 71 ? 13.456  2.559   -7.267  1.00 48.59 ? 71  ARG A CD  1 
ATOM   554 N  NE  . ARG A 1 71 ? 13.349  3.986   -7.546  1.00 50.26 ? 71  ARG A NE  1 
ATOM   555 C  CZ  . ARG A 1 71 ? 13.485  4.933   -6.631  1.00 50.37 ? 71  ARG A CZ  1 
ATOM   556 N  NH1 . ARG A 1 71 ? 13.367  6.211   -6.978  1.00 51.76 ? 71  ARG A NH1 1 
ATOM   557 N  NH2 . ARG A 1 71 ? 13.728  4.592   -5.371  1.00 49.16 ? 71  ARG A NH2 1 
ATOM   558 N  N   . HIS A 1 72 ? 8.612   -0.098  -7.175  1.00 40.99 ? 72  HIS A N   1 
ATOM   559 C  CA  . HIS A 1 72 ? 7.158   -0.097  -7.182  1.00 38.88 ? 72  HIS A CA  1 
ATOM   560 C  C   . HIS A 1 72 ? 6.618   -0.929  -6.021  1.00 36.14 ? 72  HIS A C   1 
ATOM   561 O  O   . HIS A 1 72 ? 5.850   -1.874  -6.230  1.00 35.56 ? 72  HIS A O   1 
ATOM   562 C  CB  . HIS A 1 72 ? 6.656   -0.707  -8.483  1.00 40.45 ? 72  HIS A CB  1 
ATOM   563 C  CG  . HIS A 1 72 ? 6.862   0.158   -9.691  1.00 43.73 ? 72  HIS A CG  1 
ATOM   564 N  ND1 . HIS A 1 72 ? 7.564   -0.269  -10.801 1.00 45.77 ? 72  HIS A ND1 1 
ATOM   565 C  CD2 . HIS A 1 72 ? 6.425   1.410   -9.981  1.00 44.97 ? 72  HIS A CD2 1 
ATOM   566 C  CE1 . HIS A 1 72 ? 7.561   0.685   -11.716 1.00 47.90 ? 72  HIS A CE1 1 
ATOM   567 N  NE2 . HIS A 1 72 ? 6.876   1.713   -11.244 1.00 47.55 ? 72  HIS A NE2 1 
ATOM   568 N  N   . PHE A 1 73 ? 7.021   -0.581  -4.803  1.00 33.97 ? 73  PHE A N   1 
ATOM   569 C  CA  . PHE A 1 73 ? 6.687   -1.371  -3.621  1.00 31.16 ? 73  PHE A CA  1 
ATOM   570 C  C   . PHE A 1 73 ? 6.695   -0.527  -2.353  1.00 30.63 ? 73  PHE A C   1 
ATOM   571 O  O   . PHE A 1 73 ? 7.712   0.083   -2.013  1.00 31.94 ? 73  PHE A O   1 
ATOM   572 C  CB  . PHE A 1 73 ? 7.698   -2.513  -3.427  1.00 30.76 ? 73  PHE A CB  1 
ATOM   573 C  CG  . PHE A 1 73 ? 7.527   -3.254  -2.123  1.00 29.40 ? 73  PHE A CG  1 
ATOM   574 C  CD1 . PHE A 1 73 ? 6.948   -4.520  -2.096  1.00 28.60 ? 73  PHE A CD1 1 
ATOM   575 C  CD2 . PHE A 1 73 ? 7.911   -2.673  -0.920  1.00 28.91 ? 73  PHE A CD2 1 
ATOM   576 C  CE1 . PHE A 1 73 ? 6.769   -5.195  -0.895  1.00 27.65 ? 73  PHE A CE1 1 
ATOM   577 C  CE2 . PHE A 1 73 ? 7.729   -3.337  0.276   1.00 28.23 ? 73  PHE A CE2 1 
ATOM   578 C  CZ  . PHE A 1 73 ? 7.156   -4.601  0.290   1.00 27.59 ? 73  PHE A CZ  1 
ATOM   579 N  N   . ILE A 1 74 ? 5.583   -0.516  -1.626  1.00 28.66 ? 74  ILE A N   1 
ATOM   580 C  CA  . ILE A 1 74 ? 5.572   0.119   -0.319  1.00 27.68 ? 74  ILE A CA  1 
ATOM   581 C  C   . ILE A 1 74 ? 4.749   -0.688  0.666   1.00 26.58 ? 74  ILE A C   1 
ATOM   582 O  O   . ILE A 1 74 ? 3.810   -1.375  0.284   1.00 26.40 ? 74  ILE A O   1 
ATOM   583 C  CB  . ILE A 1 74 ? 5.061   1.565   -0.369  1.00 27.74 ? 74  ILE A CB  1 
ATOM   584 C  CG1 . ILE A 1 74 ? 5.425   2.285   0.926   1.00 28.01 ? 74  ILE A CG1 1 
ATOM   585 C  CG2 . ILE A 1 74 ? 3.567   1.594   -0.595  1.00 27.06 ? 74  ILE A CG2 1 
ATOM   586 C  CD1 . ILE A 1 74 ? 4.746   3.604   1.098   1.00 28.82 ? 74  ILE A CD1 1 
ATOM   587 N  N   . TYR A 1 75 ? 5.122   -0.587  1.934   1.00 26.28 ? 75  TYR A N   1 
ATOM   588 C  CA  . TYR A 1 75 ? 4.477   -1.283  3.011   1.00 25.34 ? 75  TYR A CA  1 
ATOM   589 C  C   . TYR A 1 75 ? 4.536   -0.365  4.206   1.00 26.65 ? 75  TYR A C   1 
ATOM   590 O  O   . TYR A 1 75 ? 5.613   0.051   4.614   1.00 27.43 ? 75  TYR A O   1 
ATOM   591 C  CB  . TYR A 1 75 ? 5.250   -2.544  3.324   1.00 25.61 ? 75  TYR A CB  1 
ATOM   592 C  CG  . TYR A 1 75 ? 4.769   -3.231  4.566   1.00 26.02 ? 75  TYR A CG  1 
ATOM   593 C  CD1 . TYR A 1 75 ? 3.460   -3.713  4.646   1.00 25.49 ? 75  TYR A CD1 1 
ATOM   594 C  CD2 . TYR A 1 75 ? 5.609   -3.414  5.657   1.00 26.85 ? 75  TYR A CD2 1 
ATOM   595 C  CE1 . TYR A 1 75 ? 2.999   -4.358  5.774   1.00 25.55 ? 75  TYR A CE1 1 
ATOM   596 C  CE2 . TYR A 1 75 ? 5.153   -4.061  6.801   1.00 27.62 ? 75  TYR A CE2 1 
ATOM   597 C  CZ  . TYR A 1 75 ? 3.843   -4.532  6.846   1.00 26.67 ? 75  TYR A CZ  1 
ATOM   598 O  OH  . TYR A 1 75 ? 3.363   -5.172  7.960   1.00 26.95 ? 75  TYR A OH  1 
ATOM   599 N  N   . PHE A 1 76 ? 3.383   -0.037  4.773   1.00 27.57 ? 76  PHE A N   1 
ATOM   600 C  CA  . PHE A 1 76 ? 3.334   0.970   5.826   1.00 29.43 ? 76  PHE A CA  1 
ATOM   601 C  C   . PHE A 1 76 ? 2.071   0.861   6.659   1.00 30.35 ? 76  PHE A C   1 
ATOM   602 O  O   . PHE A 1 76 ? 1.113   0.231   6.253   1.00 29.98 ? 76  PHE A O   1 
ATOM   603 C  CB  . PHE A 1 76 ? 3.421   2.372   5.217   1.00 29.44 ? 76  PHE A CB  1 
ATOM   604 C  CG  . PHE A 1 76 ? 2.280   2.702   4.289   1.00 28.26 ? 76  PHE A CG  1 
ATOM   605 C  CD1 . PHE A 1 76 ? 2.197   2.116   3.029   1.00 27.27 ? 76  PHE A CD1 1 
ATOM   606 C  CD2 . PHE A 1 76 ? 1.293   3.597   4.672   1.00 28.22 ? 76  PHE A CD2 1 
ATOM   607 C  CE1 . PHE A 1 76 ? 1.146   2.415   2.166   1.00 26.37 ? 76  PHE A CE1 1 
ATOM   608 C  CE2 . PHE A 1 76 ? 0.249   3.902   3.819   1.00 27.57 ? 76  PHE A CE2 1 
ATOM   609 C  CZ  . PHE A 1 76 ? 0.171   3.306   2.565   1.00 26.65 ? 76  PHE A CZ  1 
ATOM   610 N  N   . TYR A 1 77 ? 2.089   1.491   7.825   1.00 33.03 ? 77  TYR A N   1 
ATOM   611 C  CA  . TYR A 1 77 ? 0.943   1.560   8.711   1.00 34.54 ? 77  TYR A CA  1 
ATOM   612 C  C   . TYR A 1 77 ? 0.277   2.919   8.637   1.00 36.06 ? 77  TYR A C   1 
ATOM   613 O  O   . TYR A 1 77 ? 0.951   3.948   8.639   1.00 37.00 ? 77  TYR A O   1 
ATOM   614 C  CB  . TYR A 1 77 ? 1.403   1.381   10.148  1.00 36.56 ? 77  TYR A CB  1 
ATOM   615 C  CG  . TYR A 1 77 ? 1.693   -0.029  10.514  1.00 36.69 ? 77  TYR A CG  1 
ATOM   616 C  CD1 . TYR A 1 77 ? 0.818   -0.743  11.320  1.00 37.60 ? 77  TYR A CD1 1 
ATOM   617 C  CD2 . TYR A 1 77 ? 2.830   -0.663  10.045  1.00 36.74 ? 77  TYR A CD2 1 
ATOM   618 C  CE1 . TYR A 1 77 ? 1.075   -2.054  11.658  1.00 37.96 ? 77  TYR A CE1 1 
ATOM   619 C  CE2 . TYR A 1 77 ? 3.104   -1.976  10.375  1.00 37.01 ? 77  TYR A CE2 1 
ATOM   620 C  CZ  . TYR A 1 77 ? 2.224   -2.666  11.183  1.00 37.59 ? 77  TYR A CZ  1 
ATOM   621 O  OH  . TYR A 1 77 ? 2.494   -3.970  11.526  1.00 37.77 ? 77  TYR A OH  1 
ATOM   622 N  N   . LEU A 1 78 ? -1.048  2.924   8.600   1.00 36.63 ? 78  LEU A N   1 
ATOM   623 C  CA  . LEU A 1 78 ? -1.808  4.129   8.898   1.00 38.43 ? 78  LEU A CA  1 
ATOM   624 C  C   . LEU A 1 78 ? -2.548  3.827   10.192  1.00 39.66 ? 78  LEU A C   1 
ATOM   625 O  O   . LEU A 1 78 ? -3.477  3.028   10.213  1.00 39.31 ? 78  LEU A O   1 
ATOM   626 C  CB  . LEU A 1 78 ? -2.793  4.442   7.782   1.00 37.99 ? 78  LEU A CB  1 
ATOM   627 C  CG  . LEU A 1 78 ? -2.817  5.876   7.261   1.00 39.30 ? 78  LEU A CG  1 
ATOM   628 C  CD1 . LEU A 1 78 ? -1.595  6.139   6.418   1.00 39.00 ? 78  LEU A CD1 1 
ATOM   629 C  CD2 . LEU A 1 78 ? -4.071  6.090   6.431   1.00 39.32 ? 78  LEU A CD2 1 
ATOM   630 N  N   . GLY A 1 79 ? -2.116  4.443   11.281  1.00 41.78 ? 79  GLY A N   1 
ATOM   631 C  CA  . GLY A 1 79 ? -2.616  4.060   12.588  1.00 43.60 ? 79  GLY A CA  1 
ATOM   632 C  C   . GLY A 1 79 ? -2.260  2.615   12.891  1.00 43.51 ? 79  GLY A C   1 
ATOM   633 O  O   . GLY A 1 79 ? -1.088  2.255   12.987  1.00 43.57 ? 79  GLY A O   1 
ATOM   634 N  N   . GLN A 1 80 ? -3.277  1.774   13.033  1.00 43.69 ? 80  GLN A N   1 
ATOM   635 C  CA  . GLN A 1 80 ? -3.058  0.384   13.401  1.00 43.37 ? 80  GLN A CA  1 
ATOM   636 C  C   . GLN A 1 80 ? -3.320  -0.573  12.247  1.00 40.80 ? 80  GLN A C   1 
ATOM   637 O  O   . GLN A 1 80 ? -2.984  -1.760  12.337  1.00 41.17 ? 80  GLN A O   1 
ATOM   638 C  CB  . GLN A 1 80 ? -3.925  0.003   14.591  1.00 45.76 ? 80  GLN A CB  1 
ATOM   639 C  CG  . GLN A 1 80 ? -3.441  0.568   15.900  1.00 48.92 ? 80  GLN A CG  1 
ATOM   640 C  CD  . GLN A 1 80 ? -4.151  -0.055  17.088  1.00 51.26 ? 80  GLN A CD  1 
ATOM   641 O  OE1 . GLN A 1 80 ? -3.646  -1.005  17.704  1.00 52.28 ? 80  GLN A OE1 1 
ATOM   642 N  NE2 . GLN A 1 80 ? -5.336  0.462   17.406  1.00 52.16 ? 80  GLN A NE2 1 
ATOM   643 N  N   . VAL A 1 81 ? -3.932  -0.063  11.175  1.00 37.90 ? 81  VAL A N   1 
ATOM   644 C  CA  . VAL A 1 81 ? -4.040  -0.824  9.930   1.00 34.44 ? 81  VAL A CA  1 
ATOM   645 C  C   . VAL A 1 81 ? -2.718  -0.750  9.128   1.00 32.69 ? 81  VAL A C   1 
ATOM   646 O  O   . VAL A 1 81 ? -2.034  0.278   9.122   1.00 33.21 ? 81  VAL A O   1 
ATOM   647 C  CB  . VAL A 1 81 ? -5.260  -0.379  9.085   1.00 33.43 ? 81  VAL A CB  1 
ATOM   648 C  CG1 . VAL A 1 81 ? -4.931  0.840   8.252   1.00 33.00 ? 81  VAL A CG1 1 
ATOM   649 C  CG2 . VAL A 1 81 ? -5.717  -1.505  8.193   1.00 32.51 ? 81  VAL A CG2 1 
ATOM   650 N  N   . ALA A 1 82 ? -2.341  -1.851  8.485   1.00 30.31 ? 82  ALA A N   1 
ATOM   651 C  CA  . ALA A 1 82 ? -1.111  -1.889  7.694   1.00 28.17 ? 82  ALA A CA  1 
ATOM   652 C  C   . ALA A 1 82 ? -1.434  -2.084  6.218   1.00 25.63 ? 82  ALA A C   1 
ATOM   653 O  O   . ALA A 1 82 ? -2.430  -2.698  5.882   1.00 25.50 ? 82  ALA A O   1 
ATOM   654 C  CB  . ALA A 1 82 ? -0.174  -2.989  8.194   1.00 28.50 ? 82  ALA A CB  1 
ATOM   655 N  N   . ILE A 1 83 ? -0.587  -1.565  5.338   1.00 23.88 ? 83  ILE A N   1 
ATOM   656 C  CA  . ILE A 1 83 ? -0.906  -1.523  3.927   1.00 22.28 ? 83  ILE A CA  1 
ATOM   657 C  C   . ILE A 1 83 ? 0.259   -1.954  3.081   1.00 21.97 ? 83  ILE A C   1 
ATOM   658 O  O   . ILE A 1 83 ? 1.374   -1.475  3.258   1.00 22.82 ? 83  ILE A O   1 
ATOM   659 C  CB  . ILE A 1 83 ? -1.297  -0.114  3.487   1.00 22.50 ? 83  ILE A CB  1 
ATOM   660 C  CG1 . ILE A 1 83 ? -2.594  0.310   4.188   1.00 23.28 ? 83  ILE A CG1 1 
ATOM   661 C  CG2 . ILE A 1 83 ? -1.445  -0.075  1.983   1.00 21.88 ? 83  ILE A CG2 1 
ATOM   662 C  CD1 . ILE A 1 83 ? -2.886  1.795   4.158   1.00 23.94 ? 83  ILE A CD1 1 
ATOM   663 N  N   . LEU A 1 84 ? -0.012  -2.862  2.152   1.00 21.10 ? 84  LEU A N   1 
ATOM   664 C  CA  . LEU A 1 84 ? 0.999   -3.368  1.252   1.00 20.49 ? 84  LEU A CA  1 
ATOM   665 C  C   . LEU A 1 84 ? 0.547   -3.047  -0.143  1.00 20.88 ? 84  LEU A C   1 
ATOM   666 O  O   . LEU A 1 84 ? -0.565  -3.372  -0.536  1.00 21.26 ? 84  LEU A O   1 
ATOM   667 C  CB  . LEU A 1 84 ? 1.143   -4.871  1.417   1.00 19.82 ? 84  LEU A CB  1 
ATOM   668 C  CG  . LEU A 1 84 ? 1.986   -5.607  0.388   1.00 19.69 ? 84  LEU A CG  1 
ATOM   669 C  CD1 . LEU A 1 84 ? 3.399   -5.082  0.397   1.00 19.89 ? 84  LEU A CD1 1 
ATOM   670 C  CD2 . LEU A 1 84 ? 1.968   -7.097  0.683   1.00 19.84 ? 84  LEU A CD2 1 
ATOM   671 N  N   . LEU A 1 85 ? 1.412   -2.397  -0.896  1.00 21.78 ? 85  LEU A N   1 
ATOM   672 C  CA  . LEU A 1 85 ? 1.027   -1.893  -2.192  1.00 22.86 ? 85  LEU A CA  1 
ATOM   673 C  C   . LEU A 1 85 ? 2.179   -2.073  -3.159  1.00 24.12 ? 85  LEU A C   1 
ATOM   674 O  O   . LEU A 1 85 ? 3.173   -1.374  -3.078  1.00 24.94 ? 85  LEU A O   1 
ATOM   675 C  CB  . LEU A 1 85 ? 0.663   -0.419  -2.063  1.00 22.57 ? 85  LEU A CB  1 
ATOM   676 C  CG  . LEU A 1 85 ? 0.384   0.363   -3.333  1.00 23.18 ? 85  LEU A CG  1 
ATOM   677 C  CD1 . LEU A 1 85 ? -0.611  -0.382  -4.245  1.00 23.52 ? 85  LEU A CD1 1 
ATOM   678 C  CD2 . LEU A 1 85 ? -0.121  1.735   -2.931  1.00 23.21 ? 85  LEU A CD2 1 
ATOM   679 N  N   . PHE A 1 86 ? 2.056   -3.023  -4.071  1.00 25.15 ? 86  PHE A N   1 
ATOM   680 C  CA  . PHE A 1 86 ? 3.172   -3.326  -4.950  1.00 26.90 ? 86  PHE A CA  1 
ATOM   681 C  C   . PHE A 1 86 ? 2.714   -3.431  -6.397  1.00 29.34 ? 86  PHE A C   1 
ATOM   682 O  O   . PHE A 1 86 ? 1.523   -3.513  -6.664  1.00 30.07 ? 86  PHE A O   1 
ATOM   683 C  CB  . PHE A 1 86 ? 3.906   -4.590  -4.487  1.00 25.58 ? 86  PHE A CB  1 
ATOM   684 C  CG  . PHE A 1 86 ? 3.053   -5.830  -4.475  1.00 24.51 ? 86  PHE A CG  1 
ATOM   685 C  CD1 . PHE A 1 86 ? 2.117   -6.039  -3.482  1.00 23.35 ? 86  PHE A CD1 1 
ATOM   686 C  CD2 . PHE A 1 86 ? 3.212   -6.806  -5.446  1.00 25.41 ? 86  PHE A CD2 1 
ATOM   687 C  CE1 . PHE A 1 86 ? 1.339   -7.182  -3.467  1.00 22.87 ? 86  PHE A CE1 1 
ATOM   688 C  CE2 . PHE A 1 86 ? 2.435   -7.956  -5.434  1.00 25.07 ? 86  PHE A CE2 1 
ATOM   689 C  CZ  . PHE A 1 86 ? 1.499   -8.140  -4.441  1.00 23.76 ? 86  PHE A CZ  1 
ATOM   690 N  N   . LYS A 1 87 ? 3.656   -3.391  -7.327  1.00 31.84 ? 87  LYS A N   1 
ATOM   691 C  CA  . LYS A 1 87 ? 3.321   -3.470  -8.734  1.00 34.69 ? 87  LYS A CA  1 
ATOM   692 C  C   . LYS A 1 87 ? 3.964   -4.716  -9.319  1.00 37.11 ? 87  LYS A C   1 
ATOM   693 O  O   . LYS A 1 87 ? 5.191   -4.821  -9.401  1.00 38.39 ? 87  LYS A O   1 
ATOM   694 C  CB  . LYS A 1 87 ? 3.822   -2.222  -9.460  1.00 35.97 ? 87  LYS A CB  1 
ATOM   695 C  CG  . LYS A 1 87 ? 3.370   -2.053  -10.913 1.00 37.85 ? 87  LYS A CG  1 
ATOM   696 C  CD  . LYS A 1 87 ? 3.762   -0.655  -11.425 1.00 39.21 ? 87  LYS A CD  1 
ATOM   697 C  CE  . LYS A 1 87 ? 3.371   -0.425  -12.873 1.00 41.45 ? 87  LYS A CE  1 
ATOM   698 N  NZ  . LYS A 1 87 ? 3.874   -1.521  -13.744 1.00 42.56 ? 87  LYS A NZ  1 
ATOM   699 N  N   . SER A 1 88 ? 3.134   -5.676  -9.699  1.00 38.66 ? 88  SER A N   1 
ATOM   700 C  CA  . SER A 1 88 ? 3.625   -6.837  -10.410 1.00 41.30 ? 88  SER A CA  1 
ATOM   701 C  C   . SER A 1 88 ? 2.570   -7.306  -11.406 1.00 44.07 ? 88  SER A C   1 
ATOM   702 O  O   . SER A 1 88 ? 1.488   -7.758  -11.022 1.00 43.71 ? 88  SER A O   1 
ATOM   703 C  CB  . SER A 1 88 ? 3.997   -7.958  -9.443  1.00 40.01 ? 88  SER A CB  1 
ATOM   704 O  OG  . SER A 1 88 ? 4.720   -8.971  -10.118 1.00 41.08 ? 88  SER A OG  1 
ATOM   705 N  N   . GLY A 1 89 ? 2.889   -7.179  -12.691 1.00 47.39 ? 89  GLY A N   1 
ATOM   706 C  CA  . GLY A 1 89 ? 1.993   -7.614  -13.754 1.00 50.40 ? 89  GLY A CA  1 
ATOM   707 C  C   . GLY A 1 89 ? 1.872   -6.581  -14.857 1.00 53.13 ? 89  GLY A C   1 
ATOM   708 O  O   . GLY A 1 89 ? 2.492   -5.513  -14.782 1.00 53.52 ? 89  GLY A O   1 
ATOM   709 O  OXT . GLY A 1 89 ? 1.147   -6.790  -15.842 1.00 55.53 ? 89  GLY A OXT 1 
ATOM   710 N  N   . VAL B 2 5  ? 13.045  -6.099  -10.942 1.00 62.42 ? 127 VAL C N   1 
ATOM   711 C  CA  . VAL B 2 5  ? 12.140  -7.029  -10.195 1.00 60.99 ? 127 VAL C CA  1 
ATOM   712 C  C   . VAL B 2 5  ? 12.789  -7.659  -8.954  1.00 60.43 ? 127 VAL C C   1 
ATOM   713 O  O   . VAL B 2 5  ? 13.812  -8.328  -9.054  1.00 61.71 ? 127 VAL C O   1 
ATOM   714 C  CB  . VAL B 2 5  ? 11.610  -8.144  -11.124 1.00 61.85 ? 127 VAL C CB  1 
ATOM   715 C  CG1 . VAL B 2 5  ? 10.963  -9.272  -10.318 1.00 60.12 ? 127 VAL C CG1 1 
ATOM   716 C  CG2 . VAL B 2 5  ? 10.638  -7.563  -12.144 1.00 62.37 ? 127 VAL C CG2 1 
ATOM   717 N  N   . TYR B 2 6  ? 12.182  -7.446  -7.788  1.00 58.95 ? 128 TYR C N   1 
ATOM   718 C  CA  . TYR B 2 6  ? 12.675  -8.030  -6.537  1.00 58.78 ? 128 TYR C CA  1 
ATOM   719 C  C   . TYR B 2 6  ? 11.557  -8.704  -5.711  1.00 56.31 ? 128 TYR C C   1 
ATOM   720 O  O   . TYR B 2 6  ? 10.429  -8.847  -6.176  1.00 55.89 ? 128 TYR C O   1 
ATOM   721 C  CB  . TYR B 2 6  ? 13.411  -6.971  -5.708  1.00 60.55 ? 128 TYR C CB  1 
ATOM   722 C  CG  . TYR B 2 6  ? 14.684  -7.481  -5.034  1.00 62.98 ? 128 TYR C CG  1 
ATOM   723 C  CD1 . TYR B 2 6  ? 15.899  -7.526  -5.733  1.00 65.28 ? 128 TYR C CD1 1 
ATOM   724 C  CD2 . TYR B 2 6  ? 14.674  -7.917  -3.700  1.00 62.58 ? 128 TYR C CD2 1 
ATOM   725 C  CE1 . TYR B 2 6  ? 17.061  -7.990  -5.124  1.00 66.59 ? 128 TYR C CE1 1 
ATOM   726 C  CE2 . TYR B 2 6  ? 15.835  -8.386  -3.084  1.00 63.77 ? 128 TYR C CE2 1 
ATOM   727 C  CZ  . TYR B 2 6  ? 17.023  -8.415  -3.800  1.00 65.84 ? 128 TYR C CZ  1 
ATOM   728 O  OH  . TYR B 2 6  ? 18.174  -8.874  -3.196  1.00 67.02 ? 128 TYR C OH  1 
ATOM   729 N  N   . THR B 2 7  ? 11.872  -9.112  -4.485  1.00 54.62 ? 129 THR C N   1 
ATOM   730 C  CA  . THR B 2 7  ? 10.950  -9.896  -3.661  1.00 52.42 ? 129 THR C CA  1 
ATOM   731 C  C   . THR B 2 7  ? 10.982  -9.460  -2.206  1.00 50.72 ? 129 THR C C   1 
ATOM   732 O  O   . THR B 2 7  ? 12.064  -9.242  -1.655  1.00 51.98 ? 129 THR C O   1 
ATOM   733 C  CB  . THR B 2 7  ? 11.349  -11.370 -3.671  1.00 53.82 ? 129 THR C CB  1 
ATOM   734 O  OG1 . THR B 2 7  ? 11.382  -11.852 -5.021  1.00 55.52 ? 129 THR C OG1 1 
ATOM   735 C  CG2 . THR B 2 7  ? 10.374  -12.185 -2.854  1.00 52.98 ? 129 THR C CG2 1 
ATOM   736 N  N   . LYS B 2 8  ? 9.817   -9.353  -1.568  1.00 47.80 ? 130 LYS C N   1 
ATOM   737 C  CA  . LYS B 2 8  ? 9.786   -8.868  -0.193  1.00 46.10 ? 130 LYS C CA  1 
ATOM   738 C  C   . LYS B 2 8  ? 8.899   -9.689  0.742   1.00 45.13 ? 130 LYS C C   1 
ATOM   739 O  O   . LYS B 2 8  ? 7.788   -10.071 0.373   1.00 44.65 ? 130 LYS C O   1 
ATOM   740 C  CB  . LYS B 2 8  ? 9.373   -7.393  -0.156  1.00 45.04 ? 130 LYS C CB  1 
ATOM   741 C  CG  . LYS B 2 8  ? 10.263  -6.441  -0.964  1.00 45.66 ? 130 LYS C CG  1 
ATOM   742 C  CD  . LYS B 2 8  ? 11.346  -5.778  -0.107  1.00 46.85 ? 130 LYS C CD  1 
ATOM   743 C  CE  . LYS B 2 8  ? 11.972  -4.541  -0.792  1.00 47.47 ? 130 LYS C CE  1 
ATOM   744 N  NZ  . LYS B 2 8  ? 12.887  -4.884  -1.929  1.00 48.74 ? 130 LYS C NZ  1 
ATOM   745 N  N   . GLN B 2 9  ? 9.413   -9.960  1.944   1.00 44.92 ? 131 GLN C N   1 
ATOM   746 C  CA  . GLN B 2 9  ? 8.645   -10.552 3.043   1.00 44.25 ? 131 GLN C CA  1 
ATOM   747 C  C   . GLN B 2 9  ? 8.123   -9.426  3.932   1.00 42.56 ? 131 GLN C C   1 
ATOM   748 O  O   . GLN B 2 9  ? 8.877   -8.540  4.319   1.00 42.94 ? 131 GLN C O   1 
ATOM   749 C  CB  . GLN B 2 9  ? 9.528   -11.500 3.887   1.00 46.97 ? 131 GLN C CB  1 
ATOM   750 C  CG  . GLN B 2 9  ? 9.902   -12.864 3.217   1.00 49.60 ? 131 GLN C CG  1 
ATOM   751 C  CD  . GLN B 2 9  ? 10.924  -13.758 4.001   1.00 51.98 ? 131 GLN C CD  1 
ATOM   752 O  OE1 . GLN B 2 9  ? 10.647  -14.235 5.110   1.00 52.90 ? 131 GLN C OE1 1 
ATOM   753 N  NE2 . GLN B 2 9  ? 12.087  -14.015 3.383   1.00 53.02 ? 131 GLN C NE2 1 
ATOM   754 N  N   . THR B 2 10 ? 6.836   -9.434  4.253   1.00 40.91 ? 132 THR C N   1 
ATOM   755 C  CA  . THR B 2 10 ? 6.314   -8.462  5.223   1.00 39.96 ? 132 THR C CA  1 
ATOM   756 C  C   . THR B 2 10 ? 5.471   -9.160  6.291   1.00 40.30 ? 132 THR C C   1 
ATOM   757 O  O   . THR B 2 10 ? 4.756   -10.116 6.004   1.00 40.51 ? 132 THR C O   1 
ATOM   758 C  CB  . THR B 2 10 ? 5.495   -7.304  4.575   1.00 38.07 ? 132 THR C CB  1 
ATOM   759 O  OG1 . THR B 2 10 ? 4.180   -7.762  4.263   1.00 36.96 ? 132 THR C OG1 1 
ATOM   760 C  CG2 . THR B 2 10 ? 6.158   -6.783  3.313   1.00 37.75 ? 132 THR C CG2 1 
ATOM   761 N  N   . GLN B 2 11 ? 5.552   -8.669  7.521   1.00 40.73 ? 133 GLN C N   1 
ATOM   762 C  CA  . GLN B 2 11 ? 4.855   -9.279  8.640   1.00 41.77 ? 133 GLN C CA  1 
ATOM   763 C  C   . GLN B 2 11 ? 4.328   -8.203  9.589   1.00 41.91 ? 133 GLN C C   1 
ATOM   764 O  O   . GLN B 2 11 ? 5.083   -7.314  9.965   1.00 42.64 ? 133 GLN C O   1 
ATOM   765 C  CB  . GLN B 2 11 ? 5.821   -10.203 9.386   1.00 43.70 ? 133 GLN C CB  1 
ATOM   766 C  CG  . GLN B 2 11 ? 5.303   -10.716 10.711  1.00 44.97 ? 133 GLN C CG  1 
ATOM   767 C  CD  . GLN B 2 11 ? 4.032   -11.500 10.539  1.00 44.78 ? 133 GLN C CD  1 
ATOM   768 O  OE1 . GLN B 2 11 ? 3.911   -12.291 9.612   1.00 44.68 ? 133 GLN C OE1 1 
ATOM   769 N  NE2 . GLN B 2 11 ? 3.068   -11.275 11.418  1.00 45.44 ? 133 GLN C NE2 1 
ATOM   770 N  N   . THR B 2 12 ? 3.050   -8.280  9.980   1.00 41.55 ? 134 THR C N   1 
ATOM   771 C  CA  . THR B 2 12 ? 2.474   -7.286  10.897  1.00 42.14 ? 134 THR C CA  1 
ATOM   772 C  C   . THR B 2 12 ? 2.992   -7.444  12.344  1.00 45.08 ? 134 THR C C   1 
ATOM   773 O  O   . THR B 2 12 ? 3.248   -8.564  12.796  1.00 46.38 ? 134 THR C O   1 
ATOM   774 C  CB  . THR B 2 12 ? 0.905   -7.233  10.851  1.00 41.14 ? 134 THR C CB  1 
ATOM   775 O  OG1 . THR B 2 12 ? 0.339   -8.337  11.566  1.00 42.09 ? 134 THR C OG1 1 
ATOM   776 C  CG2 . THR B 2 12 ? 0.395   -7.236  9.420   1.00 39.18 ? 134 THR C CG2 1 
ATOM   777 N  N   . THR B 2 13 ? 3.159   -6.314  13.047  1.00 46.50 ? 135 THR C N   1 
ATOM   778 C  CA  . THR B 2 13 ? 3.747   -6.274  14.403  1.00 48.95 ? 135 THR C CA  1 
ATOM   779 C  C   . THR B 2 13 ? 2.816   -6.892  15.448  1.00 50.15 ? 135 THR C C   1 
ATOM   780 O  O   . THR B 2 13 ? 1.606   -6.641  15.446  1.00 49.39 ? 135 THR C O   1 
ATOM   781 C  CB  . THR B 2 13 ? 4.118   -4.814  14.846  1.00 49.99 ? 135 THR C CB  1 
ATOM   782 O  OG1 . THR B 2 13 ? 4.953   -4.187  13.861  1.00 48.80 ? 135 THR C OG1 1 
ATOM   783 C  CG2 . THR B 2 13 ? 4.849   -4.814  16.190  1.00 52.81 ? 135 THR C CG2 1 
HETATM 784 C  C   . ACT C 3 .  ? 13.900  9.563   -5.803  1.00 51.15 ? 91  ACT A C   1 
HETATM 785 O  O   . ACT C 3 .  ? 14.093  9.125   -6.965  1.00 51.27 ? 91  ACT A O   1 
HETATM 786 O  OXT . ACT C 3 .  ? 14.020  8.732   -4.865  1.00 50.35 ? 91  ACT A OXT 1 
HETATM 787 C  CH3 . ACT C 3 .  ? 13.550  11.008  -5.575  1.00 51.11 ? 91  ACT A CH3 1 
HETATM 788 NA NA  . NA  D 4 .  ? -8.649  6.693   -8.098  1.00 51.07 ? 101 NA  A NA  1 
HETATM 789 O  O   . HOH E 5 .  ? 3.059   -7.326  6.560   1.00 40.36 ? 102 HOH A O   1 
HETATM 790 O  O   . HOH E 5 .  ? -12.649 -4.791  8.004   1.00 33.07 ? 103 HOH A O   1 
HETATM 791 O  O   . HOH E 5 .  ? -17.851 6.978   2.277   1.00 25.62 ? 104 HOH A O   1 
HETATM 792 O  O   . HOH E 5 .  ? -8.530  -6.316  14.465  1.00 89.96 ? 105 HOH A O   1 
HETATM 793 O  O   . HOH E 5 .  ? -6.483  1.257   14.739  1.00 30.35 ? 106 HOH A O   1 
HETATM 794 O  O   . HOH E 5 .  ? -7.024  -4.398  -12.780 1.00 37.39 ? 107 HOH A O   1 
HETATM 795 O  O   . HOH E 5 .  ? -7.396  -8.740  13.923  1.00 64.40 ? 108 HOH A O   1 
HETATM 796 O  O   . HOH E 5 .  ? -12.524 -3.508  -2.308  1.00 51.89 ? 109 HOH A O   1 
HETATM 797 O  O   . HOH E 5 .  ? 17.274  6.007   -7.920  1.00 30.83 ? 110 HOH A O   1 
HETATM 798 O  O   . HOH E 5 .  ? -2.548  7.438   14.539  1.00 43.31 ? 111 HOH A O   1 
HETATM 799 O  O   . HOH E 5 .  ? 1.839   3.914   13.567  1.00 35.35 ? 112 HOH A O   1 
HETATM 800 O  O   . HOH E 5 .  ? -11.774 3.507   7.769   1.00 21.79 ? 113 HOH A O   1 
HETATM 801 O  O   . HOH E 5 .  ? 9.541   0.575   11.710  1.00 47.35 ? 114 HOH A O   1 
HETATM 802 O  O   . HOH E 5 .  ? 7.242   8.034   10.065  1.00 27.73 ? 115 HOH A O   1 
HETATM 803 O  O   . HOH E 5 .  ? -14.756 14.978  -5.407  1.00 66.29 ? 116 HOH A O   1 
HETATM 804 O  O   . HOH E 5 .  ? -10.434 3.750   -10.797 1.00 52.45 ? 117 HOH A O   1 
HETATM 805 O  O   . HOH E 5 .  ? -17.430 -3.603  1.992   1.00 67.55 ? 118 HOH A O   1 
HETATM 806 O  O   . HOH E 5 .  ? 3.981   15.706  0.752   1.00 58.91 ? 119 HOH A O   1 
HETATM 807 O  O   . HOH E 5 .  ? 11.865  2.967   3.847   1.00 27.15 ? 120 HOH A O   1 
HETATM 808 O  O   . HOH E 5 .  ? 10.323  -2.361  16.330  1.00 60.51 ? 121 HOH A O   1 
HETATM 809 O  O   . HOH E 5 .  ? 9.224   -5.183  5.023   1.00 25.16 ? 122 HOH A O   1 
HETATM 810 O  O   . HOH E 5 .  ? -14.808 9.874   -3.770  1.00 38.60 ? 123 HOH A O   1 
HETATM 811 O  O   . HOH E 5 .  ? 5.175   10.081  3.439   1.00 64.41 ? 124 HOH A O   1 
HETATM 812 O  O   . HOH E 5 .  ? 15.969  1.063   -9.485  1.00 36.25 ? 125 HOH A O   1 
HETATM 813 O  O   . HOH E 5 .  ? 6.819   5.584   14.237  1.00 61.88 ? 126 HOH A O   1 
HETATM 814 O  O   . HOH E 5 .  ? -13.752 0.934   -3.461  1.00 55.73 ? 127 HOH A O   1 
HETATM 815 O  O   . HOH E 5 .  ? -2.410  -14.316 15.872  1.00 40.83 ? 128 HOH A O   1 
HETATM 816 O  O   . HOH E 5 .  ? -16.336 -7.065  -2.667  1.00 19.98 ? 129 HOH A O   1 
HETATM 817 O  O   . HOH E 5 .  ? -9.408  -1.736  9.324   1.00 26.47 ? 130 HOH A O   1 
HETATM 818 O  O   . HOH E 5 .  ? -5.138  8.635   -14.766 1.00 44.19 ? 131 HOH A O   1 
HETATM 819 O  O   . HOH E 5 .  ? -0.198  -3.976  13.394  1.00 32.48 ? 132 HOH A O   1 
HETATM 820 O  O   . HOH E 5 .  ? -14.601 9.256   7.715   1.00 49.99 ? 133 HOH A O   1 
HETATM 821 O  O   . HOH E 5 .  ? 19.776  9.414   -7.593  1.00 47.98 ? 134 HOH A O   1 
HETATM 822 O  O   . HOH E 5 .  ? 1.269   7.803   17.789  1.00 46.13 ? 135 HOH A O   1 
HETATM 823 O  O   . HOH E 5 .  ? -14.496 10.025  9.959   1.00 44.45 ? 136 HOH A O   1 
HETATM 824 O  O   . HOH E 5 .  ? 10.705  11.968  -4.964  1.00 36.32 ? 137 HOH A O   1 
HETATM 825 O  O   . HOH E 5 .  ? 3.415   2.360   19.860  1.00 82.41 ? 138 HOH A O   1 
HETATM 826 O  O   . HOH E 5 .  ? -8.087  -11.042 13.515  1.00 57.67 ? 139 HOH A O   1 
HETATM 827 O  O   . HOH E 5 .  ? -5.594  2.901   13.436  1.00 27.22 ? 140 HOH A O   1 
HETATM 828 O  O   . HOH E 5 .  ? 5.352   -7.687  -13.614 1.00 36.35 ? 141 HOH A O   1 
HETATM 829 O  O   . HOH E 5 .  ? -1.147  1.801   16.570  1.00 43.41 ? 142 HOH A O   1 
HETATM 830 O  O   . HOH F 5 .  ? 7.775   -6.732  7.592   1.00 28.77 ? 139 HOH C O   1 
HETATM 831 O  O   . HOH F 5 .  ? 11.688  -8.424  1.916   1.00 43.63 ? 140 HOH C O   1 
HETATM 832 O  O   . HOH F 5 .  ? 14.153  -10.801 -0.545  1.00 60.96 ? 141 HOH C O   1 
HETATM 833 O  O   . HOH F 5 .  ? 11.508  -11.744 -7.952  1.00 35.07 ? 142 HOH C O   1 
HETATM 834 O  O   . HOH F 5 .  ? 0.366   -9.055  14.549  1.00 35.30 ? 143 HOH C O   1 
HETATM 835 O  O   . HOH F 5 .  ? 13.916  -6.516  1.492   1.00 37.69 ? 144 HOH C O   1 
HETATM 836 O  O   . HOH F 5 .  ? 13.014  -11.761 3.800   1.00 20.33 ? 145 HOH C O   1 
HETATM 837 O  O   . HOH F 5 .  ? 16.897  -9.783  10.205  1.00 42.48 ? 146 HOH C O   1 
HETATM 838 O  O   . HOH F 5 .  ? 6.988   -7.984  12.081  1.00 49.61 ? 147 HOH C O   1 
# 
loop_
_atom_site_anisotrop.id 
_atom_site_anisotrop.type_symbol 
_atom_site_anisotrop.pdbx_label_atom_id 
_atom_site_anisotrop.pdbx_label_alt_id 
_atom_site_anisotrop.pdbx_label_comp_id 
_atom_site_anisotrop.pdbx_label_asym_id 
_atom_site_anisotrop.pdbx_label_seq_id 
_atom_site_anisotrop.pdbx_PDB_ins_code 
_atom_site_anisotrop.U[1][1] 
_atom_site_anisotrop.U[2][2] 
_atom_site_anisotrop.U[3][3] 
_atom_site_anisotrop.U[1][2] 
_atom_site_anisotrop.U[1][3] 
_atom_site_anisotrop.U[2][3] 
_atom_site_anisotrop.pdbx_auth_seq_id 
_atom_site_anisotrop.pdbx_auth_comp_id 
_atom_site_anisotrop.pdbx_auth_asym_id 
_atom_site_anisotrop.pdbx_auth_atom_id 
1   N N   . ASP A 3  ? 0.5677 0.5090 1.1501 -0.0517 0.1230  -0.2322 3   ASP A N   
2   C CA  . ASP A 3  ? 0.5671 0.5222 1.0823 -0.0507 0.1204  -0.2225 3   ASP A CA  
3   C C   . ASP A 3  ? 0.5591 0.5213 1.0249 -0.0562 0.0994  -0.2189 3   ASP A C   
4   O O   . ASP A 3  ? 0.5902 0.5527 1.0283 -0.0595 0.0903  -0.2476 3   ASP A O   
5   C CB  . ASP A 3  ? 0.5441 0.5071 1.0698 -0.0456 0.1282  -0.1855 3   ASP A CB  
6   C CG  . ASP A 3  ? 0.5562 0.5294 1.0390 -0.0437 0.1376  -0.1855 3   ASP A CG  
7   O OD1 . ASP A 3  ? 0.5591 0.5360 1.0699 -0.0380 0.1543  -0.1817 3   ASP A OD1 
8   O OD2 . ASP A 3  ? 0.5638 0.5421 0.9879 -0.0476 0.1289  -0.1883 3   ASP A OD2 
9   N N   . ARG A 4  ? 0.5201 0.4891 0.9767 -0.0560 0.0910  -0.1849 4   ARG A N   
10  C CA  . ARG A 4  ? 0.4980 0.4740 0.9048 -0.0587 0.0730  -0.1773 4   ARG A CA  
11  C C   . ARG A 4  ? 0.4809 0.4581 0.9062 -0.0626 0.0574  -0.1808 4   ARG A C   
12  O O   . ARG A 4  ? 0.4743 0.4478 0.9547 -0.0638 0.0608  -0.1750 4   ARG A O   
13  C CB  . ARG A 4  ? 0.4736 0.4562 0.8607 -0.0564 0.0720  -0.1432 4   ARG A CB  
14  N N   . LYS A 5  ? 0.4739 0.4575 0.8552 -0.0640 0.0409  -0.1878 5   LYS A N   
15  C CA  . LYS A 5  ? 0.4607 0.4495 0.8587 -0.0677 0.0251  -0.1968 5   LYS A CA  
16  C C   . LYS A 5  ? 0.4247 0.4224 0.8149 -0.0659 0.0138  -0.1692 5   LYS A C   
17  O O   . LYS A 5  ? 0.4275 0.4292 0.7675 -0.0627 0.0039  -0.1621 5   LYS A O   
18  C CB  . LYS A 5  ? 0.4965 0.4902 0.8560 -0.0692 0.0118  -0.2289 5   LYS A CB  
19  C CG  . LYS A 5  ? 0.4967 0.5026 0.8501 -0.0707 -0.0099 -0.2315 5   LYS A CG  
20  C CD  . LYS A 5  ? 0.5331 0.5461 0.8670 -0.0730 -0.0239 -0.2693 5   LYS A CD  
21  C CE  . LYS A 5  ? 0.5376 0.5648 0.8243 -0.0689 -0.0461 -0.2661 5   LYS A CE  
22  N NZ  . LYS A 5  ? 0.5779 0.6151 0.8385 -0.0697 -0.0606 -0.3027 5   LYS A NZ  
23  N N   . ALA A 6  ? 0.3881 0.3885 0.8284 -0.0674 0.0164  -0.1540 6   ALA A N   
24  C CA  . ALA A 6  ? 0.3528 0.3633 0.7890 -0.0644 0.0098  -0.1271 6   ALA A CA  
25  C C   . ALA A 6  ? 0.3561 0.3785 0.7841 -0.0656 -0.0080 -0.1371 6   ALA A C   
26  O O   . ALA A 6  ? 0.3648 0.3921 0.8336 -0.0712 -0.0115 -0.1518 6   ALA A O   
27  C CB  . ALA A 6  ? 0.3244 0.3364 0.8132 -0.0643 0.0214  -0.1034 6   ALA A CB  
28  N N   . VAL A 7  ? 0.3562 0.3834 0.7361 -0.0601 -0.0191 -0.1288 7   VAL A N   
29  C CA  . VAL A 7  ? 0.3606 0.4011 0.7321 -0.0585 -0.0369 -0.1356 7   VAL A CA  
30  C C   . VAL A 7  ? 0.3392 0.3877 0.7033 -0.0518 -0.0394 -0.1100 7   VAL A C   
31  O O   . VAL A 7  ? 0.3306 0.3720 0.6558 -0.0463 -0.0385 -0.0955 7   VAL A O   
32  C CB  . VAL A 7  ? 0.3914 0.4308 0.7083 -0.0555 -0.0510 -0.1526 7   VAL A CB  
33  C CG1 . VAL A 7  ? 0.3967 0.4519 0.7060 -0.0512 -0.0712 -0.1557 7   VAL A CG1 
34  C CG2 . VAL A 7  ? 0.4199 0.4550 0.7385 -0.0610 -0.0495 -0.1826 7   VAL A CG2 
35  N N   . ILE A 8  ? 0.3243 0.3880 0.7276 -0.0526 -0.0419 -0.1058 8   ILE A N   
36  C CA  . ILE A 8  ? 0.3003 0.3744 0.6988 -0.0452 -0.0425 -0.0840 8   ILE A CA  
37  C C   . ILE A 8  ? 0.3101 0.3934 0.6814 -0.0386 -0.0611 -0.0919 8   ILE A C   
38  O O   . ILE A 8  ? 0.3227 0.4175 0.7110 -0.0415 -0.0730 -0.1105 8   ILE A O   
39  C CB  . ILE A 8  ? 0.2790 0.3669 0.7332 -0.0479 -0.0311 -0.0700 8   ILE A CB  
40  C CG1 . ILE A 8  ? 0.2800 0.3567 0.7627 -0.0532 -0.0139 -0.0610 8   ILE A CG1 
41  C CG2 . ILE A 8  ? 0.2581 0.3579 0.7009 -0.0388 -0.0290 -0.0480 8   ILE A CG2 
42  C CD1 . ILE A 8  ? 0.2677 0.3556 0.7941 -0.0530 0.0008  -0.0358 8   ILE A CD1 
43  N N   . LYS A 9  ? 0.3062 0.3843 0.6373 -0.0296 -0.0644 -0.0786 9   LYS A N   
44  C CA  . LYS A 9  ? 0.3167 0.3978 0.6160 -0.0210 -0.0818 -0.0835 9   LYS A CA  
45  C C   . LYS A 9  ? 0.3103 0.4081 0.6264 -0.0125 -0.0838 -0.0726 9   LYS A C   
46  O O   . LYS A 9  ? 0.3249 0.4368 0.6454 -0.0066 -0.0981 -0.0799 9   LYS A O   
47  C CB  . LYS A 9  ? 0.3266 0.3861 0.5701 -0.0165 -0.0837 -0.0773 9   LYS A CB  
48  C CG  . LYS A 9  ? 0.3445 0.3908 0.5655 -0.0232 -0.0819 -0.0891 9   LYS A CG  
49  C CD  . LYS A 9  ? 0.3764 0.4289 0.5781 -0.0212 -0.0992 -0.1071 9   LYS A CD  
50  C CE  . LYS A 9  ? 0.4034 0.4478 0.5884 -0.0283 -0.0947 -0.1232 9   LYS A CE  
51  N NZ  . LYS A 9  ? 0.4433 0.4882 0.5821 -0.0237 -0.1099 -0.1341 9   LYS A NZ  
52  N N   . ASN A 10 ? 0.2920 0.3905 0.6174 -0.0109 -0.0695 -0.0554 10  ASN A N   
53  C CA  . ASN A 10 ? 0.2870 0.4034 0.6277 -0.0022 -0.0675 -0.0454 10  ASN A CA  
54  C C   . ASN A 10 ? 0.2727 0.3952 0.6362 -0.0052 -0.0487 -0.0288 10  ASN A C   
55  O O   . ASN A 10 ? 0.2645 0.3727 0.6080 -0.0069 -0.0412 -0.0204 10  ASN A O   
56  C CB  . ASN A 10 ? 0.3006 0.4063 0.5982 0.0101  -0.0757 -0.0413 10  ASN A CB  
57  C CG  . ASN A 10 ? 0.3001 0.4262 0.6134 0.0217  -0.0754 -0.0365 10  ASN A CG  
58  O OD1 . ASN A 10 ? 0.2926 0.4438 0.6489 0.0203  -0.0707 -0.0363 10  ASN A OD1 
59  N ND2 . ASN A 10 ? 0.3099 0.4249 0.5909 0.0331  -0.0797 -0.0331 10  ASN A ND2 
60  N N   . ALA A 11 ? 0.2709 0.4168 0.6780 -0.0057 -0.0406 -0.0228 11  ALA A N   
61  C CA  . ALA A 11 ? 0.2708 0.4246 0.6991 -0.0075 -0.0220 -0.0033 11  ALA A CA  
62  C C   . ALA A 11 ? 0.2759 0.4573 0.7266 0.0000  -0.0132 0.0085  11  ALA A C   
63  O O   . ALA A 11 ? 0.2833 0.4829 0.7643 0.0003  -0.0175 0.0009  11  ALA A O   
64  C CB  . ALA A 11 ? 0.2646 0.4151 0.7342 -0.0202 -0.0137 -0.0035 11  ALA A CB  
65  N N   . ASP A 12 ? 0.2841 0.4709 0.7185 0.0066  -0.0013 0.0261  12  ASP A N   
66  C CA  . ASP A 12 ? 0.2940 0.5095 0.7497 0.0133  0.0129  0.0412  12  ASP A CA  
67  C C   . ASP A 12 ? 0.3002 0.5193 0.7594 0.0116  0.0297  0.0648  12  ASP A C   
68  O O   . ASP A 12 ? 0.3022 0.5206 0.7232 0.0196  0.0319  0.0730  12  ASP A O   
69  C CB  . ASP A 12 ? 0.3088 0.5312 0.7290 0.0285  0.0084  0.0367  12  ASP A CB  
70  C CG  . ASP A 12 ? 0.3217 0.5751 0.7549 0.0371  0.0263  0.0528  12  ASP A CG  
71  O OD1 . ASP A 12 ? 0.3271 0.6018 0.8080 0.0313  0.0400  0.0649  12  ASP A OD1 
72  O OD2 . ASP A 12 ? 0.3333 0.5899 0.7295 0.0494  0.0277  0.0530  12  ASP A OD2 
73  N N   . MET A 13 ? 0.2988 0.5220 0.8056 0.0014  0.0408  0.0757  13  MET A N   
74  C CA  . MET A 13 ? 0.3018 0.5213 0.8138 -0.0009 0.0536  0.0981  13  MET A CA  
75  C C   . MET A 13 ? 0.3117 0.5355 0.8879 -0.0121 0.0666  0.1091  13  MET A C   
76  O O   . MET A 13 ? 0.3040 0.5204 0.9126 -0.0220 0.0595  0.0904  13  MET A O   
77  C CB  . MET A 13 ? 0.2926 0.4840 0.7729 -0.0037 0.0425  0.0881  13  MET A CB  
78  C CG  . MET A 13 ? 0.2901 0.4762 0.7745 -0.0048 0.0519  0.1088  13  MET A CG  
79  S SD  . MET A 13 ? 0.2841 0.4410 0.7349 -0.0082 0.0386  0.0925  13  MET A SD  
80  C CE  . MET A 13 ? 0.2810 0.4439 0.6714 0.0031  0.0307  0.0941  13  MET A CE  
81  N N   . SER A 14 ? 0.3310 0.5671 0.9260 -0.0104 0.0852  0.1394  14  SER A N   
82  C CA  . SER A 14 ? 0.3495 0.5849 1.0086 -0.0212 0.0996  0.1544  14  SER A CA  
83  C C   . SER A 14 ? 0.3584 0.5637 1.0394 -0.0331 0.0897  0.1332  14  SER A C   
84  O O   . SER A 14 ? 0.3514 0.5371 0.9974 -0.0309 0.0802  0.1244  14  SER A O   
85  C CB  . SER A 14 ? 0.3627 0.6068 1.0251 -0.0156 0.1180  0.1929  14  SER A CB  
86  O OG  . SER A 14 ? 0.3755 0.5992 1.0801 -0.0242 0.1245  0.2028  14  SER A OG  
87  N N   . GLU A 15 ? 0.3807 0.5843 1.1208 -0.0456 0.0924  0.1234  15  GLU A N   
88  C CA  . GLU A 15 ? 0.3970 0.5742 1.1592 -0.0569 0.0827  0.0971  15  GLU A CA  
89  C C   . GLU A 15 ? 0.4112 0.5655 1.1782 -0.0570 0.0906  0.1103  15  GLU A C   
90  O O   . GLU A 15 ? 0.4149 0.5460 1.1795 -0.0618 0.0821  0.0878  15  GLU A O   
91  C CB  . GLU A 15 ? 0.4071 0.5889 1.2396 -0.0713 0.0851  0.0848  15  GLU A CB  
92  C CG  . GLU A 15 ? 0.4149 0.6190 1.2479 -0.0722 0.0717  0.0632  15  GLU A CG  
93  C CD  . GLU A 15 ? 0.4201 0.6569 1.2875 -0.0708 0.0873  0.0865  15  GLU A CD  
94  O OE1 . GLU A 15 ? 0.4322 0.6727 1.3632 -0.0807 0.1051  0.1044  15  GLU A OE1 
95  O OE2 . GLU A 15 ? 0.4114 0.6699 1.2447 -0.0597 0.0831  0.0871  15  GLU A OE2 
96  N N   . GLU A 16 ? 0.4245 0.5877 1.1973 -0.0503 0.1069  0.1474  16  GLU A N   
97  C CA  . GLU A 16 ? 0.4358 0.5815 1.2171 -0.0479 0.1149  0.1657  16  GLU A CA  
98  C C   . GLU A 16 ? 0.4197 0.5616 1.1364 -0.0372 0.1039  0.1630  16  GLU A C   
99  O O   . GLU A 16 ? 0.4159 0.5372 1.1311 -0.0381 0.1004  0.1540  16  GLU A O   
100 C CB  . GLU A 16 ? 0.4628 0.6222 1.2766 -0.0439 0.1362  0.2100  16  GLU A CB  
101 C CG  . GLU A 16 ? 0.4950 0.6331 1.3473 -0.0445 0.1466  0.2287  16  GLU A CG  
102 C CD  . GLU A 16 ? 0.5253 0.6789 1.3919 -0.0360 0.1656  0.2789  16  GLU A CD  
103 O OE1 . GLU A 16 ? 0.5335 0.7027 1.4363 -0.0404 0.1807  0.2988  16  GLU A OE1 
104 O OE2 . GLU A 16 ? 0.5389 0.6911 1.3814 -0.0249 0.1652  0.2993  16  GLU A OE2 
105 N N   . MET A 17 ? 0.4070 0.5691 1.0736 -0.0276 0.0994  0.1696  17  MET A N   
106 C CA  . MET A 17 ? 0.3947 0.5549 1.0013 -0.0191 0.0875  0.1645  17  MET A CA  
107 C C   . MET A 17 ? 0.3826 0.5224 0.9660 -0.0244 0.0715  0.1288  17  MET A C   
108 O O   . MET A 17 ? 0.3773 0.5085 0.9250 -0.0210 0.0637  0.1232  17  MET A O   
109 C CB  . MET A 17 ? 0.3950 0.5791 0.9564 -0.0091 0.0847  0.1709  17  MET A CB  
110 C CG  . MET A 17 ? 0.4132 0.6210 0.9737 0.0003  0.0986  0.2072  17  MET A CG  
111 S SD  . MET A 17 ? 0.4237 0.6558 0.9193 0.0132  0.0918  0.2034  17  MET A SD  
112 C CE  . MET A 17 ? 0.4057 0.6137 0.8562 0.0115  0.0692  0.1711  17  MET A CE  
113 N N   . GLN A 18 ? 0.3801 0.5146 0.9839 -0.0327 0.0665  0.1054  18  GLN A N   
114 C CA  . GLN A 18 ? 0.3786 0.4954 0.9606 -0.0374 0.0520  0.0729  18  GLN A CA  
115 C C   . GLN A 18 ? 0.3839 0.4790 0.9874 -0.0427 0.0561  0.0660  18  GLN A C   
116 O O   . GLN A 18 ? 0.3875 0.4720 0.9583 -0.0403 0.0509  0.0587  18  GLN A O   
117 C CB  . GLN A 18 ? 0.3780 0.4992 0.9763 -0.0438 0.0437  0.0500  18  GLN A CB  
118 C CG  . GLN A 18 ? 0.3731 0.5176 0.9575 -0.0373 0.0415  0.0567  18  GLN A CG  
119 C CD  . GLN A 18 ? 0.3752 0.5239 0.9558 -0.0397 0.0261  0.0302  18  GLN A CD  
120 O OE1 . GLN A 18 ? 0.3816 0.5154 0.9554 -0.0452 0.0146  0.0058  18  GLN A OE1 
121 N NE2 . GLN A 18 ? 0.3764 0.5476 0.9605 -0.0344 0.0258  0.0349  18  GLN A NE2 
122 N N   . GLN A 19 ? 0.3923 0.4812 1.0544 -0.0499 0.0662  0.0678  19  GLN A N   
123 C CA  . GLN A 19 ? 0.4007 0.4683 1.0904 -0.0532 0.0724  0.0617  19  GLN A CA  
124 C C   . GLN A 19 ? 0.3937 0.4616 1.0672 -0.0437 0.0784  0.0869  19  GLN A C   
125 O O   . GLN A 19 ? 0.3956 0.4485 1.0740 -0.0431 0.0806  0.0797  19  GLN A O   
126 C CB  . GLN A 19 ? 0.4195 0.4796 1.1819 -0.0615 0.0847  0.0658  19  GLN A CB  
127 C CG  . GLN A 19 ? 0.4417 0.4776 1.2392 -0.0635 0.0928  0.0590  19  GLN A CG  
128 C CD  . GLN A 19 ? 0.4581 0.4786 1.2379 -0.0688 0.0823  0.0161  19  GLN A CD  
129 O OE1 . GLN A 19 ? 0.4716 0.4881 1.2729 -0.0785 0.0763  -0.0125 19  GLN A OE1 
130 N NE2 . GLN A 19 ? 0.4540 0.4682 1.1950 -0.0624 0.0801  0.0110  19  GLN A NE2 
131 N N   . ASP A 20 ? 0.3843 0.4720 1.0386 -0.0356 0.0808  0.1153  20  ASP A N   
132 C CA  . ASP A 20 ? 0.3828 0.4771 1.0190 -0.0258 0.0833  0.1396  20  ASP A CA  
133 C C   . ASP A 20 ? 0.3634 0.4563 0.9442 -0.0235 0.0698  0.1221  20  ASP A C   
134 O O   . ASP A 20 ? 0.3655 0.4531 0.9415 -0.0206 0.0696  0.1242  20  ASP A O   
135 C CB  . ASP A 20 ? 0.4029 0.5221 1.0313 -0.0177 0.0891  0.1728  20  ASP A CB  
136 C CG  . ASP A 20 ? 0.4269 0.5543 1.0616 -0.0079 0.0956  0.2058  20  ASP A CG  
137 O OD1 . ASP A 20 ? 0.4406 0.5526 1.1138 -0.0083 0.1019  0.2107  20  ASP A OD1 
138 O OD2 . ASP A 20 ? 0.4370 0.5877 1.0387 0.0014  0.0938  0.2263  20  ASP A OD2 
139 N N   . ALA A 21 ? 0.3495 0.4469 0.8922 -0.0247 0.0593  0.1058  21  ALA A N   
140 C CA  . ALA A 21 ? 0.3368 0.4296 0.8290 -0.0238 0.0470  0.0895  21  ALA A CA  
141 C C   . ALA A 21 ? 0.3384 0.4111 0.8325 -0.0301 0.0454  0.0659  21  ALA A C   
142 O O   . ALA A 21 ? 0.3345 0.4028 0.8019 -0.0292 0.0417  0.0613  21  ALA A O   
143 C CB  . ALA A 21 ? 0.3346 0.4333 0.7933 -0.0230 0.0369  0.0776  21  ALA A CB  
144 N N   . VAL A 22 ? 0.3510 0.4128 0.8771 -0.0367 0.0487  0.0498  22  VAL A N   
145 C CA  . VAL A 22 ? 0.3681 0.4123 0.8968 -0.0416 0.0493  0.0257  22  VAL A CA  
146 C C   . VAL A 22 ? 0.3845 0.4239 0.9401 -0.0384 0.0605  0.0376  22  VAL A C   
147 O O   . VAL A 22 ? 0.3968 0.4298 0.9348 -0.0382 0.0608  0.0270  22  VAL A O   
148 C CB  . VAL A 22 ? 0.3750 0.4104 0.9332 -0.0495 0.0490  0.0017  22  VAL A CB  
149 C CG1 . VAL A 22 ? 0.3873 0.4071 0.9378 -0.0531 0.0493  -0.0259 22  VAL A CG1 
150 C CG2 . VAL A 22 ? 0.3739 0.4184 0.9102 -0.0514 0.0364  -0.0088 22  VAL A CG2 
151 N N   . ASP A 23 ? 0.3928 0.4365 0.9921 -0.0351 0.0703  0.0617  23  ASP A N   
152 C CA  . ASP A 23 ? 0.4045 0.4457 1.0337 -0.0293 0.0801  0.0781  23  ASP A CA  
153 C C   . ASP A 23 ? 0.3928 0.4465 0.9875 -0.0228 0.0749  0.0896  23  ASP A C   
154 O O   . ASP A 23 ? 0.3962 0.4449 0.9970 -0.0213 0.0784  0.0830  23  ASP A O   
155 C CB  . ASP A 23 ? 0.4200 0.4667 1.0952 -0.0250 0.0901  0.1097  23  ASP A CB  
156 C CG  . ASP A 23 ? 0.4450 0.4748 1.1736 -0.0322 0.0990  0.0991  23  ASP A CG  
157 O OD1 . ASP A 23 ? 0.4566 0.4714 1.1856 -0.0395 0.0962  0.0642  23  ASP A OD1 
158 O OD2 . ASP A 23 ? 0.4581 0.4901 1.2280 -0.0308 0.1085  0.1250  23  ASP A OD2 
159 N N   . CYS A 24 ? 0.3770 0.4482 0.9388 -0.0192 0.0669  0.1055  24  CYS A N   
160 C CA  A CYS A 24 ? 0.3676 0.4532 0.8973 -0.0141 0.0595  0.1151  24  CYS A CA  
161 C CA  B CYS A 24 ? 0.3686 0.4542 0.8984 -0.0141 0.0595  0.1151  24  CYS A CA  
162 C C   . CYS A 24 ? 0.3648 0.4410 0.8619 -0.0200 0.0536  0.0897  24  CYS A C   
163 O O   . CYS A 24 ? 0.3604 0.4431 0.8502 -0.0184 0.0518  0.0924  24  CYS A O   
164 C CB  A CYS A 24 ? 0.3647 0.4686 0.8623 -0.0100 0.0516  0.1292  24  CYS A CB  
165 C CB  B CYS A 24 ? 0.3655 0.4701 0.8629 -0.0098 0.0515  0.1298  24  CYS A CB  
166 S SG  A CYS A 24 ? 0.3677 0.4934 0.8332 -0.0035 0.0411  0.1423  24  CYS A SG  
167 S SG  B CYS A 24 ? 0.3746 0.4957 0.9030 -0.0017 0.0607  0.1652  24  CYS A SG  
168 N N   . ALA A 25 ? 0.3632 0.4259 0.8420 -0.0267 0.0506  0.0664  25  ALA A N   
169 C CA  . ALA A 25 ? 0.3600 0.4126 0.8061 -0.0319 0.0467  0.0445  25  ALA A CA  
170 C C   . ALA A 25 ? 0.3696 0.4109 0.8407 -0.0342 0.0575  0.0301  25  ALA A C   
171 O O   . ALA A 25 ? 0.3750 0.4157 0.8324 -0.0356 0.0598  0.0239  25  ALA A O   
172 C CB  . ALA A 25 ? 0.3606 0.4052 0.7754 -0.0361 0.0381  0.0275  25  ALA A CB  
173 N N   . THR A 26 ? 0.3749 0.4074 0.8850 -0.0348 0.0653  0.0237  26  THR A N   
174 C CA  . THR A 26 ? 0.3847 0.4053 0.9195 -0.0359 0.0764  0.0058  26  THR A CA  
175 C C   . THR A 26 ? 0.3800 0.4087 0.9402 -0.0294 0.0848  0.0219  26  THR A C   
176 O O   . THR A 26 ? 0.3880 0.4141 0.9482 -0.0296 0.0921  0.0085  26  THR A O   
177 C CB  . THR A 26 ? 0.3936 0.4013 0.9714 -0.0382 0.0828  -0.0067 26  THR A CB  
178 O OG1 . THR A 26 ? 0.4009 0.4034 0.9533 -0.0450 0.0740  -0.0296 26  THR A OG1 
179 C CG2 . THR A 26 ? 0.4126 0.4085 1.0216 -0.0370 0.0960  -0.0243 26  THR A CG2 
180 N N   . GLN A 27 ? 0.3684 0.4098 0.9493 -0.0229 0.0833  0.0512  27  GLN A N   
181 C CA  . GLN A 27 ? 0.3692 0.4236 0.9722 -0.0153 0.0873  0.0695  27  GLN A CA  
182 C C   . GLN A 27 ? 0.3576 0.4248 0.9221 -0.0177 0.0798  0.0673  27  GLN A C   
183 O O   . GLN A 27 ? 0.3613 0.4361 0.9412 -0.0152 0.0853  0.0672  27  GLN A O   
184 C CB  . GLN A 27 ? 0.3781 0.4466 1.0037 -0.0069 0.0851  0.1035  27  GLN A CB  
185 C CG  . GLN A 27 ? 0.4045 0.4618 1.0891 -0.0016 0.0974  0.1140  27  GLN A CG  
186 C CD  . GLN A 27 ? 0.4137 0.4855 1.1153 0.0068  0.0961  0.1516  27  GLN A CD  
187 O OE1 . GLN A 27 ? 0.4281 0.5070 1.1666 0.0172  0.1009  0.1754  27  GLN A OE1 
188 N NE2 . GLN A 27 ? 0.4054 0.4835 1.0796 0.0036  0.0898  0.1588  27  GLN A NE2 
189 N N   . ALA A 28 ? 0.3434 0.4133 0.8622 -0.0225 0.0679  0.0655  28  ALA A N   
190 C CA  . ALA A 28 ? 0.3333 0.4124 0.8172 -0.0262 0.0601  0.0635  28  ALA A CA  
191 C C   . ALA A 28 ? 0.3403 0.4075 0.8091 -0.0331 0.0671  0.0407  28  ALA A C   
192 O O   . ALA A 28 ? 0.3426 0.4182 0.8057 -0.0358 0.0683  0.0406  28  ALA A O   
193 C CB  . ALA A 28 ? 0.3247 0.4055 0.7669 -0.0285 0.0465  0.0658  28  ALA A CB  
194 N N   . LEU A 29 ? 0.3549 0.4045 0.8171 -0.0363 0.0721  0.0212  29  LEU A N   
195 C CA  . LEU A 29 ? 0.3749 0.4151 0.8168 -0.0417 0.0797  -0.0003 29  LEU A CA  
196 C C   . LEU A 29 ? 0.3851 0.4288 0.8660 -0.0381 0.0956  -0.0051 29  LEU A C   
197 O O   . LEU A 29 ? 0.4024 0.4491 0.8731 -0.0410 0.1041  -0.0134 29  LEU A O   
198 C CB  . LEU A 29 ? 0.3916 0.4156 0.8133 -0.0450 0.0781  -0.0216 29  LEU A CB  
199 C CG  . LEU A 29 ? 0.3964 0.4146 0.7657 -0.0497 0.0660  -0.0265 29  LEU A CG  
200 C CD1 . LEU A 29 ? 0.4204 0.4271 0.7752 -0.0517 0.0648  -0.0496 29  LEU A CD1 
201 C CD2 . LEU A 29 ? 0.4054 0.4249 0.7452 -0.0540 0.0688  -0.0254 29  LEU A CD2 
202 N N   . GLU A 30 ? 0.3802 0.4232 0.9083 -0.0312 0.1010  0.0012  30  GLU A N   
203 C CA  . GLU A 30 ? 0.3848 0.4301 0.9573 -0.0252 0.1166  -0.0026 30  GLU A CA  
204 C C   . GLU A 30 ? 0.3719 0.4397 0.9577 -0.0219 0.1164  0.0162  30  GLU A C   
205 O O   . GLU A 30 ? 0.3775 0.4520 0.9789 -0.0206 0.1289  0.0080  30  GLU A O   
206 C CB  . GLU A 30 ? 0.3859 0.4220 1.0105 -0.0182 0.1219  0.0027  30  GLU A CB  
207 N N   . LYS A 31 ? 0.3514 0.4335 0.9304 -0.0205 0.1021  0.0398  31  LYS A N   
208 C CA  . LYS A 31 ? 0.3456 0.4530 0.9388 -0.0176 0.0978  0.0570  31  LYS A CA  
209 C C   . LYS A 31 ? 0.3499 0.4648 0.9075 -0.0278 0.0941  0.0495  31  LYS A C   
210 O O   . LYS A 31 ? 0.3512 0.4783 0.9268 -0.0291 0.1034  0.0459  31  LYS A O   
211 C CB  . LYS A 31 ? 0.3318 0.4544 0.9325 -0.0108 0.0835  0.0843  31  LYS A CB  
212 C CG  . LYS A 31 ? 0.3274 0.4799 0.9363 -0.0083 0.0736  0.1003  31  LYS A CG  
213 C CD  . LYS A 31 ? 0.3272 0.4978 0.9459 0.0015  0.0610  0.1279  31  LYS A CD  
214 C CE  . LYS A 31 ? 0.3316 0.5350 0.9518 0.0027  0.0469  0.1397  31  LYS A CE  
215 N NZ  . LYS A 31 ? 0.3414 0.5674 0.9708 0.0149  0.0345  0.1681  31  LYS A NZ  
216 N N   . TYR A 32 ? 0.3505 0.4579 0.8618 -0.0350 0.0817  0.0477  32  TYR A N   
217 C CA  . TYR A 32 ? 0.3503 0.4611 0.8298 -0.0452 0.0766  0.0438  32  TYR A CA  
218 C C   . TYR A 32 ? 0.3644 0.4551 0.8095 -0.0534 0.0861  0.0247  32  TYR A C   
219 O O   . TYR A 32 ? 0.3746 0.4488 0.8110 -0.0514 0.0919  0.0119  32  TYR A O   
220 C CB  . TYR A 32 ? 0.3515 0.4650 0.8019 -0.0468 0.0573  0.0533  32  TYR A CB  
221 C CG  . TYR A 32 ? 0.3465 0.4861 0.8223 -0.0398 0.0464  0.0724  32  TYR A CG  
222 C CD1 . TYR A 32 ? 0.3485 0.5107 0.8396 -0.0431 0.0415  0.0773  32  TYR A CD1 
223 C CD2 . TYR A 32 ? 0.3436 0.4876 0.8288 -0.0298 0.0411  0.0866  32  TYR A CD2 
224 C CE1 . TYR A 32 ? 0.3471 0.5375 0.8593 -0.0356 0.0289  0.0943  32  TYR A CE1 
225 C CE2 . TYR A 32 ? 0.3434 0.5141 0.8469 -0.0218 0.0308  0.1066  32  TYR A CE2 
226 C CZ  . TYR A 32 ? 0.3471 0.5418 0.8627 -0.0243 0.0234  0.1095  32  TYR A CZ  
227 O OH  . TYR A 32 ? 0.3479 0.5734 0.8801 -0.0157 0.0105  0.1282  32  TYR A OH  
228 N N   . ASN A 33 ? 0.3683 0.4616 0.7944 -0.0626 0.0870  0.0231  33  ASN A N   
229 C CA  . ASN A 33 ? 0.3818 0.4574 0.7694 -0.0702 0.0955  0.0101  33  ASN A CA  
230 C C   . ASN A 33 ? 0.3825 0.4454 0.7275 -0.0779 0.0828  0.0131  33  ASN A C   
231 O O   . ASN A 33 ? 0.4081 0.4517 0.7156 -0.0789 0.0812  0.0055  33  ASN A O   
232 C CB  . ASN A 33 ? 0.3993 0.4849 0.8021 -0.0746 0.1146  0.0058  33  ASN A CB  
233 C CG  . ASN A 33 ? 0.4166 0.5016 0.8391 -0.0675 0.1325  -0.0080 33  ASN A CG  
234 O OD1 . ASN A 33 ? 0.4422 0.5371 0.8790 -0.0688 0.1510  -0.0136 33  ASN A OD1 
235 N ND2 . ASN A 33 ? 0.4102 0.4840 0.8365 -0.0600 0.1281  -0.0146 33  ASN A ND2 
236 N N   . ILE A 34 ? 0.3619 0.4357 0.7141 -0.0832 0.0732  0.0232  34  ILE A N   
237 C CA  . ILE A 34 ? 0.3524 0.4118 0.6697 -0.0900 0.0606  0.0250  34  ILE A CA  
238 C C   . ILE A 34 ? 0.3378 0.3876 0.6347 -0.0825 0.0450  0.0250  34  ILE A C   
239 O O   . ILE A 34 ? 0.3218 0.3848 0.6394 -0.0743 0.0392  0.0301  34  ILE A O   
240 C CB  . ILE A 34 ? 0.3474 0.4222 0.6834 -0.0977 0.0526  0.0320  34  ILE A CB  
241 C CG1 . ILE A 34 ? 0.3494 0.4448 0.7232 -0.1025 0.0680  0.0339  34  ILE A CG1 
242 C CG2 . ILE A 34 ? 0.3648 0.4194 0.6691 -0.1075 0.0459  0.0312  34  ILE A CG2 
243 C CD1 . ILE A 34 ? 0.3717 0.4545 0.7298 -0.1091 0.0885  0.0290  34  ILE A CD1 
244 N N   . GLU A 35 ? 0.3354 0.3632 0.5933 -0.0846 0.0395  0.0209  35  GLU A N   
245 C CA  . GLU A 35 ? 0.3180 0.3373 0.5569 -0.0771 0.0270  0.0194  35  GLU A CA  
246 C C   . GLU A 35 ? 0.2956 0.3266 0.5415 -0.0739 0.0127  0.0256  35  GLU A C   
247 O O   . GLU A 35 ? 0.2953 0.3324 0.5437 -0.0656 0.0066  0.0278  35  GLU A O   
248 C CB  . GLU A 35 ? 0.3425 0.3374 0.5407 -0.0790 0.0232  0.0150  35  GLU A CB  
249 C CG  . GLU A 35 ? 0.3718 0.3577 0.5548 -0.0790 0.0344  0.0075  35  GLU A CG  
250 C CD  . GLU A 35 ? 0.4062 0.3704 0.5485 -0.0819 0.0325  0.0081  35  GLU A CD  
251 O OE1 . GLU A 35 ? 0.4101 0.3639 0.5425 -0.0858 0.0251  0.0149  35  GLU A OE1 
252 O OE2 . GLU A 35 ? 0.4294 0.3872 0.5502 -0.0798 0.0378  0.0016  35  GLU A OE2 
253 N N   . LYS A 36 ? 0.2825 0.3179 0.5317 -0.0813 0.0077  0.0278  36  LYS A N   
254 C CA  . LYS A 36 ? 0.2644 0.3150 0.5195 -0.0787 -0.0066 0.0307  36  LYS A CA  
255 C C   . LYS A 36 ? 0.2396 0.3178 0.5251 -0.0704 -0.0062 0.0395  36  LYS A C   
256 O O   . LYS A 36 ? 0.2327 0.3226 0.5150 -0.0624 -0.0159 0.0441  36  LYS A O   
257 C CB  . LYS A 36 ? 0.2817 0.3353 0.5443 -0.0903 -0.0108 0.0289  36  LYS A CB  
258 C CG  . LYS A 36 ? 0.2781 0.3590 0.5592 -0.0890 -0.0243 0.0308  36  LYS A CG  
259 C CD  . LYS A 36 ? 0.2899 0.3752 0.5868 -0.1030 -0.0278 0.0267  36  LYS A CD  
260 C CE  . LYS A 36 ? 0.2878 0.3836 0.6158 -0.1097 -0.0120 0.0318  36  LYS A CE  
261 N NZ  . LYS A 36 ? 0.3120 0.4101 0.6577 -0.1257 -0.0130 0.0283  36  LYS A NZ  
262 N N   . ASP A 37 ? 0.2281 0.3166 0.5432 -0.0715 0.0058  0.0430  37  ASP A N   
263 C CA  . ASP A 37 ? 0.2068 0.3206 0.5570 -0.0630 0.0068  0.0541  37  ASP A CA  
264 C C   . ASP A 37 ? 0.1950 0.3038 0.5472 -0.0529 0.0108  0.0583  37  ASP A C   
265 O O   . ASP A 37 ? 0.1890 0.3131 0.5489 -0.0443 0.0041  0.0699  37  ASP A O   
266 C CB  . ASP A 37 ? 0.2065 0.3316 0.5924 -0.0661 0.0199  0.0554  37  ASP A CB  
267 C CG  . ASP A 37 ? 0.2104 0.3560 0.6135 -0.0739 0.0131  0.0570  37  ASP A CG  
268 O OD1 . ASP A 37 ? 0.2136 0.3636 0.6007 -0.0772 -0.0030 0.0556  37  ASP A OD1 
269 O OD2 . ASP A 37 ? 0.2082 0.3667 0.6436 -0.0766 0.0241  0.0581  37  ASP A OD2 
270 N N   . ILE A 38 ? 0.1897 0.2783 0.5350 -0.0544 0.0217  0.0489  38  ILE A N   
271 C CA  . ILE A 38 ? 0.1764 0.2566 0.5232 -0.0478 0.0247  0.0483  38  ILE A CA  
272 C C   . ILE A 38 ? 0.1706 0.2535 0.4974 -0.0430 0.0125  0.0539  38  ILE A C   
273 O O   . ILE A 38 ? 0.1652 0.2573 0.5081 -0.0355 0.0131  0.0643  38  ILE A O   
274 C CB  . ILE A 38 ? 0.1876 0.2449 0.5141 -0.0522 0.0317  0.0321  38  ILE A CB  
275 C CG1 . ILE A 38 ? 0.1991 0.2547 0.5417 -0.0559 0.0467  0.0245  38  ILE A CG1 
276 C CG2 . ILE A 38 ? 0.1811 0.2316 0.5117 -0.0472 0.0319  0.0289  38  ILE A CG2 
277 C CD1 . ILE A 38 ? 0.2165 0.2535 0.5266 -0.0615 0.0521  0.0091  38  ILE A CD1 
278 N N   . ALA A 39 ? 0.1744 0.2492 0.4679 -0.0470 0.0029  0.0475  39  ALA A N   
279 C CA  . ALA A 39 ? 0.1748 0.2512 0.4468 -0.0416 -0.0075 0.0490  39  ALA A CA  
280 C C   . ALA A 39 ? 0.1763 0.2788 0.4579 -0.0347 -0.0142 0.0624  39  ALA A C   
281 O O   . ALA A 39 ? 0.1798 0.2906 0.4573 -0.0268 -0.0158 0.0694  39  ALA A O   
282 C CB  . ALA A 39 ? 0.1850 0.2440 0.4230 -0.0466 -0.0157 0.0379  39  ALA A CB  
283 N N   . ALA A 40 ? 0.1773 0.2954 0.4718 -0.0374 -0.0180 0.0665  40  ALA A N   
284 C CA  . ALA A 40 ? 0.1741 0.3213 0.4749 -0.0299 -0.0267 0.0795  40  ALA A CA  
285 C C   . ALA A 40 ? 0.1666 0.3277 0.4962 -0.0202 -0.0185 0.0987  40  ALA A C   
286 O O   . ALA A 40 ? 0.1706 0.3500 0.4953 -0.0109 -0.0225 0.1122  40  ALA A O   
287 C CB  . ALA A 40 ? 0.1744 0.3381 0.4862 -0.0354 -0.0350 0.0782  40  ALA A CB  
288 N N   . TYR A 41 ? 0.1609 0.3129 0.5206 -0.0219 -0.0060 0.1001  41  TYR A N   
289 C CA  . TYR A 41 ? 0.1656 0.3249 0.5600 -0.0134 0.0035  0.1177  41  TYR A CA  
290 C C   . TYR A 41 ? 0.1662 0.3200 0.5525 -0.0086 0.0069  0.1234  41  TYR A C   
291 O O   . TYR A 41 ? 0.1662 0.3364 0.5649 0.0005  0.0084  0.1445  41  TYR A O   
292 C CB  . TYR A 41 ? 0.1773 0.3214 0.6029 -0.0170 0.0173  0.1104  41  TYR A CB  
293 C CG  . TYR A 41 ? 0.1854 0.3289 0.6524 -0.0094 0.0288  0.1246  41  TYR A CG  
294 C CD1 . TYR A 41 ? 0.1892 0.3505 0.6942 -0.0011 0.0313  0.1433  41  TYR A CD1 
295 C CD2 . TYR A 41 ? 0.1942 0.3189 0.6664 -0.0104 0.0369  0.1190  41  TYR A CD2 
296 C CE1 . TYR A 41 ? 0.1919 0.3483 0.7387 0.0063  0.0427  0.1576  41  TYR A CE1 
297 C CE2 . TYR A 41 ? 0.2020 0.3228 0.7174 -0.0050 0.0481  0.1309  41  TYR A CE2 
298 C CZ  . TYR A 41 ? 0.2045 0.3390 0.7569 0.0036  0.0517  0.1508  41  TYR A CZ  
299 O OH  . TYR A 41 ? 0.2138 0.3399 0.8126 0.0094  0.0636  0.1636  41  TYR A OH  
300 N N   . ILE A 42 ? 0.1643 0.2967 0.5305 -0.0145 0.0083  0.1059  42  ILE A N   
301 C CA  . ILE A 42 ? 0.1604 0.2882 0.5240 -0.0114 0.0120  0.1080  42  ILE A CA  
302 C C   . ILE A 42 ? 0.1703 0.3164 0.5077 -0.0047 0.0038  0.1168  42  ILE A C   
303 O O   . ILE A 42 ? 0.1702 0.3289 0.5171 0.0023  0.0090  0.1332  42  ILE A O   
304 C CB  . ILE A 42 ? 0.1575 0.2622 0.5031 -0.0184 0.0117  0.0858  42  ILE A CB  
305 C CG1 . ILE A 42 ? 0.1580 0.2467 0.5225 -0.0247 0.0197  0.0741  42  ILE A CG1 
306 C CG2 . ILE A 42 ? 0.1575 0.2613 0.5073 -0.0156 0.0146  0.0871  42  ILE A CG2 
307 C CD1 . ILE A 42 ? 0.1644 0.2331 0.5082 -0.0305 0.0185  0.0531  42  ILE A CD1 
308 N N   . LYS A 43 ? 0.1801 0.3275 0.4855 -0.0070 -0.0077 0.1053  43  LYS A N   
309 C CA  . LYS A 43 ? 0.1975 0.3607 0.4734 -0.0006 -0.0162 0.1071  43  LYS A CA  
310 C C   . LYS A 43 ? 0.2157 0.4086 0.5024 0.0090  -0.0159 0.1310  43  LYS A C   
311 O O   . LYS A 43 ? 0.2248 0.4329 0.5036 0.0173  -0.0124 0.1432  43  LYS A O   
312 C CB  . LYS A 43 ? 0.2031 0.3616 0.4512 -0.0058 -0.0292 0.0898  43  LYS A CB  
313 C CG  . LYS A 43 ? 0.2168 0.3845 0.4305 0.0002  -0.0385 0.0823  43  LYS A CG  
314 C CD  . LYS A 43 ? 0.2277 0.4298 0.4350 0.0094  -0.0442 0.0962  43  LYS A CD  
315 C CE  . LYS A 43 ? 0.2492 0.4565 0.4219 0.0101  -0.0585 0.0777  43  LYS A CE  
316 N NZ  . LYS A 43 ? 0.2676 0.5012 0.4157 0.0230  -0.0599 0.0831  43  LYS A NZ  
317 N N   . LYS A 44 ? 0.2334 0.4367 0.5394 0.0083  -0.0188 0.1391  44  LYS A N   
318 C CA  . LYS A 44 ? 0.2615 0.4964 0.5749 0.0186  -0.0225 0.1628  44  LYS A CA  
319 C C   . LYS A 44 ? 0.2759 0.5155 0.6168 0.0265  -0.0083 0.1890  44  LYS A C   
320 O O   . LYS A 44 ? 0.2929 0.5572 0.6255 0.0371  -0.0084 0.2107  44  LYS A O   
321 C CB  . LYS A 44 ? 0.2545 0.5001 0.5899 0.0163  -0.0292 0.1654  44  LYS A CB  
322 C CG  . LYS A 44 ? 0.2602 0.5178 0.5705 0.0116  -0.0468 0.1488  44  LYS A CG  
323 C CD  . LYS A 44 ? 0.2568 0.5165 0.5967 0.0048  -0.0493 0.1451  44  LYS A CD  
324 C CE  . LYS A 44 ? 0.2690 0.5444 0.5935 -0.0013 -0.0674 0.1301  44  LYS A CE  
325 N NZ  . LYS A 44 ? 0.2695 0.5604 0.6320 -0.0047 -0.0702 0.1341  44  LYS A NZ  
326 N N   . GLU A 45 ? 0.2805 0.4963 0.6542 0.0211  0.0042  0.1865  45  GLU A N   
327 C CA  . GLU A 45 ? 0.3068 0.5216 0.7151 0.0262  0.0187  0.2091  45  GLU A CA  
328 C C   . GLU A 45 ? 0.3218 0.5420 0.7141 0.0293  0.0244  0.2151  45  GLU A C   
329 O O   . GLU A 45 ? 0.3365 0.5727 0.7424 0.0376  0.0330  0.2435  45  GLU A O   
330 C CB  . GLU A 45 ? 0.3129 0.4991 0.7590 0.0183  0.0295  0.1977  45  GLU A CB  
331 C CG  . GLU A 45 ? 0.3381 0.5174 0.8262 0.0208  0.0448  0.2160  45  GLU A CG  
332 C CD  . GLU A 45 ? 0.3542 0.5200 0.8927 0.0211  0.0539  0.2210  45  GLU A CD  
333 O OE1 . GLU A 45 ? 0.3567 0.5309 0.9008 0.0245  0.0486  0.2234  45  GLU A OE1 
334 O OE2 . GLU A 45 ? 0.3617 0.5097 0.9377 0.0181  0.0664  0.2220  45  GLU A OE2 
335 N N   . PHE A 46 ? 0.3203 0.5283 0.6853 0.0234  0.0206  0.1905  46  PHE A N   
336 C CA  . PHE A 46 ? 0.3313 0.5469 0.6829 0.0270  0.0262  0.1935  46  PHE A CA  
337 C C   . PHE A 46 ? 0.3583 0.6042 0.6737 0.0378  0.0208  0.2050  46  PHE A C   
338 O O   . PHE A 46 ? 0.3710 0.6338 0.6855 0.0448  0.0306  0.2225  46  PHE A O   
339 C CB  . PHE A 46 ? 0.3148 0.5099 0.6511 0.0197  0.0229  0.1645  46  PHE A CB  
340 C CG  . PHE A 46 ? 0.3007 0.4775 0.6732 0.0127  0.0328  0.1599  46  PHE A CG  
341 C CD1 . PHE A 46 ? 0.2920 0.4516 0.6971 0.0064  0.0367  0.1573  46  PHE A CD1 
342 C CD2 . PHE A 46 ? 0.2978 0.4767 0.6743 0.0127  0.0381  0.1564  46  PHE A CD2 
343 C CE1 . PHE A 46 ? 0.2879 0.4313 0.7262 -0.0003 0.0444  0.1488  46  PHE A CE1 
344 C CE2 . PHE A 46 ? 0.2914 0.4562 0.7043 0.0052  0.0450  0.1497  46  PHE A CE2 
345 C CZ  . PHE A 46 ? 0.2900 0.4364 0.7326 -0.0015 0.0475  0.1447  46  PHE A CZ  
346 N N   . ASP A 47 ? 0.3785 0.6324 0.6648 0.0388  0.0057  0.1942  47  ASP A N   
347 C CA  . ASP A 47 ? 0.4217 0.7067 0.6723 0.0493  -0.0018 0.2020  47  ASP A CA  
348 C C   . ASP A 47 ? 0.4506 0.7615 0.7192 0.0596  0.0058  0.2399  47  ASP A C   
349 O O   . ASP A 47 ? 0.4810 0.8197 0.7263 0.0707  0.0091  0.2569  47  ASP A O   
350 C CB  . ASP A 47 ? 0.4357 0.7246 0.6621 0.0463  -0.0211 0.1827  47  ASP A CB  
351 C CG  . ASP A 47 ? 0.4509 0.7313 0.6386 0.0440  -0.0300 0.1524  47  ASP A CG  
352 O OD1 . ASP A 47 ? 0.4563 0.7227 0.6400 0.0438  -0.0216 0.1438  47  ASP A OD1 
353 O OD2 . ASP A 47 ? 0.4593 0.7474 0.6239 0.0427  -0.0459 0.1368  47  ASP A OD2 
354 N N   . LYS A 48 ? 0.4480 0.7491 0.7581 0.0569  0.0095  0.2537  48  LYS A N   
355 C CA  . LYS A 48 ? 0.4659 0.7864 0.8009 0.0671  0.0165  0.2923  48  LYS A CA  
356 C C   . LYS A 48 ? 0.4715 0.7900 0.8292 0.0698  0.0372  0.3158  48  LYS A C   
357 O O   . LYS A 48 ? 0.4991 0.8448 0.8403 0.0808  0.0432  0.3420  48  LYS A O   
358 C CB  . LYS A 48 ? 0.4567 0.7639 0.8352 0.0640  0.0154  0.2970  48  LYS A CB  
359 C CG  . LYS A 48 ? 0.4828 0.8132 0.8845 0.0771  0.0169  0.3366  48  LYS A CG  
360 C CD  . LYS A 48 ? 0.4741 0.7915 0.9221 0.0753  0.0159  0.3378  48  LYS A CD  
361 C CE  . LYS A 48 ? 0.4683 0.7951 0.8982 0.0711  -0.0034 0.3134  48  LYS A CE  
362 N NZ  . LYS A 48 ? 0.4588 0.7794 0.9352 0.0710  -0.0031 0.3160  48  LYS A NZ  
363 N N   . LYS A 49 ? 0.4503 0.7380 0.8452 0.0594  0.0483  0.3054  49  LYS A N   
364 C CA  . LYS A 49 ? 0.4518 0.7348 0.8801 0.0587  0.0681  0.3250  49  LYS A CA  
365 C C   . LYS A 49 ? 0.4567 0.7570 0.8541 0.0618  0.0742  0.3238  49  LYS A C   
366 O O   . LYS A 49 ? 0.4796 0.8066 0.8689 0.0720  0.0841  0.3545  49  LYS A O   
367 C CB  . LYS A 49 ? 0.4336 0.6809 0.9055 0.0454  0.0746  0.3052  49  LYS A CB  
368 C CG  . LYS A 49 ? 0.4360 0.6670 0.9498 0.0444  0.0756  0.3121  49  LYS A CG  
369 C CD  . LYS A 49 ? 0.4336 0.6328 0.9963 0.0331  0.0865  0.2980  49  LYS A CD  
370 C CE  . LYS A 49 ? 0.4180 0.5943 0.9800 0.0247  0.0776  0.2631  49  LYS A CE  
371 N NZ  . LYS A 49 ? 0.4257 0.5961 1.0219 0.0291  0.0796  0.2745  49  LYS A NZ  
372 N N   . TYR A 50 ? 0.4318 0.7179 0.8133 0.0539  0.0691  0.2896  50  TYR A N   
373 C CA  . TYR A 50 ? 0.4298 0.7326 0.7783 0.0583  0.0719  0.2815  50  TYR A CA  
374 C C   . TYR A 50 ? 0.4386 0.7580 0.7309 0.0658  0.0550  0.2679  50  TYR A C   
375 O O   . TYR A 50 ? 0.4356 0.7465 0.7203 0.0630  0.0402  0.2567  50  TYR A O   
376 C CB  . TYR A 50 ? 0.4068 0.6866 0.7680 0.0480  0.0721  0.2520  50  TYR A CB  
377 C CG  . TYR A 50 ? 0.3979 0.6557 0.8176 0.0376  0.0822  0.2572  50  TYR A CG  
378 C CD1 . TYR A 50 ? 0.3815 0.6120 0.8195 0.0289  0.0744  0.2407  50  TYR A CD1 
379 C CD2 . TYR A 50 ? 0.4067 0.6722 0.8659 0.0364  0.1007  0.2784  50  TYR A CD2 
380 C CE1 . TYR A 50 ? 0.3734 0.5837 0.8646 0.0201  0.0835  0.2415  50  TYR A CE1 
381 C CE2 . TYR A 50 ? 0.3961 0.6405 0.9130 0.0259  0.1092  0.2803  50  TYR A CE2 
382 C CZ  . TYR A 50 ? 0.3812 0.5976 0.9126 0.0182  0.1000  0.2604  50  TYR A CZ  
383 O OH  . TYR A 50 ? 0.3767 0.5719 0.9648 0.0082  0.1083  0.2584  50  TYR A OH  
384 N N   . ASN A 51 ? 0.4538 0.7985 0.7086 0.0754  0.0573  0.2682  51  ASN A N   
385 C CA  . ASN A 51 ? 0.4725 0.8364 0.6766 0.0833  0.0410  0.2573  51  ASN A CA  
386 C C   . ASN A 51 ? 0.4492 0.7902 0.6314 0.0759  0.0236  0.2161  51  ASN A C   
387 O O   . ASN A 51 ? 0.4318 0.7446 0.6322 0.0667  0.0251  0.1973  51  ASN A O   
388 C CB  . ASN A 51 ? 0.5189 0.9190 0.6861 0.0974  0.0496  0.2687  51  ASN A CB  
389 C CG  . ASN A 51 ? 0.5526 0.9766 0.7395 0.1051  0.0684  0.3148  51  ASN A CG  
390 O OD1 . ASN A 51 ? 0.5768 1.0205 0.7602 0.1115  0.0867  0.3293  51  ASN A OD1 
391 N ND2 . ASN A 51 ? 0.5568 0.9795 0.7683 0.1049  0.0653  0.3397  51  ASN A ND2 
392 N N   . PRO A 52 ? 0.4526 0.8060 0.5972 0.0798  0.0066  0.2022  52  PRO A N   
393 C CA  . PRO A 52 ? 0.4407 0.7748 0.5608 0.0743  -0.0081 0.1640  52  PRO A CA  
394 C C   . PRO A 52 ? 0.4287 0.7533 0.5418 0.0764  0.0011  0.1480  52  PRO A C   
395 O O   . PRO A 52 ? 0.4440 0.7897 0.5568 0.0851  0.0164  0.1643  52  PRO A O   
396 C CB  . PRO A 52 ? 0.4732 0.8360 0.5502 0.0830  -0.0226 0.1566  52  PRO A CB  
397 C CG  . PRO A 52 ? 0.4957 0.8963 0.5692 0.0951  -0.0142 0.1933  52  PRO A CG  
398 C CD  . PRO A 52 ? 0.4764 0.8636 0.6006 0.0897  -0.0009 0.2215  52  PRO A CD  
399 N N   . THR A 53 ? 0.4011 0.6960 0.5094 0.0694  -0.0076 0.1183  53  THR A N   
400 C CA  . THR A 53 ? 0.3727 0.6445 0.4784 0.0591  -0.0241 0.0997  53  THR A CA  
401 C C   . THR A 53 ? 0.3364 0.5721 0.4658 0.0481  -0.0229 0.0885  53  THR A C   
402 O O   . THR A 53 ? 0.3352 0.5545 0.4557 0.0490  -0.0233 0.0703  53  THR A O   
403 C CB  . THR A 53 ? 0.3919 0.6626 0.4594 0.0621  -0.0383 0.0710  53  THR A CB  
404 O OG1 . THR A 53 ? 0.4157 0.7220 0.4564 0.0717  -0.0434 0.0769  53  THR A OG1 
405 C CG2 . THR A 53 ? 0.3828 0.6258 0.4546 0.0491  -0.0528 0.0527  53  THR A CG2 
406 N N   . TRP A 54 ? 0.2986 0.5232 0.4572 0.0392  -0.0214 0.0992  54  TRP A N   
407 C CA  . TRP A 54 ? 0.2604 0.4539 0.4389 0.0291  -0.0199 0.0892  54  TRP A CA  
408 C C   . TRP A 54 ? 0.2484 0.4180 0.4129 0.0203  -0.0325 0.0685  54  TRP A C   
409 O O   . TRP A 54 ? 0.2629 0.4398 0.4159 0.0186  -0.0422 0.0650  54  TRP A O   
410 C CB  . TRP A 54 ? 0.2417 0.4337 0.4594 0.0241  -0.0101 0.1077  54  TRP A CB  
411 C CG  . TRP A 54 ? 0.2453 0.4549 0.4831 0.0306  0.0041  0.1282  54  TRP A CG  
412 C CD1 . TRP A 54 ? 0.2579 0.4955 0.4984 0.0389  0.0106  0.1534  54  TRP A CD1 
413 C CD2 . TRP A 54 ? 0.2388 0.4411 0.4982 0.0288  0.0137  0.1268  54  TRP A CD2 
414 N NE1 . TRP A 54 ? 0.2553 0.5016 0.5198 0.0417  0.0260  0.1696  54  TRP A NE1 
415 C CE2 . TRP A 54 ? 0.2430 0.4688 0.5218 0.0351  0.0277  0.1522  54  TRP A CE2 
416 C CE3 . TRP A 54 ? 0.2306 0.4110 0.4960 0.0228  0.0113  0.1075  54  TRP A CE3 
417 C CZ2 . TRP A 54 ? 0.2351 0.4624 0.5440 0.0336  0.0399  0.1573  54  TRP A CZ2 
418 C CZ3 . TRP A 54 ? 0.2214 0.4056 0.5147 0.0224  0.0208  0.1111  54  TRP A CZ3 
419 C CH2 . TRP A 54 ? 0.2239 0.4312 0.5412 0.0269  0.0353  0.1350  54  TRP A CH2 
420 N N   . HIS A 55 ? 0.2215 0.3639 0.3881 0.0148  -0.0327 0.0555  55  HIS A N   
421 C CA  . HIS A 55 ? 0.2040 0.3211 0.3603 0.0058  -0.0413 0.0401  55  HIS A CA  
422 C C   . HIS A 55 ? 0.1867 0.2850 0.3619 -0.0015 -0.0354 0.0408  55  HIS A C   
423 O O   . HIS A 55 ? 0.1860 0.2839 0.3726 0.0014  -0.0291 0.0430  55  HIS A O   
424 C CB  . HIS A 55 ? 0.2191 0.3208 0.3493 0.0097  -0.0487 0.0220  55  HIS A CB  
425 C CG  . HIS A 55 ? 0.2371 0.3599 0.3481 0.0205  -0.0515 0.0183  55  HIS A CG  
426 N ND1 . HIS A 55 ? 0.2551 0.3857 0.3492 0.0200  -0.0615 0.0095  55  HIS A ND1 
427 C CD2 . HIS A 55 ? 0.2420 0.3821 0.3479 0.0324  -0.0450 0.0209  55  HIS A CD2 
428 C CE1 . HIS A 55 ? 0.2706 0.4221 0.3459 0.0318  -0.0615 0.0056  55  HIS A CE1 
429 N NE2 . HIS A 55 ? 0.2673 0.4250 0.3492 0.0397  -0.0503 0.0134  55  HIS A NE2 
430 N N   . CYS A 56 ? 0.1777 0.2625 0.3570 -0.0111 -0.0368 0.0377  56  CYS A N   
431 C CA  . CYS A 56 ? 0.1759 0.2459 0.3701 -0.0173 -0.0302 0.0369  56  CYS A CA  
432 C C   . CYS A 56 ? 0.1809 0.2264 0.3599 -0.0259 -0.0337 0.0260  56  CYS A C   
433 O O   . CYS A 56 ? 0.1956 0.2395 0.3699 -0.0314 -0.0376 0.0243  56  CYS A O   
434 C CB  . CYS A 56 ? 0.1753 0.2587 0.4006 -0.0193 -0.0216 0.0496  56  CYS A CB  
435 S SG  . CYS A 56 ? 0.1902 0.2564 0.4349 -0.0267 -0.0122 0.0438  56  CYS A SG  
436 N N   . ILE A 57 ? 0.1703 0.1983 0.3425 -0.0270 -0.0325 0.0195  57  ILE A N   
437 C CA  . ILE A 57 ? 0.1813 0.1864 0.3370 -0.0343 -0.0336 0.0132  57  ILE A CA  
438 C C   . ILE A 57 ? 0.1853 0.1870 0.3520 -0.0388 -0.0248 0.0122  57  ILE A C   
439 O O   . ILE A 57 ? 0.1880 0.1942 0.3646 -0.0351 -0.0229 0.0099  57  ILE A O   
440 C CB  . ILE A 57 ? 0.1925 0.1788 0.3227 -0.0295 -0.0417 0.0063  57  ILE A CB  
441 C CG1 . ILE A 57 ? 0.1906 0.1825 0.3130 -0.0217 -0.0491 0.0038  57  ILE A CG1 
442 C CG2 . ILE A 57 ? 0.2069 0.1685 0.3185 -0.0369 -0.0425 0.0044  57  ILE A CG2 
443 C CD1 . ILE A 57 ? 0.2009 0.1970 0.3225 -0.0264 -0.0523 0.0031  57  ILE A CD1 
444 N N   . VAL A 58 ? 0.1881 0.1838 0.3559 -0.0472 -0.0188 0.0123  58  VAL A N   
445 C CA  . VAL A 58 ? 0.1885 0.1815 0.3643 -0.0510 -0.0087 0.0085  58  VAL A CA  
446 C C   . VAL A 58 ? 0.2155 0.1898 0.3650 -0.0572 -0.0064 0.0054  58  VAL A C   
447 O O   . VAL A 58 ? 0.2303 0.2000 0.3765 -0.0635 -0.0051 0.0097  58  VAL A O   
448 C CB  . VAL A 58 ? 0.1734 0.1829 0.3828 -0.0535 0.0013  0.0137  58  VAL A CB  
449 C CG1 . VAL A 58 ? 0.1747 0.1800 0.3917 -0.0571 0.0135  0.0062  58  VAL A CG1 
450 C CG2 . VAL A 58 ? 0.1598 0.1867 0.3952 -0.0465 0.0006  0.0209  58  VAL A CG2 
451 N N   . GLY A 59 ? 0.2294 0.1939 0.3606 -0.0555 -0.0062 -0.0013 59  GLY A N   
452 C CA  . GLY A 59 ? 0.2653 0.2132 0.3673 -0.0602 -0.0027 -0.0010 59  GLY A CA  
453 C C   . GLY A 59 ? 0.2907 0.2337 0.3707 -0.0568 -0.0034 -0.0094 59  GLY A C   
454 O O   . GLY A 59 ? 0.2733 0.2250 0.3633 -0.0514 -0.0087 -0.0180 59  GLY A O   
455 N N   . ARG A 60 ? 0.3269 0.2576 0.3776 -0.0602 0.0018  -0.0066 60  ARG A N   
456 C CA  . ARG A 60 ? 0.3672 0.2947 0.3883 -0.0560 -0.0009 -0.0140 60  ARG A CA  
457 C C   . ARG A 60 ? 0.3873 0.2986 0.3757 -0.0499 -0.0147 -0.0056 60  ARG A C   
458 O O   . ARG A 60 ? 0.4089 0.3208 0.3740 -0.0433 -0.0234 -0.0111 60  ARG A O   
459 C CB  . ARG A 60 ? 0.4048 0.3328 0.4098 -0.0617 0.0156  -0.0158 60  ARG A CB  
460 C CG  . ARG A 60 ? 0.4021 0.3460 0.4399 -0.0651 0.0297  -0.0271 60  ARG A CG  
461 C CD  . ARG A 60 ? 0.4480 0.3933 0.4678 -0.0697 0.0481  -0.0296 60  ARG A CD  
462 N NE  . ARG A 60 ? 0.4522 0.4118 0.5085 -0.0720 0.0634  -0.0396 60  ARG A NE  
463 C CZ  . ARG A 60 ? 0.4712 0.4390 0.5352 -0.0686 0.0683  -0.0597 60  ARG A CZ  
464 N NH1 . ARG A 60 ? 0.4957 0.4616 0.5321 -0.0637 0.0577  -0.0731 60  ARG A NH1 
465 N NH2 . ARG A 60 ? 0.4625 0.4409 0.5640 -0.0695 0.0830  -0.0674 60  ARG A NH2 
466 N N   . ASN A 61 ? 0.3763 0.2736 0.3651 -0.0513 -0.0177 0.0065  61  ASN A N   
467 C CA  . ASN A 61 ? 0.3897 0.2677 0.3527 -0.0444 -0.0298 0.0154  61  ASN A CA  
468 C C   . ASN A 61 ? 0.3798 0.2481 0.3582 -0.0426 -0.0374 0.0196  61  ASN A C   
469 O O   . ASN A 61 ? 0.3857 0.2428 0.3710 -0.0508 -0.0317 0.0263  61  ASN A O   
470 C CB  . ASN A 61 ? 0.4218 0.2819 0.3507 -0.0480 -0.0224 0.0288  61  ASN A CB  
471 C CG  . ASN A 61 ? 0.4454 0.2815 0.3512 -0.0402 -0.0342 0.0420  61  ASN A CG  
472 O OD1 . ASN A 61 ? 0.4476 0.2658 0.3635 -0.0428 -0.0354 0.0496  61  ASN A OD1 
473 N ND2 . ASN A 61 ? 0.4707 0.3066 0.3468 -0.0301 -0.0437 0.0439  61  ASN A ND2 
474 N N   . PHE A 62 ? 0.3651 0.2397 0.3506 -0.0322 -0.0501 0.0136  62  PHE A N   
475 C CA  . PHE A 62 ? 0.3546 0.2208 0.3495 -0.0273 -0.0578 0.0145  62  PHE A CA  
476 C C   . PHE A 62 ? 0.3567 0.2307 0.3533 -0.0133 -0.0707 0.0090  62  PHE A C   
477 O O   . PHE A 62 ? 0.3480 0.2411 0.3509 -0.0101 -0.0730 0.0022  62  PHE A O   
478 C CB  . PHE A 62 ? 0.3200 0.2004 0.3425 -0.0334 -0.0525 0.0102  62  PHE A CB  
479 C CG  . PHE A 62 ? 0.2892 0.1973 0.3346 -0.0308 -0.0508 0.0028  62  PHE A CG  
480 C CD1 . PHE A 62 ? 0.2836 0.2045 0.3398 -0.0373 -0.0410 0.0006  62  PHE A CD1 
481 C CD2 . PHE A 62 ? 0.2736 0.1944 0.3321 -0.0218 -0.0575 -0.0013 62  PHE A CD2 
482 C CE1 . PHE A 62 ? 0.2589 0.2016 0.3411 -0.0353 -0.0387 -0.0048 62  PHE A CE1 
483 C CE2 . PHE A 62 ? 0.2501 0.1954 0.3331 -0.0204 -0.0540 -0.0047 62  PHE A CE2 
484 C CZ  . PHE A 62 ? 0.2382 0.1927 0.3343 -0.0275 -0.0450 -0.0060 62  PHE A CZ  
485 N N   . GLY A 63 ? 0.3753 0.2352 0.3697 -0.0050 -0.0788 0.0107  63  GLY A N   
486 C CA  . GLY A 63 ? 0.3663 0.2376 0.3700 0.0090  -0.0891 0.0047  63  GLY A CA  
487 C C   . GLY A 63 ? 0.3442 0.2228 0.3669 0.0107  -0.0873 -0.0016 63  GLY A C   
488 O O   . GLY A 63 ? 0.3470 0.2119 0.3685 0.0040  -0.0837 -0.0010 63  GLY A O   
489 N N   . SER A 64 ? 0.3239 0.2262 0.3643 0.0193  -0.0897 -0.0082 64  SER A N   
490 C CA  . SER A 64 ? 0.3235 0.2370 0.3772 0.0221  -0.0866 -0.0137 64  SER A CA  
491 C C   . SER A 64 ? 0.3340 0.2552 0.3945 0.0382  -0.0926 -0.0193 64  SER A C   
492 O O   . SER A 64 ? 0.3376 0.2656 0.4022 0.0463  -0.0987 -0.0190 64  SER A O   
493 C CB  . SER A 64 ? 0.2984 0.2401 0.3721 0.0151  -0.0775 -0.0133 64  SER A CB  
494 O OG  . SER A 64 ? 0.2905 0.2527 0.3805 0.0186  -0.0775 -0.0141 64  SER A OG  
495 N N   . TYR A 65 ? 0.3469 0.2688 0.4089 0.0434  -0.0911 -0.0259 65  TYR A N   
496 C CA  . TYR A 65 ? 0.3564 0.2949 0.4291 0.0588  -0.0920 -0.0330 65  TYR A CA  
497 C C   . TYR A 65 ? 0.3450 0.3020 0.4212 0.0590  -0.0847 -0.0389 65  TYR A C   
498 O O   . TYR A 65 ? 0.3551 0.2971 0.4194 0.0593  -0.0865 -0.0472 65  TYR A O   
499 C CB  . TYR A 65 ? 0.3966 0.3101 0.4611 0.0725  -0.1008 -0.0376 65  TYR A CB  
500 C CG  . TYR A 65 ? 0.4005 0.3353 0.4810 0.0903  -0.1014 -0.0442 65  TYR A CG  
501 C CD1 . TYR A 65 ? 0.3905 0.3424 0.4860 0.0969  -0.1061 -0.0400 65  TYR A CD1 
502 C CD2 . TYR A 65 ? 0.4157 0.3562 0.4978 0.1006  -0.0972 -0.0561 65  TYR A CD2 
503 C CE1 . TYR A 65 ? 0.3911 0.3659 0.5070 0.1129  -0.1059 -0.0454 65  TYR A CE1 
504 C CE2 . TYR A 65 ? 0.4191 0.3818 0.5177 0.1177  -0.0952 -0.0621 65  TYR A CE2 
505 C CZ  . TYR A 65 ? 0.4068 0.3869 0.5244 0.1235  -0.0993 -0.0559 65  TYR A CZ  
506 O OH  . TYR A 65 ? 0.4065 0.4124 0.5465 0.1403  -0.0966 -0.0615 65  TYR A OH  
507 N N   . VAL A 66 ? 0.3232 0.3133 0.4161 0.0585  -0.0767 -0.0345 66  VAL A N   
508 C CA  . VAL A 66 ? 0.3141 0.3268 0.4080 0.0589  -0.0690 -0.0355 66  VAL A CA  
509 C C   . VAL A 66 ? 0.3176 0.3613 0.4265 0.0718  -0.0617 -0.0359 66  VAL A C   
510 O O   . VAL A 66 ? 0.3099 0.3603 0.4351 0.0781  -0.0627 -0.0350 66  VAL A O   
511 C CB  . VAL A 66 ? 0.2874 0.3124 0.3895 0.0452  -0.0631 -0.0242 66  VAL A CB  
512 C CG1 . VAL A 66 ? 0.2918 0.2894 0.3851 0.0325  -0.0679 -0.0225 66  VAL A CG1 
513 C CG2 . VAL A 66 ? 0.2618 0.3101 0.3898 0.0445  -0.0559 -0.0147 66  VAL A CG2 
514 N N   . THR A 67 ? 0.3255 0.3907 0.4289 0.0759  -0.0544 -0.0371 67  THR A N   
515 C CA  . THR A 67 ? 0.3322 0.4314 0.4480 0.0873  -0.0434 -0.0347 67  THR A CA  
516 C C   . THR A 67 ? 0.3308 0.4567 0.4557 0.0796  -0.0329 -0.0182 67  THR A C   
517 O O   . THR A 67 ? 0.3416 0.4658 0.4513 0.0732  -0.0348 -0.0161 67  THR A O   
518 C CB  . THR A 67 ? 0.3518 0.4541 0.4469 0.1008  -0.0427 -0.0505 67  THR A CB  
519 O OG1 . THR A 67 ? 0.3610 0.4357 0.4525 0.1096  -0.0517 -0.0647 67  THR A OG1 
520 C CG2 . THR A 67 ? 0.3528 0.4952 0.4564 0.1126  -0.0278 -0.0464 67  THR A CG2 
521 N N   . HIS A 68 ? 0.3298 0.4805 0.4833 0.0801  -0.0224 -0.0055 68  HIS A N   
522 C CA  . HIS A 68 ? 0.3360 0.5090 0.5035 0.0733  -0.0113 0.0138  68  HIS A CA  
523 C C   . HIS A 68 ? 0.3643 0.5745 0.5484 0.0824  0.0052  0.0252  68  HIS A C   
524 O O   . HIS A 68 ? 0.3706 0.5914 0.5726 0.0899  0.0091  0.0204  68  HIS A O   
525 C CB  . HIS A 68 ? 0.3001 0.4629 0.4949 0.0599  -0.0125 0.0221  68  HIS A CB  
526 C CG  . HIS A 68 ? 0.2840 0.4531 0.5090 0.0611  -0.0113 0.0200  68  HIS A CG  
527 N ND1 . HIS A 68 ? 0.2714 0.4691 0.5310 0.0618  0.0023  0.0322  68  HIS A ND1 
528 C CD2 . HIS A 68 ? 0.2817 0.4342 0.5091 0.0619  -0.0229 0.0074  68  HIS A CD2 
529 C CE1 . HIS A 68 ? 0.2625 0.4621 0.5476 0.0618  -0.0021 0.0250  68  HIS A CE1 
530 N NE2 . HIS A 68 ? 0.2702 0.4434 0.5343 0.0628  -0.0181 0.0100  68  HIS A NE2 
531 N N   . GLU A 69 ? 0.3859 0.6182 0.5664 0.0820  0.0155  0.0422  69  GLU A N   
532 C CA  . GLU A 69 ? 0.4086 0.6769 0.6073 0.0890  0.0343  0.0588  69  GLU A CA  
533 C C   . GLU A 69 ? 0.3914 0.6636 0.6397 0.0809  0.0413  0.0690  69  GLU A C   
534 O O   . GLU A 69 ? 0.3749 0.6286 0.6424 0.0681  0.0355  0.0724  69  GLU A O   
535 C CB  . GLU A 69 ? 0.4325 0.7225 0.6186 0.0897  0.0434  0.0801  69  GLU A CB  
536 C CG  . GLU A 69 ? 0.4778 0.7765 0.6158 0.1001  0.0382  0.0691  69  GLU A CG  
537 C CD  . GLU A 69 ? 0.4976 0.8122 0.6217 0.0984  0.0396  0.0894  69  GLU A CD  
538 O OE1 . GLU A 69 ? 0.5059 0.8430 0.6522 0.0982  0.0553  0.1179  69  GLU A OE1 
539 O OE2 . GLU A 69 ? 0.5071 0.8120 0.6019 0.0971  0.0249  0.0781  69  GLU A OE2 
540 N N   . THR A 70 ? 0.3986 0.6965 0.6698 0.0883  0.0539  0.0721  70  THR A N   
541 C CA  . THR A 70 ? 0.3869 0.6925 0.7105 0.0801  0.0598  0.0789  70  THR A CA  
542 C C   . THR A 70 ? 0.3742 0.6789 0.7269 0.0664  0.0676  0.1011  70  THR A C   
543 O O   . THR A 70 ? 0.3916 0.7114 0.7363 0.0684  0.0800  0.1227  70  THR A O   
544 C CB  . THR A 70 ? 0.3994 0.7414 0.7470 0.0903  0.0768  0.0838  70  THR A CB  
545 O OG1 . THR A 70 ? 0.3870 0.7332 0.7854 0.0832  0.0752  0.0800  70  THR A OG1 
546 C CG2 . THR A 70 ? 0.4163 0.7894 0.7704 0.0920  0.1003  0.1125  70  THR A CG2 
547 N N   . ARG A 71 ? 0.3479 0.6350 0.7330 0.0537  0.0598  0.0953  71  ARG A N   
548 C CA  . ARG A 71 ? 0.3295 0.6119 0.7515 0.0404  0.0672  0.1122  71  ARG A CA  
549 C C   . ARG A 71 ? 0.3271 0.5872 0.7248 0.0359  0.0607  0.1166  71  ARG A C   
550 O O   . ARG A 71 ? 0.3285 0.5856 0.7536 0.0280  0.0686  0.1336  71  ARG A O   
551 C CB  . ARG A 71 ? 0.3334 0.6464 0.7882 0.0414  0.0908  0.1405  71  ARG A CB  
552 C CG  . ARG A 71 ? 0.3391 0.6772 0.8323 0.0430  0.0997  0.1377  71  ARG A CG  
553 C CD  . ARG A 71 ? 0.3234 0.6518 0.8712 0.0280  0.0941  0.1283  71  ARG A CD  
554 N NE  . ARG A 71 ? 0.3278 0.6596 0.9224 0.0169  0.1107  0.1529  71  ARG A NE  
555 C CZ  . ARG A 71 ? 0.3174 0.6356 0.9609 0.0017  0.1074  0.1468  71  ARG A CZ  
556 N NH1 . ARG A 71 ? 0.3199 0.6385 1.0084 -0.0076 0.1242  0.1708  71  ARG A NH1 
557 N NH2 . ARG A 71 ? 0.3059 0.6094 0.9526 -0.0036 0.0872  0.1167  71  ARG A NH2 
558 N N   . HIS A 72 ? 0.3208 0.5650 0.6715 0.0408  0.0463  0.1011  72  HIS A N   
559 C CA  . HIS A 72 ? 0.3080 0.5353 0.6341 0.0375  0.0396  0.1038  72  HIS A CA  
560 C C   . HIS A 72 ? 0.2908 0.4879 0.5946 0.0329  0.0216  0.0801  72  HIS A C   
561 O O   . HIS A 72 ? 0.2993 0.4866 0.5653 0.0364  0.0126  0.0720  72  HIS A O   
562 C CB  . HIS A 72 ? 0.3353 0.5791 0.6225 0.0484  0.0415  0.1112  72  HIS A CB  
563 C CG  . HIS A 72 ? 0.3624 0.6366 0.6625 0.0537  0.0594  0.1398  72  HIS A CG  
564 N ND1 . HIS A 72 ? 0.3848 0.6875 0.6668 0.0661  0.0694  0.1452  72  HIS A ND1 
565 C CD2 . HIS A 72 ? 0.3670 0.6472 0.6946 0.0492  0.0699  0.1661  72  HIS A CD2 
566 C CE1 . HIS A 72 ? 0.3992 0.7260 0.6946 0.0688  0.0858  0.1755  72  HIS A CE1 
567 N NE2 . HIS A 72 ? 0.3900 0.7023 0.7145 0.0586  0.0860  0.1896  72  HIS A NE2 
568 N N   . PHE A 73 ? 0.2600 0.4432 0.5874 0.0248  0.0168  0.0693  73  PHE A N   
569 C CA  . PHE A 73 ? 0.2408 0.3974 0.5458 0.0214  0.0011  0.0491  73  PHE A CA  
570 C C   . PHE A 73 ? 0.2295 0.3732 0.5612 0.0103  -0.0016 0.0416  73  PHE A C   
571 O O   . PHE A 73 ? 0.2311 0.3853 0.5970 0.0076  0.0008  0.0391  73  PHE A O   
572 C CB  . PHE A 73 ? 0.2405 0.3978 0.5304 0.0304  -0.0074 0.0348  73  PHE A CB  
573 C CG  . PHE A 73 ? 0.2385 0.3696 0.5088 0.0278  -0.0229 0.0180  73  PHE A CG  
574 C CD1 . PHE A 73 ? 0.2477 0.3597 0.4792 0.0324  -0.0319 0.0104  73  PHE A CD1 
575 C CD2 . PHE A 73 ? 0.2275 0.3530 0.5181 0.0205  -0.0283 0.0101  73  PHE A CD2 
576 C CE1 . PHE A 73 ? 0.2501 0.3372 0.4631 0.0302  -0.0444 -0.0004 73  PHE A CE1 
577 C CE2 . PHE A 73 ? 0.2338 0.3375 0.5012 0.0192  -0.0420 -0.0026 73  PHE A CE2 
578 C CZ  . PHE A 73 ? 0.2453 0.3293 0.4736 0.0242  -0.0491 -0.0058 73  PHE A CZ  
579 N N   . ILE A 74 ? 0.2165 0.3391 0.5336 0.0037  -0.0067 0.0361  74  ILE A N   
580 C CA  . ILE A 74 ? 0.2029 0.3123 0.5364 -0.0054 -0.0104 0.0239  74  ILE A CA  
581 C C   . ILE A 74 ? 0.2089 0.2949 0.5059 -0.0077 -0.0206 0.0115  74  ILE A C   
582 O O   . ILE A 74 ? 0.2183 0.2964 0.4883 -0.0061 -0.0215 0.0157  74  ILE A O   
583 C CB  . ILE A 74 ? 0.1908 0.3012 0.5621 -0.0131 0.0013  0.0329  74  ILE A CB  
584 C CG1 . ILE A 74 ? 0.1895 0.2907 0.5841 -0.0218 -0.0024 0.0153  74  ILE A CG1 
585 C CG2 . ILE A 74 ? 0.1906 0.2912 0.5465 -0.0144 0.0044  0.0407  74  ILE A CG2 
586 C CD1 . ILE A 74 ? 0.1905 0.2849 0.6198 -0.0293 0.0081  0.0185  74  ILE A CD1 
587 N N   . TYR A 75 ? 0.2082 0.2851 0.5053 -0.0118 -0.0283 -0.0038 75  TYR A N   
588 C CA  . TYR A 75 ? 0.2145 0.2712 0.4772 -0.0139 -0.0365 -0.0140 75  TYR A CA  
589 C C   . TYR A 75 ? 0.2274 0.2803 0.5050 -0.0215 -0.0373 -0.0280 75  TYR A C   
590 O O   . TYR A 75 ? 0.2271 0.2901 0.5252 -0.0219 -0.0429 -0.0375 75  TYR A O   
591 C CB  . TYR A 75 ? 0.2287 0.2809 0.4636 -0.0058 -0.0494 -0.0196 75  TYR A CB  
592 C CG  . TYR A 75 ? 0.2523 0.2839 0.4522 -0.0076 -0.0578 -0.0275 75  TYR A CG  
593 C CD1 . TYR A 75 ? 0.2595 0.2741 0.4350 -0.0116 -0.0536 -0.0226 75  TYR A CD1 
594 C CD2 . TYR A 75 ? 0.2658 0.2972 0.4571 -0.0050 -0.0699 -0.0384 75  TYR A CD2 
595 C CE1 . TYR A 75 ? 0.2770 0.2734 0.4204 -0.0136 -0.0583 -0.0266 75  TYR A CE1 
596 C CE2 . TYR A 75 ? 0.2938 0.3075 0.4483 -0.0055 -0.0766 -0.0422 75  TYR A CE2 
597 C CZ  . TYR A 75 ? 0.2958 0.2913 0.4264 -0.0100 -0.0693 -0.0352 75  TYR A CZ  
598 O OH  . TYR A 75 ? 0.3168 0.2954 0.4116 -0.0111 -0.0728 -0.0358 75  TYR A OH  
599 N N   . PHE A 76 ? 0.2461 0.2861 0.5154 -0.0275 -0.0318 -0.0309 76  PHE A N   
600 C CA  . PHE A 76 ? 0.2652 0.3022 0.5508 -0.0344 -0.0300 -0.0467 76  PHE A CA  
601 C C   . PHE A 76 ? 0.2903 0.3122 0.5507 -0.0382 -0.0253 -0.0520 76  PHE A C   
602 O O   . PHE A 76 ? 0.2939 0.3093 0.5359 -0.0375 -0.0209 -0.0405 76  PHE A O   
603 C CB  . PHE A 76 ? 0.2447 0.2907 0.5829 -0.0386 -0.0186 -0.0428 76  PHE A CB  
604 C CG  . PHE A 76 ? 0.2267 0.2713 0.5757 -0.0384 -0.0057 -0.0248 76  PHE A CG  
605 C CD1 . PHE A 76 ? 0.2137 0.2672 0.5552 -0.0325 -0.0044 -0.0053 76  PHE A CD1 
606 C CD2 . PHE A 76 ? 0.2229 0.2594 0.5899 -0.0429 0.0043  -0.0284 76  PHE A CD2 
607 C CE1 . PHE A 76 ? 0.1984 0.2547 0.5485 -0.0314 0.0047  0.0113  76  PHE A CE1 
608 C CE2 . PHE A 76 ? 0.2097 0.2481 0.5897 -0.0412 0.0144  -0.0106 76  PHE A CE2 
609 C CZ  . PHE A 76 ? 0.1976 0.2469 0.5682 -0.0355 0.0135  0.0098  76  PHE A CZ  
610 N N   . TYR A 77 ? 0.3251 0.3436 0.5864 -0.0425 -0.0258 -0.0710 77  TYR A N   
611 C CA  . TYR A 77 ? 0.3548 0.3622 0.5954 -0.0459 -0.0182 -0.0784 77  TYR A CA  
612 C C   . TYR A 77 ? 0.3605 0.3678 0.6418 -0.0504 -0.0040 -0.0840 77  TYR A C   
613 O O   . TYR A 77 ? 0.3582 0.3703 0.6773 -0.0530 -0.0037 -0.0944 77  TYR A O   
614 C CB  . TYR A 77 ? 0.3913 0.3965 0.6012 -0.0460 -0.0279 -0.0985 77  TYR A CB  
615 C CG  . TYR A 77 ? 0.4105 0.4107 0.5729 -0.0406 -0.0395 -0.0911 77  TYR A CG  
616 C CD1 . TYR A 77 ? 0.4399 0.4286 0.5601 -0.0410 -0.0356 -0.0886 77  TYR A CD1 
617 C CD2 . TYR A 77 ? 0.4090 0.4156 0.5713 -0.0346 -0.0532 -0.0851 77  TYR A CD2 
618 C CE1 . TYR A 77 ? 0.4609 0.4416 0.5398 -0.0359 -0.0455 -0.0786 77  TYR A CE1 
619 C CE2 . TYR A 77 ? 0.4283 0.4277 0.5504 -0.0280 -0.0640 -0.0773 77  TYR A CE2 
620 C CZ  . TYR A 77 ? 0.4543 0.4390 0.5349 -0.0288 -0.0604 -0.0733 77  TYR A CZ  
621 O OH  . TYR A 77 ? 0.4725 0.4468 0.5158 -0.0221 -0.0703 -0.0628 77  TYR A OH  
622 N N   . LEU A 78 ? 0.3708 0.3726 0.6482 -0.0514 0.0080  -0.0774 78  LEU A N   
623 C CA  . LEU A 78 ? 0.3838 0.3830 0.6936 -0.0541 0.0220  -0.0872 78  LEU A CA  
624 C C   . LEU A 78 ? 0.4134 0.4063 0.6872 -0.0556 0.0270  -0.1023 78  LEU A C   
625 O O   . LEU A 78 ? 0.4181 0.4086 0.6668 -0.0555 0.0320  -0.0912 78  LEU A O   
626 C CB  . LEU A 78 ? 0.3674 0.3698 0.7064 -0.0524 0.0330  -0.0660 78  LEU A CB  
627 C CG  . LEU A 78 ? 0.3643 0.3679 0.7609 -0.0521 0.0427  -0.0642 78  LEU A CG  
628 C CD1 . LEU A 78 ? 0.3504 0.3607 0.7706 -0.0516 0.0361  -0.0547 78  LEU A CD1 
629 C CD2 . LEU A 78 ? 0.3562 0.3641 0.7735 -0.0487 0.0531  -0.0440 78  LEU A CD2 
630 N N   . GLY A 79 ? 0.4416 0.4331 0.7126 -0.0572 0.0256  -0.1283 79  GLY A N   
631 C CA  . GLY A 79 ? 0.4804 0.4689 0.7074 -0.0574 0.0290  -0.1432 79  GLY A CA  
632 C C   . GLY A 79 ? 0.4976 0.4851 0.6706 -0.0554 0.0167  -0.1319 79  GLY A C   
633 O O   . GLY A 79 ? 0.5014 0.4920 0.6620 -0.0533 -0.0002 -0.1347 79  GLY A O   
634 N N   . GLN A 80 ? 0.5108 0.4935 0.6557 -0.0558 0.0256  -0.1180 80  GLN A N   
635 C CA  . GLN A 80 ? 0.5250 0.5024 0.6202 -0.0539 0.0164  -0.1056 80  GLN A CA  
636 C C   . GLN A 80 ? 0.4928 0.4652 0.5924 -0.0541 0.0140  -0.0803 80  GLN A C   
637 O O   . GLN A 80 ? 0.5110 0.4757 0.5776 -0.0520 0.0045  -0.0688 80  GLN A O   
638 C CB  . GLN A 80 ? 0.5698 0.5443 0.6245 -0.0552 0.0283  -0.1089 80  GLN A CB  
639 C CG  . GLN A 80 ? 0.6163 0.5964 0.6459 -0.0530 0.0257  -0.1347 80  GLN A CG  
640 C CD  . GLN A 80 ? 0.6638 0.6429 0.6411 -0.0525 0.0365  -0.1330 80  GLN A CD  
641 O OE1 . GLN A 80 ? 0.6935 0.6696 0.6234 -0.0490 0.0257  -0.1243 80  GLN A OE1 
642 N NE2 . GLN A 80 ? 0.6711 0.6532 0.6575 -0.0553 0.0589  -0.1392 80  GLN A NE2 
643 N N   . VAL A 81 ? 0.4410 0.4178 0.5812 -0.0560 0.0218  -0.0720 81  VAL A N   
644 C CA  . VAL A 81 ? 0.3949 0.3710 0.5427 -0.0555 0.0167  -0.0520 81  VAL A CA  
645 C C   . VAL A 81 ? 0.3666 0.3474 0.5281 -0.0507 0.0029  -0.0505 81  VAL A C   
646 O O   . VAL A 81 ? 0.3619 0.3498 0.5502 -0.0498 0.0018  -0.0610 81  VAL A O   
647 C CB  . VAL A 81 ? 0.3683 0.3515 0.5504 -0.0581 0.0289  -0.0423 81  VAL A CB  
648 C CG1 . VAL A 81 ? 0.3445 0.3375 0.5719 -0.0554 0.0301  -0.0428 81  VAL A CG1 
649 C CG2 . VAL A 81 ? 0.3598 0.3414 0.5337 -0.0595 0.0241  -0.0252 81  VAL A CG2 
650 N N   . ALA A 82 ? 0.3432 0.3200 0.4885 -0.0477 -0.0069 -0.0385 82  ALA A N   
651 C CA  . ALA A 82 ? 0.3097 0.2936 0.4672 -0.0420 -0.0180 -0.0364 82  ALA A CA  
652 C C   . ALA A 82 ? 0.2693 0.2598 0.4446 -0.0405 -0.0163 -0.0220 82  ALA A C   
653 O O   . ALA A 82 ? 0.2721 0.2581 0.4387 -0.0432 -0.0131 -0.0138 82  ALA A O   
654 C CB  . ALA A 82 ? 0.3277 0.3038 0.4514 -0.0366 -0.0319 -0.0374 82  ALA A CB  
655 N N   . ILE A 83 ? 0.2346 0.2378 0.4349 -0.0363 -0.0187 -0.0190 83  ILE A N   
656 C CA  . ILE A 83 ? 0.2053 0.2194 0.4221 -0.0339 -0.0158 -0.0051 83  ILE A CA  
657 C C   . ILE A 83 ? 0.1985 0.2215 0.4148 -0.0265 -0.0230 -0.0013 83  ILE A C   
658 O O   . ILE A 83 ? 0.2019 0.2320 0.4331 -0.0243 -0.0252 -0.0063 83  ILE A O   
659 C CB  . ILE A 83 ? 0.1907 0.2162 0.4480 -0.0356 -0.0050 0.0002  83  ILE A CB  
660 C CG1 . ILE A 83 ? 0.2010 0.2203 0.4632 -0.0412 0.0041  -0.0034 83  ILE A CG1 
661 C CG2 . ILE A 83 ? 0.1736 0.2143 0.4436 -0.0310 -0.0036 0.0171  83  ILE A CG2 
662 C CD1 . ILE A 83 ? 0.1933 0.2181 0.4980 -0.0421 0.0152  -0.0030 83  ILE A CD1 
663 N N   . LEU A 84 ? 0.1922 0.2162 0.3932 -0.0229 -0.0264 0.0060  84  LEU A N   
664 C CA  . LEU A 84 ? 0.1823 0.2161 0.3802 -0.0144 -0.0314 0.0084  84  LEU A CA  
665 C C   . LEU A 84 ? 0.1774 0.2288 0.3871 -0.0117 -0.0260 0.0207  84  LEU A C   
666 O O   . LEU A 84 ? 0.1856 0.2356 0.3867 -0.0144 -0.0262 0.0244  84  LEU A O   
667 C CB  . LEU A 84 ? 0.1901 0.2079 0.3551 -0.0106 -0.0412 0.0029  84  LEU A CB  
668 C CG  . LEU A 84 ? 0.1880 0.2138 0.3464 -0.0004 -0.0456 0.0029  84  LEU A CG  
669 C CD1 . LEU A 84 ? 0.1791 0.2202 0.3566 0.0059  -0.0453 0.0015  84  LEU A CD1 
670 C CD2 . LEU A 84 ? 0.2071 0.2105 0.3362 0.0028  -0.0549 -0.0036 84  LEU A CD2 
671 N N   . LEU A 85 ? 0.1757 0.2459 0.4059 -0.0064 -0.0211 0.0279  85  LEU A N   
672 C CA  . LEU A 85 ? 0.1790 0.2691 0.4204 -0.0029 -0.0147 0.0433  85  LEU A CA  
673 C C   . LEU A 85 ? 0.1887 0.2974 0.4303 0.0065  -0.0126 0.0480  85  LEU A C   
674 O O   . LEU A 85 ? 0.1875 0.3056 0.4544 0.0074  -0.0066 0.0512  85  LEU A O   
675 C CB  . LEU A 85 ? 0.1611 0.2570 0.4393 -0.0075 -0.0044 0.0540  85  LEU A CB  
676 C CG  . LEU A 85 ? 0.1555 0.2732 0.4520 -0.0027 0.0040  0.0755  85  LEU A CG  
677 C CD1 . LEU A 85 ? 0.1656 0.2923 0.4357 0.0011  -0.0022 0.0805  85  LEU A CD1 
678 C CD2 . LEU A 85 ? 0.1440 0.2587 0.4791 -0.0077 0.0133  0.0838  85  LEU A CD2 
679 N N   . PHE A 86 ? 0.2085 0.3236 0.4236 0.0135  -0.0171 0.0468  86  PHE A N   
680 C CA  . PHE A 86 ? 0.2258 0.3591 0.4371 0.0240  -0.0138 0.0483  86  PHE A CA  
681 C C   . PHE A 86 ? 0.2545 0.4098 0.4505 0.0310  -0.0110 0.0581  86  PHE A C   
682 O O   . PHE A 86 ? 0.2677 0.4217 0.4530 0.0277  -0.0157 0.0604  86  PHE A O   
683 C CB  . PHE A 86 ? 0.2209 0.3395 0.4117 0.0291  -0.0230 0.0304  86  PHE A CB  
684 C CG  . PHE A 86 ? 0.2244 0.3236 0.3833 0.0284  -0.0336 0.0187  86  PHE A CG  
685 C CD1 . PHE A 86 ? 0.2197 0.2948 0.3728 0.0183  -0.0394 0.0145  86  PHE A CD1 
686 C CD2 . PHE A 86 ? 0.2416 0.3461 0.3779 0.0378  -0.0368 0.0108  86  PHE A CD2 
687 C CE1 . PHE A 86 ? 0.2275 0.2842 0.3571 0.0160  -0.0479 0.0050  86  PHE A CE1 
688 C CE2 . PHE A 86 ? 0.2520 0.3362 0.3644 0.0357  -0.0469 -0.0019 86  PHE A CE2 
689 C CZ  . PHE A 86 ? 0.2438 0.3038 0.3550 0.0240  -0.0524 -0.0036 86  PHE A CZ  
690 N N   . LYS A 87 ? 0.2785 0.4570 0.4744 0.0409  -0.0031 0.0642  87  LYS A N   
691 C CA  . LYS A 87 ? 0.3127 0.5163 0.4889 0.0494  0.0001  0.0737  87  LYS A CA  
692 C C   . LYS A 87 ? 0.3519 0.5599 0.4984 0.0603  -0.0035 0.0561  87  LYS A C   
693 O O   . LYS A 87 ? 0.3621 0.5796 0.5168 0.0676  0.0040  0.0538  87  LYS A O   
694 C CB  . LYS A 87 ? 0.3112 0.5428 0.5125 0.0529  0.0166  0.0998  87  LYS A CB  
695 C CG  . LYS A 87 ? 0.3320 0.5938 0.5124 0.0621  0.0211  0.1165  87  LYS A CG  
696 C CD  . LYS A 87 ? 0.3312 0.6152 0.5434 0.0636  0.0390  0.1486  87  LYS A CD  
697 C CE  . LYS A 87 ? 0.3563 0.6735 0.5449 0.0745  0.0443  0.1699  87  LYS A CE  
698 N NZ  . LYS A 87 ? 0.3783 0.7138 0.5249 0.0866  0.0430  0.1544  87  LYS A NZ  
699 N N   . SER A 88 ? 0.3842 0.5850 0.4996 0.0614  -0.0152 0.0420  88  SER A N   
700 C CA  . SER A 88 ? 0.4257 0.6311 0.5126 0.0728  -0.0184 0.0232  88  SER A CA  
701 C C   . SER A 88 ? 0.4670 0.6837 0.5238 0.0747  -0.0273 0.0167  88  SER A C   
702 O O   . SER A 88 ? 0.4705 0.6682 0.5218 0.0652  -0.0402 0.0074  88  SER A O   
703 C CB  . SER A 88 ? 0.4218 0.5933 0.5052 0.0717  -0.0277 0.0012  88  SER A CB  
704 O OG  . SER A 88 ? 0.4405 0.6164 0.5041 0.0852  -0.0277 -0.0164 88  SER A OG  
705 N N   . GLY A 89 ? 0.5039 0.7545 0.5421 0.0867  -0.0200 0.0219  89  GLY A N   
706 C CA  . GLY A 89 ? 0.5470 0.8153 0.5527 0.0904  -0.0299 0.0138  89  GLY A CA  
707 C C   . GLY A 89 ? 0.5699 0.8801 0.5689 0.0979  -0.0204 0.0406  89  GLY A C   
708 O O   . GLY A 89 ? 0.5625 0.8850 0.5859 0.0991  -0.0043 0.0669  89  GLY A O   
709 O OXT . GLY A 89 ? 0.6024 0.9352 0.5722 0.1027  -0.0289 0.0373  89  GLY A OXT 
710 N N   . VAL B 5  ? 0.5998 0.9339 0.8382 0.1302  0.0632  0.0335  127 VAL C N   
711 C CA  . VAL B 5  ? 0.6055 0.8974 0.8144 0.1269  0.0405  0.0141  127 VAL C CA  
712 C C   . VAL B 5  ? 0.5998 0.8696 0.8265 0.1281  0.0261  -0.0014 127 VAL C C   
713 O O   . VAL B 5  ? 0.6094 0.8899 0.8455 0.1420  0.0285  -0.0125 127 VAL C O   
714 C CB  . VAL B 5  ? 0.6336 0.9215 0.7950 0.1389  0.0375  -0.0027 127 VAL C CB  
715 C CG1 . VAL B 5  ? 0.6333 0.8772 0.7737 0.1367  0.0161  -0.0242 127 VAL C CG1 
716 C CG2 . VAL B 5  ? 0.6432 0.9471 0.7793 0.1355  0.0440  0.0117  127 VAL C CG2 
717 N N   . TYR B 6  ? 0.5896 0.8302 0.8202 0.1146  0.0114  -0.0014 128 TYR C N   
718 C CA  . TYR B 6  ? 0.5911 0.8101 0.8321 0.1157  -0.0044 -0.0136 128 TYR C CA  
719 C C   . TYR B 6  ? 0.5844 0.7607 0.7946 0.1086  -0.0219 -0.0218 128 TYR C C   
720 O O   . TYR B 6  ? 0.5921 0.7564 0.7750 0.1036  -0.0223 -0.0213 128 TYR C O   
721 C CB  . TYR B 6  ? 0.5938 0.8272 0.8798 0.1065  -0.0038 -0.0051 128 TYR C CB  
722 C CG  . TYR B 6  ? 0.6137 0.8547 0.9246 0.1166  -0.0121 -0.0155 128 TYR C CG  
723 C CD1 . TYR B 6  ? 0.6217 0.8982 0.9604 0.1290  0.0007  -0.0154 128 TYR C CD1 
724 C CD2 . TYR B 6  ? 0.6185 0.8338 0.9254 0.1144  -0.0324 -0.0242 128 TYR C CD2 
725 C CE1 . TYR B 6  ? 0.6258 0.9126 0.9918 0.1392  -0.0080 -0.0247 128 TYR C CE1 
726 C CE2 . TYR B 6  ? 0.6227 0.8478 0.9525 0.1253  -0.0423 -0.0321 128 TYR C CE2 
727 C CZ  . TYR B 6  ? 0.6263 0.8875 0.9879 0.1376  -0.0307 -0.0328 128 TYR C CZ  
728 O OH  . TYR B 6  ? 0.6277 0.9018 1.0168 0.1493  -0.0415 -0.0405 128 TYR C OH  
729 N N   . THR B 7  ? 0.5677 0.7237 0.7837 0.1082  -0.0362 -0.0282 129 THR C N   
730 C CA  . THR B 7  ? 0.5629 0.6788 0.7500 0.1034  -0.0508 -0.0342 129 THR C CA  
731 C C   . THR B 7  ? 0.5420 0.6456 0.7395 0.0939  -0.0618 -0.0313 129 THR C C   
732 O O   . THR B 7  ? 0.5447 0.6633 0.7673 0.0987  -0.0661 -0.0325 129 THR C O   
733 C CB  . THR B 7  ? 0.5922 0.6886 0.7640 0.1189  -0.0591 -0.0477 129 THR C CB  
734 O OG1 . THR B 7  ? 0.6137 0.7220 0.7740 0.1294  -0.0492 -0.0556 129 THR C OG1 
735 C CG2 . THR B 7  ? 0.6049 0.6585 0.7497 0.1127  -0.0720 -0.0506 129 THR C CG2 
736 N N   . LYS B 8  ? 0.5197 0.5985 0.6979 0.0811  -0.0667 -0.0285 130 LYS C N   
737 C CA  . LYS B 8  ? 0.4995 0.5691 0.6829 0.0723  -0.0755 -0.0270 130 LYS C CA  
738 C C   . LYS B 8  ? 0.5101 0.5431 0.6614 0.0682  -0.0858 -0.0281 130 LYS C C   
739 O O   . LYS B 8  ? 0.5166 0.5320 0.6478 0.0625  -0.0828 -0.0270 130 LYS C O   
740 C CB  . LYS B 8  ? 0.4741 0.5590 0.6781 0.0581  -0.0667 -0.0201 130 LYS C CB  
741 C CG  . LYS B 8  ? 0.4577 0.5782 0.6992 0.0597  -0.0548 -0.0149 130 LYS C CG  
742 C CD  . LYS B 8  ? 0.4560 0.5926 0.7316 0.0577  -0.0604 -0.0191 130 LYS C CD  
743 C CE  . LYS B 8  ? 0.4380 0.6069 0.7585 0.0530  -0.0458 -0.0111 130 LYS C CE  
744 N NZ  . LYS B 8  ? 0.4408 0.6362 0.7751 0.0656  -0.0355 -0.0072 130 LYS C NZ  
745 N N   . GLN B 9  ? 0.5117 0.5357 0.6595 0.0713  -0.0981 -0.0295 131 GLN C N   
746 C CA  . GLN B 9  ? 0.5236 0.5161 0.6418 0.0664  -0.1064 -0.0267 131 GLN C CA  
747 C C   . GLN B 9  ? 0.4999 0.4973 0.6199 0.0522  -0.1047 -0.0255 131 GLN C C   
748 O O   . GLN B 9  ? 0.4898 0.5094 0.6322 0.0511  -0.1073 -0.0295 131 GLN C O   
749 C CB  . GLN B 9  ? 0.5645 0.5460 0.6740 0.0802  -0.1213 -0.0266 131 GLN C CB  
750 C CG  . GLN B 9  ? 0.6050 0.5704 0.7093 0.0958  -0.1239 -0.0286 131 GLN C CG  
751 C CD  . GLN B 9  ? 0.6383 0.5956 0.7412 0.1130  -0.1392 -0.0265 131 GLN C CD  
752 O OE1 . GLN B 9  ? 0.6651 0.5996 0.7453 0.1128  -0.1488 -0.0181 131 GLN C OE1 
753 N NE2 . GLN B 9  ? 0.6366 0.6139 0.7641 0.1290  -0.1406 -0.0325 131 GLN C NE2 
754 N N   . THR B 10 ? 0.4923 0.4700 0.5923 0.0409  -0.0999 -0.0217 132 THR C N   
755 C CA  . THR B 10 ? 0.4797 0.4598 0.5787 0.0293  -0.0978 -0.0227 132 THR C CA  
756 C C   . THR B 10 ? 0.5048 0.4574 0.5689 0.0252  -0.1007 -0.0178 132 THR C C   
757 O O   . THR B 10 ? 0.5204 0.4509 0.5679 0.0246  -0.0985 -0.0119 132 THR C O   
758 C CB  . THR B 10 ? 0.4449 0.4373 0.5639 0.0178  -0.0839 -0.0219 132 THR C CB  
759 O OG1 . THR B 10 ? 0.4422 0.4173 0.5447 0.0113  -0.0774 -0.0164 132 THR C OG1 
760 C CG2 . THR B 10 ? 0.4227 0.4396 0.5718 0.0220  -0.0778 -0.0210 132 THR C CG2 
761 N N   . GLN B 11 ? 0.5129 0.4678 0.5668 0.0221  -0.1051 -0.0210 133 GLN C N   
762 C CA  . GLN B 11 ? 0.5455 0.4781 0.5634 0.0192  -0.1065 -0.0144 133 GLN C CA  
763 C C   . GLN B 11 ? 0.5460 0.4872 0.5590 0.0093  -0.1010 -0.0213 133 GLN C C   
764 O O   . GLN B 11 ? 0.5436 0.5052 0.5714 0.0100  -0.1068 -0.0330 133 GLN C O   
765 C CB  . GLN B 11 ? 0.5790 0.5044 0.5770 0.0328  -0.1226 -0.0099 133 GLN C CB  
766 C CG  . GLN B 11 ? 0.6147 0.5215 0.5725 0.0317  -0.1249 -0.0005 133 GLN C CG  
767 C CD  . GLN B 11 ? 0.6270 0.5054 0.5691 0.0239  -0.1127 0.0118  133 GLN C CD  
768 O OE1 . GLN B 11 ? 0.6273 0.4912 0.5792 0.0261  -0.1112 0.0158  133 GLN C OE1 
769 N NE2 . GLN B 11 ? 0.6449 0.5169 0.5648 0.0141  -0.1033 0.0162  133 GLN C NE2 
770 N N   . THR B 12 ? 0.5523 0.4790 0.5476 -0.0002 -0.0895 -0.0160 134 THR C N   
771 C CA  . THR B 12 ? 0.5591 0.4935 0.5487 -0.0085 -0.0818 -0.0244 134 THR C CA  
772 C C   . THR B 12 ? 0.6076 0.5426 0.5628 -0.0032 -0.0923 -0.0276 134 THR C C   
773 O O   . THR B 12 ? 0.6387 0.5590 0.5645 0.0044  -0.1007 -0.0149 134 THR C O   
774 C CB  . THR B 12 ? 0.5511 0.4748 0.5372 -0.0199 -0.0639 -0.0185 134 THR C CB  
775 O OG1 . THR B 12 ? 0.5822 0.4846 0.5326 -0.0205 -0.0619 -0.0051 134 THR C OG1 
776 C CG2 . THR B 12 ? 0.5161 0.4409 0.5315 -0.0236 -0.0573 -0.0142 134 THR C CG2 
777 N N   . THR B 13 ? 0.6183 0.5705 0.5778 -0.0067 -0.0926 -0.0445 135 THR C N   
778 C CA  . THR B 13 ? 0.6575 0.6177 0.5848 -0.0012 -0.1051 -0.0525 135 THR C CA  
779 C C   . THR B 13 ? 0.6941 0.6390 0.5726 -0.0027 -0.0968 -0.0411 135 THR C C   
780 O O   . THR B 13 ? 0.6870 0.6246 0.5648 -0.0122 -0.0777 -0.0392 135 THR C O   
781 C CB  . THR B 13 ? 0.6558 0.6390 0.6045 -0.0062 -0.1072 -0.0789 135 THR C CB  
782 O OG1 . THR B 13 ? 0.6192 0.6169 0.6181 -0.0065 -0.1120 -0.0868 135 THR C OG1 
783 C CG2 . THR B 13 ? 0.6988 0.6945 0.6132 0.0004  -0.1245 -0.0904 135 THR C CG2 
# 
